data_1WHX
#
_entry.id   1WHX
#
_entity_poly.entity_id   1
_entity_poly.type   'polypeptide(L)'
_entity_poly.pdbx_seq_one_letter_code
;GSSGSSGRSKTVILAKNLPAGTLAAEIQETFSRFGSLGRVLLPEGGITAIVEFLEPLEARKAFRHLAYSKFHHVPLYLEW
APIGVFGAAPQKKDSQHEQPAEKAESGPSSG
;
_entity_poly.pdbx_strand_id   A
#
# COMPACT_ATOMS: atom_id res chain seq x y z
N GLY A 1 -6.07 -0.80 -13.14
CA GLY A 1 -7.13 0.19 -13.23
C GLY A 1 -8.47 -0.36 -12.76
N SER A 2 -8.44 -1.12 -11.67
CA SER A 2 -9.66 -1.71 -11.11
C SER A 2 -10.08 -0.97 -9.84
N SER A 3 -9.11 -0.70 -8.97
CA SER A 3 -9.38 0.00 -7.72
C SER A 3 -9.91 1.40 -7.97
N GLY A 4 -9.37 2.06 -9.00
CA GLY A 4 -9.80 3.41 -9.33
C GLY A 4 -11.31 3.56 -9.25
N SER A 5 -12.03 2.55 -9.73
CA SER A 5 -13.49 2.59 -9.72
C SER A 5 -14.01 3.17 -8.40
N SER A 6 -13.46 2.70 -7.29
CA SER A 6 -13.87 3.18 -5.98
C SER A 6 -13.29 4.57 -5.70
N GLY A 7 -11.96 4.66 -5.77
CA GLY A 7 -11.30 5.94 -5.51
C GLY A 7 -10.00 5.77 -4.76
N ARG A 8 -10.03 5.00 -3.69
CA ARG A 8 -8.84 4.77 -2.88
C ARG A 8 -8.82 3.34 -2.34
N SER A 9 -7.66 2.91 -1.85
CA SER A 9 -7.50 1.56 -1.32
C SER A 9 -8.35 1.37 -0.07
N LYS A 10 -8.93 0.19 0.07
CA LYS A 10 -9.77 -0.13 1.22
C LYS A 10 -9.10 -1.16 2.11
N THR A 11 -8.03 -1.77 1.61
CA THR A 11 -7.30 -2.78 2.37
C THR A 11 -6.00 -2.20 2.93
N VAL A 12 -5.42 -1.24 2.23
CA VAL A 12 -4.18 -0.60 2.66
C VAL A 12 -4.45 0.74 3.32
N ILE A 13 -3.97 0.90 4.55
CA ILE A 13 -4.16 2.13 5.29
C ILE A 13 -2.83 2.67 5.82
N LEU A 14 -2.69 3.99 5.85
CA LEU A 14 -1.48 4.62 6.34
C LEU A 14 -1.69 5.22 7.73
N ALA A 15 -0.59 5.46 8.44
CA ALA A 15 -0.66 6.04 9.78
C ALA A 15 0.27 7.24 9.90
N LYS A 16 -0.30 8.38 10.25
CA LYS A 16 0.46 9.61 10.40
C LYS A 16 0.52 10.04 11.87
N ASN A 17 1.46 10.92 12.19
CA ASN A 17 1.62 11.41 13.56
C ASN A 17 2.17 10.31 14.47
N LEU A 18 3.29 9.72 14.05
CA LEU A 18 3.92 8.66 14.83
C LEU A 18 5.24 9.13 15.42
N PRO A 19 5.47 8.79 16.71
CA PRO A 19 6.69 9.16 17.42
C PRO A 19 7.91 8.42 16.90
N ALA A 20 9.05 9.11 16.87
CA ALA A 20 10.30 8.51 16.40
C ALA A 20 10.57 7.19 17.12
N GLY A 21 9.90 6.98 18.24
CA GLY A 21 10.09 5.75 19.00
C GLY A 21 9.40 4.57 18.36
N THR A 22 8.29 4.82 17.67
CA THR A 22 7.54 3.76 17.01
C THR A 22 8.45 2.89 16.16
N LEU A 23 8.02 1.66 15.91
CA LEU A 23 8.79 0.73 15.10
C LEU A 23 7.89 -0.12 14.22
N ALA A 24 8.42 -0.54 13.07
CA ALA A 24 7.65 -1.36 12.13
C ALA A 24 6.90 -2.48 12.86
N ALA A 25 7.66 -3.33 13.56
CA ALA A 25 7.06 -4.43 14.29
C ALA A 25 5.92 -3.96 15.19
N GLU A 26 6.21 -2.97 16.03
CA GLU A 26 5.20 -2.42 16.94
C GLU A 26 3.89 -2.20 16.21
N ILE A 27 3.94 -1.49 15.09
CA ILE A 27 2.76 -1.21 14.29
C ILE A 27 2.09 -2.50 13.82
N GLN A 28 2.87 -3.34 13.16
CA GLN A 28 2.36 -4.61 12.65
C GLN A 28 1.49 -5.31 13.69
N GLU A 29 2.08 -5.59 14.85
CA GLU A 29 1.36 -6.26 15.93
C GLU A 29 0.14 -5.44 16.35
N THR A 30 0.39 -4.22 16.82
CA THR A 30 -0.69 -3.35 17.27
C THR A 30 -1.94 -3.54 16.41
N PHE A 31 -1.75 -3.62 15.10
CA PHE A 31 -2.87 -3.81 14.19
C PHE A 31 -3.29 -5.28 14.13
N SER A 32 -2.30 -6.17 14.07
CA SER A 32 -2.57 -7.60 14.01
C SER A 32 -3.52 -8.02 15.13
N ARG A 33 -3.62 -7.19 16.16
CA ARG A 33 -4.49 -7.48 17.29
C ARG A 33 -5.94 -7.64 16.84
N PHE A 34 -6.35 -6.83 15.87
CA PHE A 34 -7.71 -6.89 15.34
C PHE A 34 -7.86 -8.04 14.35
N GLY A 35 -6.88 -8.19 13.47
CA GLY A 35 -6.94 -9.26 12.48
C GLY A 35 -5.60 -9.46 11.78
N SER A 36 -5.49 -10.57 11.06
CA SER A 36 -4.26 -10.88 10.34
C SER A 36 -3.90 -9.76 9.37
N LEU A 37 -2.60 -9.55 9.17
CA LEU A 37 -2.12 -8.51 8.27
C LEU A 37 -1.36 -9.11 7.10
N GLY A 38 -1.24 -8.33 6.02
CA GLY A 38 -0.53 -8.81 4.84
C GLY A 38 0.87 -8.23 4.74
N ARG A 39 0.95 -6.94 4.46
CA ARG A 39 2.24 -6.27 4.32
C ARG A 39 2.38 -5.16 5.35
N VAL A 40 3.63 -4.76 5.63
CA VAL A 40 3.89 -3.71 6.60
C VAL A 40 5.21 -2.99 6.27
N LEU A 41 5.11 -1.73 5.90
CA LEU A 41 6.29 -0.93 5.56
C LEU A 41 6.29 0.39 6.32
N LEU A 42 7.28 0.57 7.19
CA LEU A 42 7.39 1.79 7.98
C LEU A 42 8.82 2.32 7.95
N PRO A 43 9.06 3.31 7.07
CA PRO A 43 10.38 3.94 6.92
C PRO A 43 10.76 4.78 8.13
N GLU A 44 12.07 4.85 8.42
CA GLU A 44 12.56 5.63 9.54
C GLU A 44 12.56 7.11 9.23
N GLY A 45 12.96 7.47 8.01
CA GLY A 45 12.99 8.86 7.61
C GLY A 45 11.63 9.52 7.71
N GLY A 46 10.58 8.74 7.50
CA GLY A 46 9.23 9.28 7.58
C GLY A 46 8.37 8.55 8.59
N ILE A 47 8.08 9.22 9.70
CA ILE A 47 7.26 8.63 10.75
C ILE A 47 6.11 7.81 10.17
N THR A 48 5.48 8.36 9.13
CA THR A 48 4.36 7.68 8.49
C THR A 48 4.64 6.19 8.34
N ALA A 49 3.61 5.38 8.53
CA ALA A 49 3.74 3.93 8.41
C ALA A 49 2.63 3.35 7.53
N ILE A 50 3.00 2.45 6.63
CA ILE A 50 2.04 1.82 5.74
C ILE A 50 1.73 0.38 6.18
N VAL A 51 0.45 0.08 6.31
CA VAL A 51 0.02 -1.25 6.73
C VAL A 51 -1.09 -1.78 5.82
N GLU A 52 -0.83 -2.92 5.20
CA GLU A 52 -1.81 -3.53 4.30
C GLU A 52 -2.59 -4.64 5.01
N PHE A 53 -3.90 -4.67 4.79
CA PHE A 53 -4.75 -5.67 5.42
C PHE A 53 -5.15 -6.75 4.42
N LEU A 54 -5.17 -8.00 4.87
CA LEU A 54 -5.53 -9.12 4.02
C LEU A 54 -7.02 -9.11 3.70
N GLU A 55 -7.80 -8.47 4.56
CA GLU A 55 -9.24 -8.38 4.38
C GLU A 55 -9.72 -6.94 4.48
N PRO A 56 -10.62 -6.55 3.56
CA PRO A 56 -11.17 -5.20 3.52
C PRO A 56 -12.10 -4.91 4.70
N LEU A 57 -12.88 -5.91 5.09
CA LEU A 57 -13.81 -5.77 6.20
C LEU A 57 -13.07 -5.48 7.50
N GLU A 58 -12.04 -6.28 7.78
CA GLU A 58 -11.24 -6.11 8.99
C GLU A 58 -10.54 -4.75 8.99
N ALA A 59 -9.94 -4.41 7.85
CA ALA A 59 -9.23 -3.14 7.72
C ALA A 59 -10.10 -1.98 8.18
N ARG A 60 -11.31 -1.89 7.65
CA ARG A 60 -12.25 -0.83 8.00
C ARG A 60 -12.56 -0.85 9.50
N LYS A 61 -12.79 -2.05 10.02
CA LYS A 61 -13.09 -2.21 11.44
C LYS A 61 -12.06 -1.51 12.31
N ALA A 62 -10.79 -1.77 12.02
CA ALA A 62 -9.69 -1.15 12.78
C ALA A 62 -9.63 0.35 12.52
N PHE A 63 -9.84 0.74 11.27
CA PHE A 63 -9.80 2.15 10.91
C PHE A 63 -10.63 2.99 11.88
N ARG A 64 -11.93 2.70 11.95
CA ARG A 64 -12.82 3.43 12.84
C ARG A 64 -12.41 3.25 14.29
N HIS A 65 -12.07 2.01 14.67
CA HIS A 65 -11.67 1.70 16.02
C HIS A 65 -10.46 2.56 16.44
N LEU A 66 -9.30 2.26 15.86
CA LEU A 66 -8.08 2.99 16.16
C LEU A 66 -8.29 4.49 15.98
N ALA A 67 -9.00 4.86 14.92
CA ALA A 67 -9.27 6.26 14.63
C ALA A 67 -9.69 7.00 15.90
N TYR A 68 -9.22 8.24 16.04
CA TYR A 68 -9.55 9.05 17.20
C TYR A 68 -8.87 8.51 18.45
N SER A 69 -7.76 7.81 18.26
CA SER A 69 -7.02 7.22 19.37
C SER A 69 -5.54 7.61 19.30
N LYS A 70 -4.87 7.60 20.45
CA LYS A 70 -3.45 7.94 20.52
C LYS A 70 -2.60 6.69 20.71
N PHE A 71 -1.55 6.58 19.92
CA PHE A 71 -0.65 5.43 20.01
C PHE A 71 0.15 5.46 21.31
N HIS A 72 1.13 6.36 21.38
CA HIS A 72 1.96 6.49 22.56
C HIS A 72 1.67 7.80 23.29
N HIS A 73 2.10 8.91 22.70
CA HIS A 73 1.88 10.22 23.28
C HIS A 73 1.17 11.15 22.31
N VAL A 74 1.20 10.79 21.03
CA VAL A 74 0.54 11.59 20.00
C VAL A 74 -0.63 10.84 19.38
N PRO A 75 -1.62 11.60 18.89
CA PRO A 75 -2.82 11.02 18.27
C PRO A 75 -2.53 10.37 16.92
N LEU A 76 -3.05 9.16 16.74
CA LEU A 76 -2.85 8.43 15.49
C LEU A 76 -3.79 8.91 14.40
N TYR A 77 -3.24 9.27 13.26
CA TYR A 77 -4.04 9.75 12.14
C TYR A 77 -4.00 8.76 10.98
N LEU A 78 -5.05 7.96 10.85
CA LEU A 78 -5.14 6.98 9.78
C LEU A 78 -5.60 7.61 8.48
N GLU A 79 -4.90 7.32 7.40
CA GLU A 79 -5.24 7.88 6.09
C GLU A 79 -5.23 6.78 5.03
N TRP A 80 -6.38 6.59 4.38
CA TRP A 80 -6.51 5.57 3.34
C TRP A 80 -5.40 5.72 2.30
N ALA A 81 -4.91 4.58 1.81
CA ALA A 81 -3.84 4.58 0.81
C ALA A 81 -4.42 4.73 -0.59
N PRO A 82 -3.69 5.49 -1.45
CA PRO A 82 -4.11 5.73 -2.83
C PRO A 82 -4.01 4.47 -3.70
N ILE A 83 -4.81 4.42 -4.76
CA ILE A 83 -4.81 3.28 -5.66
C ILE A 83 -3.45 3.11 -6.34
N GLY A 84 -2.70 4.20 -6.42
CA GLY A 84 -1.39 4.16 -7.04
C GLY A 84 -0.28 3.83 -6.05
N VAL A 85 -0.63 3.86 -4.76
CA VAL A 85 0.34 3.56 -3.72
C VAL A 85 1.26 2.42 -4.13
N PHE A 86 0.66 1.33 -4.60
CA PHE A 86 1.43 0.16 -5.03
C PHE A 86 1.77 0.25 -6.52
N GLY A 87 0.82 0.75 -7.31
CA GLY A 87 1.03 0.87 -8.73
C GLY A 87 0.42 -0.27 -9.52
N ALA A 88 0.85 -0.44 -10.77
CA ALA A 88 0.33 -1.50 -11.62
C ALA A 88 1.46 -2.14 -12.42
N ALA A 89 1.30 -3.43 -12.72
CA ALA A 89 2.31 -4.16 -13.48
C ALA A 89 1.79 -4.51 -14.87
N PRO A 90 2.72 -4.76 -15.81
CA PRO A 90 2.37 -5.10 -17.20
C PRO A 90 1.76 -6.49 -17.30
N GLN A 91 0.98 -6.71 -18.36
CA GLN A 91 0.33 -7.99 -18.58
C GLN A 91 0.99 -8.75 -19.73
N LYS A 92 0.42 -9.89 -20.09
CA LYS A 92 0.95 -10.70 -21.18
C LYS A 92 0.89 -9.94 -22.51
N LYS A 93 -0.27 -9.36 -22.80
CA LYS A 93 -0.46 -8.60 -24.03
C LYS A 93 0.78 -7.76 -24.34
N ASP A 94 1.34 -7.13 -23.31
CA ASP A 94 2.52 -6.30 -23.47
C ASP A 94 3.51 -6.93 -24.45
N SER A 95 3.80 -8.22 -24.23
CA SER A 95 4.73 -8.93 -25.08
C SER A 95 4.41 -8.71 -26.56
N GLN A 96 3.13 -8.82 -26.90
CA GLN A 96 2.67 -8.62 -28.27
C GLN A 96 3.34 -7.39 -28.89
N HIS A 97 3.39 -6.31 -28.13
CA HIS A 97 4.00 -5.07 -28.61
C HIS A 97 5.23 -5.36 -29.46
N GLU A 98 6.09 -6.24 -28.95
CA GLU A 98 7.31 -6.61 -29.66
C GLU A 98 7.03 -6.84 -31.15
N GLN A 99 8.03 -6.59 -31.98
CA GLN A 99 7.90 -6.78 -33.42
C GLN A 99 8.74 -7.95 -33.91
N PRO A 100 8.32 -8.57 -35.02
CA PRO A 100 9.03 -9.71 -35.61
C PRO A 100 10.36 -9.31 -36.24
N ALA A 101 11.07 -10.29 -36.79
CA ALA A 101 12.36 -10.03 -37.42
C ALA A 101 12.21 -9.88 -38.93
N GLU A 102 11.18 -10.53 -39.48
CA GLU A 102 10.93 -10.46 -40.92
C GLU A 102 10.80 -9.02 -41.40
N LYS A 103 10.09 -8.21 -40.61
CA LYS A 103 9.88 -6.81 -40.95
C LYS A 103 11.19 -6.16 -41.42
N ALA A 104 12.30 -6.75 -41.02
CA ALA A 104 13.62 -6.24 -41.41
C ALA A 104 13.73 -6.12 -42.93
N GLU A 105 13.25 -7.14 -43.63
CA GLU A 105 13.30 -7.15 -45.08
C GLU A 105 12.72 -5.85 -45.67
N SER A 106 11.55 -5.46 -45.16
CA SER A 106 10.90 -4.24 -45.62
C SER A 106 11.92 -3.14 -45.88
N GLY A 107 11.96 -2.65 -47.12
CA GLY A 107 12.89 -1.60 -47.48
C GLY A 107 12.39 -0.74 -48.62
N PRO A 108 13.14 0.32 -48.94
CA PRO A 108 12.78 1.25 -50.02
C PRO A 108 12.92 0.61 -51.40
N SER A 109 12.64 1.40 -52.44
CA SER A 109 12.73 0.90 -53.81
C SER A 109 14.07 1.29 -54.44
N SER A 110 14.46 2.55 -54.24
CA SER A 110 15.71 3.06 -54.80
C SER A 110 16.30 4.15 -53.91
N GLY A 111 17.48 4.62 -54.27
CA GLY A 111 18.13 5.67 -53.49
C GLY A 111 17.73 7.06 -53.95
N GLY A 1 -19.54 9.10 -7.03
CA GLY A 1 -19.95 10.49 -7.09
C GLY A 1 -18.83 11.46 -6.76
N SER A 2 -18.52 11.58 -5.48
CA SER A 2 -17.46 12.48 -5.04
C SER A 2 -16.19 11.70 -4.73
N SER A 3 -16.28 10.78 -3.77
CA SER A 3 -15.13 9.97 -3.37
C SER A 3 -14.76 8.99 -4.47
N GLY A 4 -15.77 8.31 -5.02
CA GLY A 4 -15.52 7.34 -6.07
C GLY A 4 -14.52 7.83 -7.10
N SER A 5 -14.64 9.11 -7.46
CA SER A 5 -13.73 9.70 -8.45
C SER A 5 -12.28 9.52 -8.03
N SER A 6 -11.98 9.85 -6.78
CA SER A 6 -10.63 9.73 -6.26
C SER A 6 -10.26 8.26 -6.03
N GLY A 7 -11.16 7.52 -5.40
CA GLY A 7 -10.91 6.12 -5.13
C GLY A 7 -9.88 5.90 -4.04
N ARG A 8 -10.22 5.09 -3.05
CA ARG A 8 -9.31 4.80 -1.95
C ARG A 8 -9.31 3.32 -1.61
N SER A 9 -8.13 2.70 -1.67
CA SER A 9 -7.99 1.28 -1.39
C SER A 9 -8.65 0.93 -0.05
N LYS A 10 -9.12 -0.30 0.06
CA LYS A 10 -9.77 -0.77 1.28
C LYS A 10 -8.84 -1.68 2.08
N THR A 11 -7.82 -2.21 1.41
CA THR A 11 -6.86 -3.09 2.06
C THR A 11 -5.52 -2.39 2.27
N VAL A 12 -5.53 -1.06 2.21
CA VAL A 12 -4.32 -0.27 2.40
C VAL A 12 -4.61 0.99 3.20
N ILE A 13 -4.09 1.04 4.42
CA ILE A 13 -4.28 2.19 5.29
C ILE A 13 -2.96 2.86 5.63
N LEU A 14 -2.99 4.17 5.82
CA LEU A 14 -1.79 4.94 6.15
C LEU A 14 -1.94 5.62 7.50
N ALA A 15 -0.90 5.50 8.32
CA ALA A 15 -0.91 6.11 9.65
C ALA A 15 0.15 7.20 9.76
N LYS A 16 -0.29 8.41 10.10
CA LYS A 16 0.62 9.55 10.24
C LYS A 16 0.65 10.05 11.67
N ASN A 17 1.66 10.85 12.00
CA ASN A 17 1.80 11.39 13.34
C ASN A 17 2.24 10.32 14.32
N LEU A 18 3.32 9.63 13.99
CA LEU A 18 3.85 8.57 14.84
C LEU A 18 5.15 9.00 15.51
N PRO A 19 5.31 8.65 16.79
CA PRO A 19 6.51 8.98 17.56
C PRO A 19 7.73 8.20 17.10
N ALA A 20 8.89 8.86 17.07
CA ALA A 20 10.13 8.23 16.64
C ALA A 20 10.32 6.89 17.34
N GLY A 21 9.64 6.70 18.47
CA GLY A 21 9.75 5.46 19.21
C GLY A 21 9.10 4.30 18.49
N THR A 22 8.00 4.56 17.80
CA THR A 22 7.28 3.53 17.06
C THR A 22 8.24 2.70 16.21
N LEU A 23 7.90 1.43 16.03
CA LEU A 23 8.73 0.53 15.24
C LEU A 23 7.87 -0.34 14.32
N ALA A 24 8.44 -0.75 13.20
CA ALA A 24 7.73 -1.58 12.23
C ALA A 24 6.93 -2.68 12.94
N ALA A 25 7.62 -3.52 13.70
CA ALA A 25 6.98 -4.59 14.43
C ALA A 25 5.85 -4.07 15.31
N GLU A 26 6.16 -3.08 16.13
CA GLU A 26 5.18 -2.49 17.03
C GLU A 26 3.86 -2.22 16.29
N ILE A 27 3.97 -1.57 15.14
CA ILE A 27 2.78 -1.25 14.34
C ILE A 27 2.11 -2.52 13.83
N GLN A 28 2.91 -3.40 13.22
CA GLN A 28 2.39 -4.65 12.70
C GLN A 28 1.55 -5.39 13.75
N GLU A 29 2.14 -5.60 14.92
CA GLU A 29 1.45 -6.30 16.00
C GLU A 29 0.25 -5.49 16.47
N THR A 30 0.49 -4.24 16.84
CA THR A 30 -0.58 -3.36 17.32
C THR A 30 -1.85 -3.55 16.49
N PHE A 31 -1.70 -3.57 15.17
CA PHE A 31 -2.84 -3.74 14.28
C PHE A 31 -3.25 -5.21 14.20
N SER A 32 -2.27 -6.09 14.06
CA SER A 32 -2.53 -7.52 13.98
C SER A 32 -3.56 -7.95 15.01
N ARG A 33 -3.47 -7.38 16.21
CA ARG A 33 -4.39 -7.71 17.28
C ARG A 33 -5.81 -7.89 16.75
N PHE A 34 -6.21 -7.00 15.85
CA PHE A 34 -7.54 -7.04 15.26
C PHE A 34 -7.67 -8.24 14.33
N GLY A 35 -6.63 -8.49 13.54
CA GLY A 35 -6.65 -9.60 12.61
C GLY A 35 -5.35 -9.74 11.84
N SER A 36 -5.22 -10.83 11.10
CA SER A 36 -4.01 -11.08 10.32
C SER A 36 -3.65 -9.88 9.46
N LEU A 37 -2.36 -9.64 9.27
CA LEU A 37 -1.89 -8.52 8.46
C LEU A 37 -1.16 -9.02 7.21
N GLY A 38 -1.32 -8.27 6.13
CA GLY A 38 -0.68 -8.65 4.88
C GLY A 38 0.74 -8.09 4.76
N ARG A 39 0.84 -6.82 4.40
CA ARG A 39 2.14 -6.18 4.25
C ARG A 39 2.26 -4.99 5.20
N VAL A 40 3.49 -4.74 5.66
CA VAL A 40 3.75 -3.63 6.57
C VAL A 40 5.05 -2.92 6.22
N LEU A 41 4.91 -1.67 5.79
CA LEU A 41 6.08 -0.87 5.41
C LEU A 41 6.15 0.41 6.23
N LEU A 42 7.19 0.53 7.06
CA LEU A 42 7.37 1.71 7.89
C LEU A 42 8.81 2.21 7.83
N PRO A 43 9.04 3.23 7.00
CA PRO A 43 10.38 3.82 6.83
C PRO A 43 10.83 4.60 8.06
N GLU A 44 12.14 4.78 8.18
CA GLU A 44 12.70 5.51 9.32
C GLU A 44 12.68 7.01 9.08
N GLY A 45 12.99 7.40 7.84
CA GLY A 45 13.00 8.81 7.49
C GLY A 45 11.67 9.49 7.76
N GLY A 46 10.59 8.72 7.66
CA GLY A 46 9.26 9.26 7.88
C GLY A 46 8.50 8.50 8.95
N ILE A 47 8.06 9.21 9.98
CA ILE A 47 7.32 8.60 11.08
C ILE A 47 6.13 7.81 10.54
N THR A 48 5.46 8.36 9.54
CA THR A 48 4.30 7.70 8.94
C THR A 48 4.59 6.22 8.68
N ALA A 49 3.54 5.40 8.75
CA ALA A 49 3.67 3.98 8.51
C ALA A 49 2.61 3.47 7.53
N ILE A 50 2.95 2.42 6.79
CA ILE A 50 2.02 1.85 5.83
C ILE A 50 1.64 0.42 6.21
N VAL A 51 0.33 0.13 6.16
CA VAL A 51 -0.17 -1.18 6.50
C VAL A 51 -1.20 -1.65 5.48
N GLU A 52 -1.02 -2.88 4.99
CA GLU A 52 -1.94 -3.45 4.01
C GLU A 52 -2.66 -4.66 4.59
N PHE A 53 -3.88 -4.44 5.08
CA PHE A 53 -4.67 -5.52 5.66
C PHE A 53 -5.04 -6.56 4.60
N LEU A 54 -5.05 -7.83 5.00
CA LEU A 54 -5.38 -8.92 4.08
C LEU A 54 -6.87 -8.88 3.71
N GLU A 55 -7.69 -8.38 4.62
CA GLU A 55 -9.12 -8.29 4.40
C GLU A 55 -9.61 -6.84 4.50
N PRO A 56 -10.51 -6.45 3.59
CA PRO A 56 -11.06 -5.10 3.56
C PRO A 56 -11.99 -4.82 4.75
N LEU A 57 -12.82 -5.79 5.07
CA LEU A 57 -13.76 -5.67 6.19
C LEU A 57 -13.01 -5.50 7.51
N GLU A 58 -12.03 -6.36 7.74
CA GLU A 58 -11.25 -6.32 8.96
C GLU A 58 -10.51 -4.99 9.08
N ALA A 59 -9.93 -4.54 7.97
CA ALA A 59 -9.19 -3.28 7.95
C ALA A 59 -10.09 -2.12 8.35
N ARG A 60 -11.24 -2.00 7.69
CA ARG A 60 -12.17 -0.92 7.97
C ARG A 60 -12.49 -0.87 9.46
N LYS A 61 -12.95 -1.99 10.01
CA LYS A 61 -13.29 -2.06 11.42
C LYS A 61 -12.20 -1.45 12.28
N ALA A 62 -11.00 -2.02 12.21
CA ALA A 62 -9.86 -1.52 12.98
C ALA A 62 -9.60 -0.04 12.69
N PHE A 63 -9.71 0.33 11.42
CA PHE A 63 -9.49 1.71 11.00
C PHE A 63 -10.36 2.66 11.82
N ARG A 64 -11.64 2.33 11.96
CA ARG A 64 -12.57 3.16 12.71
C ARG A 64 -12.15 3.25 14.18
N HIS A 65 -11.94 2.10 14.80
CA HIS A 65 -11.54 2.06 16.21
C HIS A 65 -10.25 2.83 16.43
N LEU A 66 -9.17 2.36 15.82
CA LEU A 66 -7.86 3.01 15.95
C LEU A 66 -7.97 4.50 15.63
N ALA A 67 -8.73 4.82 14.59
CA ALA A 67 -8.91 6.21 14.18
C ALA A 67 -9.27 7.10 15.37
N TYR A 68 -8.84 8.34 15.32
CA TYR A 68 -9.10 9.29 16.40
C TYR A 68 -8.64 8.73 17.74
N SER A 69 -7.49 8.07 17.74
CA SER A 69 -6.94 7.48 18.95
C SER A 69 -5.50 7.95 19.19
N LYS A 70 -4.87 7.42 20.22
CA LYS A 70 -3.50 7.78 20.55
C LYS A 70 -2.63 6.54 20.70
N PHE A 71 -1.52 6.51 19.97
CA PHE A 71 -0.59 5.38 20.02
C PHE A 71 0.22 5.40 21.31
N HIS A 72 1.01 6.45 21.49
CA HIS A 72 1.85 6.59 22.69
C HIS A 72 1.56 7.89 23.40
N HIS A 73 2.05 9.00 22.85
CA HIS A 73 1.85 10.31 23.44
C HIS A 73 1.32 11.30 22.40
N VAL A 74 1.30 10.86 21.14
CA VAL A 74 0.81 11.71 20.05
C VAL A 74 -0.45 11.12 19.42
N PRO A 75 -1.29 12.00 18.85
CA PRO A 75 -2.53 11.59 18.20
C PRO A 75 -2.29 10.82 16.91
N LEU A 76 -3.01 9.72 16.74
CA LEU A 76 -2.88 8.89 15.54
C LEU A 76 -3.80 9.39 14.43
N TYR A 77 -3.21 9.66 13.26
CA TYR A 77 -3.97 10.14 12.12
C TYR A 77 -4.00 9.10 11.01
N LEU A 78 -5.12 8.38 10.92
CA LEU A 78 -5.28 7.35 9.90
C LEU A 78 -5.91 7.93 8.64
N GLU A 79 -5.31 7.62 7.49
CA GLU A 79 -5.82 8.10 6.21
C GLU A 79 -5.75 7.02 5.15
N TRP A 80 -6.91 6.69 4.58
CA TRP A 80 -6.99 5.66 3.55
C TRP A 80 -6.00 5.93 2.42
N ALA A 81 -5.47 4.87 1.83
CA ALA A 81 -4.51 5.02 0.74
C ALA A 81 -5.18 4.79 -0.61
N PRO A 82 -4.76 5.57 -1.63
CA PRO A 82 -5.30 5.48 -2.98
C PRO A 82 -4.92 4.18 -3.68
N ILE A 83 -5.40 4.02 -4.90
CA ILE A 83 -5.09 2.81 -5.68
C ILE A 83 -3.77 2.96 -6.43
N GLY A 84 -3.27 4.20 -6.51
CA GLY A 84 -2.02 4.45 -7.19
C GLY A 84 -0.82 4.00 -6.38
N VAL A 85 -0.89 4.18 -5.07
CA VAL A 85 0.20 3.78 -4.19
C VAL A 85 0.83 2.47 -4.64
N PHE A 86 -0.02 1.46 -4.87
CA PHE A 86 0.45 0.15 -5.30
C PHE A 86 0.38 0.03 -6.83
N GLY A 87 -0.84 0.10 -7.36
CA GLY A 87 -1.03 0.00 -8.80
C GLY A 87 0.04 0.73 -9.58
N ALA A 88 0.18 0.38 -10.86
CA ALA A 88 1.17 1.00 -11.71
C ALA A 88 0.97 0.61 -13.17
N ALA A 89 1.42 1.46 -14.08
CA ALA A 89 1.29 1.20 -15.51
C ALA A 89 1.81 -0.19 -15.86
N PRO A 90 1.08 -0.89 -16.74
CA PRO A 90 1.45 -2.25 -17.17
C PRO A 90 2.69 -2.25 -18.06
N GLN A 91 3.04 -3.42 -18.57
CA GLN A 91 4.21 -3.55 -19.44
C GLN A 91 3.78 -3.83 -20.88
N LYS A 92 2.80 -3.08 -21.36
CA LYS A 92 2.31 -3.24 -22.72
C LYS A 92 3.44 -3.07 -23.73
N LYS A 93 4.29 -2.08 -23.49
CA LYS A 93 5.42 -1.80 -24.39
C LYS A 93 6.06 -3.10 -24.87
N ASP A 94 6.12 -4.10 -23.98
CA ASP A 94 6.71 -5.39 -24.31
C ASP A 94 6.24 -5.86 -25.68
N SER A 95 4.93 -5.77 -25.92
CA SER A 95 4.35 -6.20 -27.18
C SER A 95 5.15 -5.64 -28.36
N GLN A 96 5.61 -4.41 -28.23
CA GLN A 96 6.39 -3.75 -29.28
C GLN A 96 7.37 -4.74 -29.91
N HIS A 97 7.99 -5.56 -29.07
CA HIS A 97 8.95 -6.55 -29.55
C HIS A 97 8.51 -7.14 -30.88
N GLU A 98 7.23 -7.47 -30.99
CA GLU A 98 6.69 -8.04 -32.21
C GLU A 98 7.37 -7.45 -33.44
N GLN A 99 8.01 -8.31 -34.23
CA GLN A 99 8.70 -7.87 -35.44
C GLN A 99 7.87 -8.17 -36.68
N PRO A 100 7.92 -7.25 -37.66
CA PRO A 100 7.18 -7.40 -38.92
C PRO A 100 7.75 -8.51 -39.79
N ALA A 101 6.97 -8.92 -40.79
CA ALA A 101 7.39 -9.97 -41.70
C ALA A 101 7.98 -9.39 -42.99
N GLU A 102 7.35 -8.32 -43.49
CA GLU A 102 7.81 -7.67 -44.70
C GLU A 102 9.33 -7.60 -44.75
N LYS A 103 9.93 -7.12 -43.65
CA LYS A 103 11.38 -7.01 -43.56
C LYS A 103 12.07 -8.22 -44.18
N ALA A 104 11.52 -9.41 -43.91
CA ALA A 104 12.09 -10.64 -44.45
C ALA A 104 12.49 -10.46 -45.91
N GLU A 105 11.64 -9.80 -46.69
CA GLU A 105 11.93 -9.57 -48.10
C GLU A 105 13.35 -9.06 -48.30
N SER A 106 13.64 -7.90 -47.72
CA SER A 106 14.96 -7.29 -47.84
C SER A 106 15.36 -7.13 -49.30
N GLY A 107 14.40 -6.69 -50.12
CA GLY A 107 14.68 -6.50 -51.53
C GLY A 107 16.03 -5.89 -51.79
N PRO A 108 16.65 -6.24 -52.93
CA PRO A 108 17.97 -5.74 -53.32
C PRO A 108 17.93 -4.26 -53.68
N SER A 109 19.07 -3.74 -54.14
CA SER A 109 19.17 -2.33 -54.53
C SER A 109 19.13 -2.19 -56.04
N SER A 110 20.06 -2.85 -56.72
CA SER A 110 20.14 -2.79 -58.18
C SER A 110 20.30 -4.18 -58.78
N GLY A 111 20.30 -4.25 -60.10
CA GLY A 111 20.45 -5.53 -60.78
C GLY A 111 21.42 -5.46 -61.93
N GLY A 1 -8.77 16.44 -0.93
CA GLY A 1 -8.88 15.16 -1.57
C GLY A 1 -10.24 14.95 -2.21
N SER A 2 -10.41 15.46 -3.43
CA SER A 2 -11.68 15.33 -4.14
C SER A 2 -11.62 14.18 -5.15
N SER A 3 -10.42 13.92 -5.67
CA SER A 3 -10.22 12.85 -6.64
C SER A 3 -9.76 11.57 -5.96
N GLY A 4 -8.54 11.62 -5.41
CA GLY A 4 -7.99 10.45 -4.74
C GLY A 4 -9.01 9.77 -3.84
N SER A 5 -9.80 10.55 -3.13
CA SER A 5 -10.81 10.01 -2.22
C SER A 5 -11.71 9.03 -2.96
N SER A 6 -12.19 9.43 -4.14
CA SER A 6 -13.07 8.58 -4.94
C SER A 6 -12.43 7.22 -5.18
N GLY A 7 -11.22 7.23 -5.74
CA GLY A 7 -10.52 6.00 -6.02
C GLY A 7 -9.41 5.72 -5.03
N ARG A 8 -9.76 5.17 -3.88
CA ARG A 8 -8.78 4.85 -2.84
C ARG A 8 -8.93 3.42 -2.37
N SER A 9 -7.80 2.79 -2.05
CA SER A 9 -7.80 1.40 -1.57
C SER A 9 -8.55 1.28 -0.26
N LYS A 10 -9.19 0.13 -0.06
CA LYS A 10 -9.95 -0.12 1.17
C LYS A 10 -9.20 -1.09 2.08
N THR A 11 -8.25 -1.83 1.50
CA THR A 11 -7.47 -2.79 2.27
C THR A 11 -6.17 -2.16 2.78
N VAL A 12 -5.67 -1.18 2.04
CA VAL A 12 -4.44 -0.49 2.42
C VAL A 12 -4.75 0.80 3.18
N ILE A 13 -3.98 1.05 4.23
CA ILE A 13 -4.16 2.26 5.04
C ILE A 13 -2.81 2.88 5.40
N LEU A 14 -2.80 4.21 5.50
CA LEU A 14 -1.57 4.93 5.84
C LEU A 14 -1.71 5.60 7.20
N ALA A 15 -0.79 5.28 8.11
CA ALA A 15 -0.80 5.85 9.44
C ALA A 15 0.17 7.03 9.55
N LYS A 16 -0.34 8.17 9.98
CA LYS A 16 0.48 9.37 10.12
C LYS A 16 0.48 9.85 11.57
N ASN A 17 1.46 10.69 11.90
CA ASN A 17 1.58 11.22 13.26
C ASN A 17 2.10 10.15 14.22
N LEU A 18 3.23 9.55 13.87
CA LEU A 18 3.83 8.51 14.70
C LEU A 18 5.18 8.97 15.26
N PRO A 19 5.38 8.77 16.58
CA PRO A 19 6.62 9.15 17.25
C PRO A 19 7.79 8.28 16.85
N ALA A 20 8.95 8.91 16.68
CA ALA A 20 10.16 8.19 16.29
C ALA A 20 10.33 6.91 17.11
N GLY A 21 9.68 6.86 18.26
CA GLY A 21 9.78 5.70 19.13
C GLY A 21 9.16 4.47 18.50
N THR A 22 8.07 4.65 17.77
CA THR A 22 7.38 3.55 17.12
C THR A 22 8.37 2.64 16.39
N LEU A 23 7.99 1.38 16.19
CA LEU A 23 8.84 0.42 15.51
C LEU A 23 8.01 -0.48 14.59
N ALA A 24 8.54 -0.73 13.39
CA ALA A 24 7.85 -1.57 12.43
C ALA A 24 7.13 -2.72 13.11
N ALA A 25 7.85 -3.43 13.99
CA ALA A 25 7.27 -4.55 14.72
C ALA A 25 6.10 -4.11 15.58
N GLU A 26 6.27 -2.98 16.26
CA GLU A 26 5.23 -2.44 17.13
C GLU A 26 3.92 -2.27 16.37
N ILE A 27 3.98 -1.58 15.24
CA ILE A 27 2.80 -1.34 14.43
C ILE A 27 2.20 -2.66 13.95
N GLN A 28 2.97 -3.42 13.20
CA GLN A 28 2.51 -4.71 12.69
C GLN A 28 1.69 -5.46 13.74
N GLU A 29 2.29 -5.68 14.91
CA GLU A 29 1.61 -6.38 15.99
C GLU A 29 0.36 -5.62 16.43
N THR A 30 0.55 -4.37 16.84
CA THR A 30 -0.56 -3.54 17.29
C THR A 30 -1.78 -3.73 16.39
N PHE A 31 -1.62 -3.46 15.10
CA PHE A 31 -2.71 -3.60 14.15
C PHE A 31 -3.17 -5.05 14.06
N SER A 32 -2.21 -5.97 13.98
CA SER A 32 -2.52 -7.39 13.88
C SER A 32 -3.53 -7.80 14.95
N ARG A 33 -3.43 -7.20 16.12
CA ARG A 33 -4.33 -7.50 17.22
C ARG A 33 -5.79 -7.46 16.75
N PHE A 34 -6.12 -6.44 15.97
CA PHE A 34 -7.48 -6.30 15.46
C PHE A 34 -7.80 -7.40 14.44
N GLY A 35 -6.91 -7.58 13.47
CA GLY A 35 -7.12 -8.60 12.46
C GLY A 35 -5.83 -9.00 11.76
N SER A 36 -5.97 -9.71 10.65
CA SER A 36 -4.81 -10.16 9.89
C SER A 36 -4.10 -8.98 9.22
N LEU A 37 -2.90 -9.21 8.73
CA LEU A 37 -2.12 -8.18 8.06
C LEU A 37 -1.39 -8.74 6.84
N GLY A 38 -0.74 -7.85 6.09
CA GLY A 38 -0.02 -8.27 4.91
C GLY A 38 1.26 -7.48 4.71
N ARG A 39 1.20 -6.43 3.90
CA ARG A 39 2.35 -5.60 3.62
C ARG A 39 2.54 -4.54 4.71
N VAL A 40 3.58 -4.69 5.51
CA VAL A 40 3.88 -3.76 6.57
C VAL A 40 5.22 -3.09 6.38
N LEU A 41 5.19 -1.84 5.92
CA LEU A 41 6.43 -1.08 5.68
C LEU A 41 6.41 0.24 6.44
N LEU A 42 7.40 0.43 7.31
CA LEU A 42 7.49 1.66 8.10
C LEU A 42 8.92 2.20 8.08
N PRO A 43 9.16 3.20 7.21
CA PRO A 43 10.48 3.83 7.07
C PRO A 43 10.84 4.68 8.28
N GLU A 44 12.14 4.75 8.57
CA GLU A 44 12.61 5.53 9.72
C GLU A 44 12.59 7.03 9.40
N GLY A 45 12.97 7.37 8.18
CA GLY A 45 12.99 8.77 7.77
C GLY A 45 11.62 9.41 7.86
N GLY A 46 10.58 8.62 7.60
CA GLY A 46 9.23 9.14 7.65
C GLY A 46 8.36 8.40 8.65
N ILE A 47 7.98 9.09 9.72
CA ILE A 47 7.15 8.50 10.76
C ILE A 47 6.01 7.68 10.15
N THR A 48 5.47 8.18 9.04
CA THR A 48 4.38 7.50 8.36
C THR A 48 4.64 6.00 8.25
N ALA A 49 3.60 5.21 8.48
CA ALA A 49 3.73 3.75 8.41
C ALA A 49 2.67 3.16 7.49
N ILE A 50 3.11 2.46 6.45
CA ILE A 50 2.20 1.84 5.49
C ILE A 50 1.85 0.42 5.91
N VAL A 51 0.56 0.16 6.05
CA VAL A 51 0.09 -1.17 6.45
C VAL A 51 -1.01 -1.67 5.51
N GLU A 52 -0.91 -2.93 5.11
CA GLU A 52 -1.88 -3.53 4.21
C GLU A 52 -2.57 -4.72 4.87
N PHE A 53 -3.90 -4.70 4.91
CA PHE A 53 -4.67 -5.77 5.50
C PHE A 53 -5.05 -6.82 4.46
N LEU A 54 -5.18 -8.07 4.90
CA LEU A 54 -5.53 -9.16 4.01
C LEU A 54 -7.02 -9.14 3.69
N GLU A 55 -7.80 -8.56 4.58
CA GLU A 55 -9.25 -8.46 4.40
C GLU A 55 -9.73 -7.02 4.50
N PRO A 56 -10.66 -6.64 3.63
CA PRO A 56 -11.22 -5.29 3.60
C PRO A 56 -12.10 -5.00 4.81
N LEU A 57 -12.92 -5.99 5.18
CA LEU A 57 -13.82 -5.84 6.33
C LEU A 57 -13.03 -5.59 7.61
N GLU A 58 -11.98 -6.38 7.83
CA GLU A 58 -11.16 -6.25 9.01
C GLU A 58 -10.46 -4.88 9.04
N ALA A 59 -9.86 -4.51 7.90
CA ALA A 59 -9.17 -3.23 7.79
C ALA A 59 -10.05 -2.09 8.25
N ARG A 60 -11.29 -2.07 7.77
CA ARG A 60 -12.24 -1.01 8.13
C ARG A 60 -12.48 -1.00 9.63
N LYS A 61 -12.75 -2.17 10.20
CA LYS A 61 -13.01 -2.29 11.63
C LYS A 61 -11.92 -1.57 12.44
N ALA A 62 -10.68 -1.98 12.24
CA ALA A 62 -9.55 -1.37 12.94
C ALA A 62 -9.53 0.14 12.73
N PHE A 63 -9.54 0.55 11.47
CA PHE A 63 -9.51 1.97 11.12
C PHE A 63 -10.43 2.77 12.03
N ARG A 64 -11.70 2.36 12.10
CA ARG A 64 -12.68 3.04 12.93
C ARG A 64 -12.21 3.09 14.38
N HIS A 65 -11.93 1.93 14.95
CA HIS A 65 -11.47 1.83 16.33
C HIS A 65 -10.25 2.71 16.56
N LEU A 66 -9.14 2.35 15.93
CA LEU A 66 -7.91 3.11 16.07
C LEU A 66 -8.17 4.62 15.94
N ALA A 67 -8.91 5.00 14.91
CA ALA A 67 -9.24 6.40 14.68
C ALA A 67 -9.67 7.08 15.98
N TYR A 68 -9.32 8.35 16.11
CA TYR A 68 -9.66 9.11 17.30
C TYR A 68 -9.01 8.52 18.55
N SER A 69 -7.90 7.81 18.34
CA SER A 69 -7.18 7.18 19.44
C SER A 69 -5.73 7.64 19.47
N LYS A 70 -5.10 7.53 20.64
CA LYS A 70 -3.71 7.93 20.82
C LYS A 70 -2.81 6.71 20.98
N PHE A 71 -1.77 6.64 20.17
CA PHE A 71 -0.82 5.53 20.23
C PHE A 71 0.00 5.58 21.51
N HIS A 72 0.97 6.50 21.55
CA HIS A 72 1.83 6.66 22.71
C HIS A 72 1.63 8.03 23.35
N HIS A 73 2.08 9.07 22.67
CA HIS A 73 1.94 10.44 23.17
C HIS A 73 1.24 11.33 22.15
N VAL A 74 1.25 10.90 20.89
CA VAL A 74 0.61 11.66 19.83
C VAL A 74 -0.62 10.93 19.30
N PRO A 75 -1.59 11.70 18.77
CA PRO A 75 -2.83 11.14 18.22
C PRO A 75 -2.59 10.39 16.91
N LEU A 76 -3.21 9.22 16.80
CA LEU A 76 -3.07 8.40 15.59
C LEU A 76 -3.96 8.93 14.47
N TYR A 77 -3.34 9.32 13.37
CA TYR A 77 -4.08 9.84 12.22
C TYR A 77 -3.98 8.88 11.03
N LEU A 78 -5.03 8.10 10.83
CA LEU A 78 -5.07 7.13 9.73
C LEU A 78 -5.60 7.79 8.46
N GLU A 79 -5.09 7.36 7.31
CA GLU A 79 -5.52 7.89 6.03
C GLU A 79 -5.45 6.83 4.94
N TRP A 80 -6.62 6.39 4.48
CA TRP A 80 -6.69 5.37 3.44
C TRP A 80 -5.58 5.57 2.40
N ALA A 81 -5.15 4.47 1.79
CA ALA A 81 -4.10 4.52 0.79
C ALA A 81 -4.69 4.45 -0.62
N PRO A 82 -4.08 5.21 -1.55
CA PRO A 82 -4.52 5.25 -2.95
C PRO A 82 -4.24 3.94 -3.68
N ILE A 83 -4.52 3.94 -4.98
CA ILE A 83 -4.29 2.75 -5.81
C ILE A 83 -2.89 2.78 -6.42
N GLY A 84 -2.26 3.94 -6.38
CA GLY A 84 -0.92 4.07 -6.95
C GLY A 84 0.17 3.83 -5.91
N VAL A 85 -0.17 4.01 -4.64
CA VAL A 85 0.78 3.82 -3.56
C VAL A 85 1.66 2.60 -3.81
N PHE A 86 1.06 1.55 -4.38
CA PHE A 86 1.79 0.33 -4.67
C PHE A 86 2.26 0.31 -6.13
N GLY A 87 1.35 0.61 -7.05
CA GLY A 87 1.69 0.62 -8.46
C GLY A 87 2.42 -0.63 -8.88
N ALA A 88 2.98 -0.61 -10.08
CA ALA A 88 3.71 -1.76 -10.62
C ALA A 88 4.81 -1.32 -11.59
N ALA A 89 5.54 -2.29 -12.11
CA ALA A 89 6.62 -2.00 -13.06
C ALA A 89 6.96 -3.23 -13.89
N PRO A 90 7.36 -2.99 -15.16
CA PRO A 90 7.72 -4.07 -16.08
C PRO A 90 9.02 -4.76 -15.69
N GLN A 91 9.50 -5.65 -16.56
CA GLN A 91 10.74 -6.38 -16.30
C GLN A 91 11.81 -6.00 -17.31
N LYS A 92 12.38 -4.81 -17.15
CA LYS A 92 13.43 -4.33 -18.05
C LYS A 92 14.81 -4.59 -17.45
N LYS A 93 14.86 -4.79 -16.14
CA LYS A 93 16.12 -5.06 -15.46
C LYS A 93 16.77 -6.34 -15.97
N ASP A 94 15.94 -7.27 -16.43
CA ASP A 94 16.44 -8.54 -16.96
C ASP A 94 17.54 -8.32 -17.97
N SER A 95 17.45 -7.22 -18.71
CA SER A 95 18.45 -6.89 -19.73
C SER A 95 19.57 -6.05 -19.12
N GLN A 96 19.24 -4.84 -18.70
CA GLN A 96 20.21 -3.93 -18.10
C GLN A 96 21.18 -4.70 -17.21
N HIS A 97 20.69 -5.77 -16.59
CA HIS A 97 21.52 -6.60 -15.71
C HIS A 97 22.91 -6.81 -16.31
N GLU A 98 22.96 -7.55 -17.42
CA GLU A 98 24.22 -7.83 -18.09
C GLU A 98 24.04 -7.91 -19.60
N GLN A 99 25.13 -7.81 -20.33
CA GLN A 99 25.09 -7.87 -21.79
C GLN A 99 26.38 -8.44 -22.36
N PRO A 100 26.31 -8.98 -23.58
CA PRO A 100 27.46 -9.58 -24.26
C PRO A 100 28.49 -8.54 -24.67
N ALA A 101 29.61 -8.50 -23.94
CA ALA A 101 30.67 -7.54 -24.23
C ALA A 101 31.79 -8.21 -25.05
N GLU A 102 31.92 -9.52 -24.91
CA GLU A 102 32.93 -10.26 -25.64
C GLU A 102 32.89 -9.94 -27.12
N LYS A 103 31.68 -9.78 -27.66
CA LYS A 103 31.50 -9.47 -29.07
C LYS A 103 32.23 -8.19 -29.44
N ALA A 104 32.17 -7.21 -28.56
CA ALA A 104 32.83 -5.93 -28.79
C ALA A 104 34.34 -6.10 -28.90
N GLU A 105 34.91 -6.89 -28.00
CA GLU A 105 36.35 -7.14 -28.01
C GLU A 105 36.84 -7.48 -29.42
N SER A 106 36.38 -8.60 -29.94
CA SER A 106 36.77 -9.04 -31.28
C SER A 106 38.22 -8.66 -31.58
N GLY A 107 39.09 -8.88 -30.59
CA GLY A 107 40.49 -8.55 -30.76
C GLY A 107 41.05 -9.05 -32.08
N PRO A 108 41.88 -8.22 -32.72
CA PRO A 108 42.50 -8.55 -34.01
C PRO A 108 43.54 -9.67 -33.88
N SER A 109 44.22 -9.96 -34.99
CA SER A 109 45.23 -11.00 -35.00
C SER A 109 46.63 -10.40 -34.89
N SER A 110 46.96 -9.51 -35.82
CA SER A 110 48.28 -8.87 -35.83
C SER A 110 48.23 -7.56 -35.05
N GLY A 111 49.38 -6.90 -34.96
CA GLY A 111 49.46 -5.64 -34.25
C GLY A 111 50.89 -5.28 -33.86
N GLY A 1 -19.74 13.62 -1.51
CA GLY A 1 -18.49 12.95 -1.20
C GLY A 1 -17.28 13.70 -1.71
N SER A 2 -16.28 13.87 -0.86
CA SER A 2 -15.06 14.58 -1.23
C SER A 2 -13.90 13.62 -1.39
N SER A 3 -13.70 12.76 -0.39
CA SER A 3 -12.62 11.78 -0.42
C SER A 3 -13.06 10.50 -1.11
N GLY A 4 -14.27 10.05 -0.79
CA GLY A 4 -14.79 8.82 -1.38
C GLY A 4 -14.81 8.89 -2.90
N SER A 5 -15.48 9.92 -3.43
CA SER A 5 -15.59 10.08 -4.87
C SER A 5 -14.25 9.81 -5.56
N SER A 6 -13.18 10.38 -5.00
CA SER A 6 -11.85 10.20 -5.56
C SER A 6 -11.57 8.73 -5.83
N GLY A 7 -11.67 7.90 -4.80
CA GLY A 7 -11.43 6.48 -4.95
C GLY A 7 -10.06 6.07 -4.46
N ARG A 8 -10.03 5.21 -3.45
CA ARG A 8 -8.77 4.74 -2.88
C ARG A 8 -8.88 3.28 -2.45
N SER A 9 -7.74 2.69 -2.12
CA SER A 9 -7.70 1.29 -1.69
C SER A 9 -8.46 1.10 -0.38
N LYS A 10 -8.93 -0.12 -0.14
CA LYS A 10 -9.67 -0.44 1.07
C LYS A 10 -8.85 -1.35 1.98
N THR A 11 -7.91 -2.09 1.39
CA THR A 11 -7.07 -3.00 2.14
C THR A 11 -5.73 -2.36 2.48
N VAL A 12 -5.60 -1.07 2.19
CA VAL A 12 -4.37 -0.34 2.47
C VAL A 12 -4.65 0.95 3.23
N ILE A 13 -4.09 1.05 4.43
CA ILE A 13 -4.28 2.24 5.25
C ILE A 13 -2.95 2.83 5.70
N LEU A 14 -2.89 4.15 5.79
CA LEU A 14 -1.67 4.83 6.21
C LEU A 14 -1.83 5.44 7.60
N ALA A 15 -0.73 5.52 8.33
CA ALA A 15 -0.75 6.09 9.67
C ALA A 15 0.26 7.22 9.80
N LYS A 16 -0.24 8.44 9.99
CA LYS A 16 0.62 9.61 10.13
C LYS A 16 0.66 10.08 11.58
N ASN A 17 1.61 10.95 11.89
CA ASN A 17 1.75 11.49 13.24
C ASN A 17 2.19 10.39 14.21
N LEU A 18 3.28 9.73 13.89
CA LEU A 18 3.81 8.66 14.73
C LEU A 18 5.14 9.07 15.37
N PRO A 19 5.29 8.74 16.66
CA PRO A 19 6.52 9.06 17.41
C PRO A 19 7.71 8.25 16.95
N ALA A 20 8.87 8.89 16.87
CA ALA A 20 10.09 8.23 16.43
C ALA A 20 10.30 6.92 17.19
N GLY A 21 9.71 6.83 18.37
CA GLY A 21 9.83 5.62 19.17
C GLY A 21 9.19 4.42 18.51
N THR A 22 8.09 4.66 17.79
CA THR A 22 7.38 3.58 17.12
C THR A 22 8.32 2.73 16.28
N LEU A 23 7.86 1.55 15.89
CA LEU A 23 8.67 0.64 15.09
C LEU A 23 7.79 -0.24 14.21
N ALA A 24 8.36 -0.78 13.15
CA ALA A 24 7.63 -1.65 12.22
C ALA A 24 6.91 -2.76 12.98
N ALA A 25 7.65 -3.45 13.85
CA ALA A 25 7.09 -4.55 14.63
C ALA A 25 5.99 -4.04 15.56
N GLU A 26 6.15 -2.82 16.07
CA GLU A 26 5.18 -2.22 16.97
C GLU A 26 3.83 -2.04 16.28
N ILE A 27 3.85 -1.31 15.17
CA ILE A 27 2.63 -1.06 14.40
C ILE A 27 2.02 -2.36 13.90
N GLN A 28 2.80 -3.12 13.15
CA GLN A 28 2.34 -4.39 12.60
C GLN A 28 1.55 -5.18 13.65
N GLU A 29 2.14 -5.36 14.83
CA GLU A 29 1.48 -6.08 15.90
C GLU A 29 0.24 -5.34 16.40
N THR A 30 0.46 -4.12 16.88
CA THR A 30 -0.63 -3.29 17.39
C THR A 30 -1.87 -3.44 16.52
N PHE A 31 -1.67 -3.51 15.21
CA PHE A 31 -2.77 -3.64 14.26
C PHE A 31 -3.24 -5.10 14.18
N SER A 32 -2.27 -6.01 14.14
CA SER A 32 -2.58 -7.44 14.05
C SER A 32 -3.60 -7.85 15.12
N ARG A 33 -3.53 -7.18 16.26
CA ARG A 33 -4.45 -7.47 17.36
C ARG A 33 -5.89 -7.58 16.86
N PHE A 34 -6.20 -6.83 15.81
CA PHE A 34 -7.54 -6.84 15.24
C PHE A 34 -7.70 -7.99 14.25
N GLY A 35 -6.69 -8.16 13.39
CA GLY A 35 -6.73 -9.23 12.41
C GLY A 35 -5.41 -9.41 11.69
N SER A 36 -5.26 -10.53 11.00
CA SER A 36 -4.03 -10.83 10.28
C SER A 36 -3.65 -9.68 9.35
N LEU A 37 -2.36 -9.56 9.06
CA LEU A 37 -1.87 -8.51 8.18
C LEU A 37 -1.10 -9.09 6.99
N GLY A 38 -1.20 -8.42 5.85
CA GLY A 38 -0.51 -8.87 4.66
C GLY A 38 0.85 -8.25 4.50
N ARG A 39 0.87 -6.95 4.23
CA ARG A 39 2.12 -6.22 4.05
C ARG A 39 2.25 -5.08 5.05
N VAL A 40 3.48 -4.77 5.45
CA VAL A 40 3.72 -3.70 6.41
C VAL A 40 5.06 -3.02 6.14
N LEU A 41 5.00 -1.73 5.80
CA LEU A 41 6.20 -0.96 5.51
C LEU A 41 6.23 0.33 6.33
N LEU A 42 7.25 0.47 7.16
CA LEU A 42 7.40 1.66 8.00
C LEU A 42 8.83 2.17 7.96
N PRO A 43 9.08 3.20 7.13
CA PRO A 43 10.40 3.80 6.99
C PRO A 43 10.82 4.59 8.23
N GLU A 44 12.12 4.65 8.47
CA GLU A 44 12.65 5.36 9.62
C GLU A 44 12.65 6.87 9.37
N GLY A 45 13.09 7.26 8.18
CA GLY A 45 13.13 8.67 7.83
C GLY A 45 11.77 9.32 7.89
N GLY A 46 10.72 8.52 7.76
CA GLY A 46 9.38 9.05 7.81
C GLY A 46 8.52 8.38 8.86
N ILE A 47 8.11 9.15 9.88
CA ILE A 47 7.29 8.62 10.95
C ILE A 47 6.11 7.83 10.40
N THR A 48 5.53 8.32 9.31
CA THR A 48 4.39 7.66 8.69
C THR A 48 4.64 6.17 8.53
N ALA A 49 3.58 5.37 8.65
CA ALA A 49 3.69 3.93 8.52
C ALA A 49 2.61 3.37 7.59
N ILE A 50 3.00 2.48 6.69
CA ILE A 50 2.06 1.89 5.75
C ILE A 50 1.69 0.47 6.17
N VAL A 51 0.39 0.16 6.13
CA VAL A 51 -0.09 -1.16 6.50
C VAL A 51 -1.16 -1.64 5.53
N GLU A 52 -1.06 -2.91 5.15
CA GLU A 52 -2.03 -3.51 4.22
C GLU A 52 -2.75 -4.67 4.87
N PHE A 53 -4.07 -4.55 5.00
CA PHE A 53 -4.88 -5.60 5.61
C PHE A 53 -5.26 -6.66 4.58
N LEU A 54 -5.10 -7.92 4.95
CA LEU A 54 -5.42 -9.02 4.06
C LEU A 54 -6.90 -9.00 3.68
N GLU A 55 -7.73 -8.45 4.56
CA GLU A 55 -9.16 -8.37 4.31
C GLU A 55 -9.65 -6.93 4.41
N PRO A 56 -10.55 -6.55 3.50
CA PRO A 56 -11.11 -5.19 3.46
C PRO A 56 -12.04 -4.92 4.63
N LEU A 57 -12.84 -5.92 4.99
CA LEU A 57 -13.78 -5.78 6.10
C LEU A 57 -13.04 -5.54 7.41
N GLU A 58 -12.00 -6.33 7.66
CA GLU A 58 -11.21 -6.19 8.87
C GLU A 58 -10.53 -4.84 8.94
N ALA A 59 -9.92 -4.43 7.82
CA ALA A 59 -9.22 -3.15 7.75
C ALA A 59 -10.15 -2.01 8.18
N ARG A 60 -11.37 -2.01 7.66
CA ARG A 60 -12.33 -0.97 7.99
C ARG A 60 -12.62 -0.97 9.49
N LYS A 61 -12.91 -2.14 10.04
CA LYS A 61 -13.21 -2.27 11.47
C LYS A 61 -12.13 -1.59 12.31
N ALA A 62 -10.89 -2.00 12.11
CA ALA A 62 -9.77 -1.42 12.85
C ALA A 62 -9.67 0.08 12.62
N PHE A 63 -9.82 0.50 11.37
CA PHE A 63 -9.74 1.90 11.01
C PHE A 63 -10.63 2.74 11.92
N ARG A 64 -11.85 2.27 12.15
CA ARG A 64 -12.81 2.98 13.00
C ARG A 64 -12.33 2.98 14.45
N HIS A 65 -11.93 1.81 14.94
CA HIS A 65 -11.46 1.69 16.31
C HIS A 65 -10.23 2.55 16.55
N LEU A 66 -9.13 2.19 15.88
CA LEU A 66 -7.88 2.94 16.01
C LEU A 66 -8.10 4.43 15.80
N ALA A 67 -8.91 4.76 14.80
CA ALA A 67 -9.21 6.16 14.49
C ALA A 67 -9.55 6.94 15.76
N TYR A 68 -9.18 8.20 15.78
CA TYR A 68 -9.45 9.06 16.94
C TYR A 68 -8.87 8.45 18.21
N SER A 69 -7.69 7.85 18.07
CA SER A 69 -7.02 7.23 19.22
C SER A 69 -5.57 7.71 19.33
N LYS A 70 -4.96 7.46 20.47
CA LYS A 70 -3.58 7.86 20.71
C LYS A 70 -2.66 6.65 20.83
N PHE A 71 -1.53 6.70 20.14
CA PHE A 71 -0.57 5.60 20.16
C PHE A 71 0.26 5.64 21.44
N HIS A 72 1.18 6.59 21.52
CA HIS A 72 2.04 6.73 22.70
C HIS A 72 1.82 8.08 23.37
N HIS A 73 2.30 9.15 22.73
CA HIS A 73 2.16 10.49 23.27
C HIS A 73 1.48 11.41 22.27
N VAL A 74 1.44 10.99 21.01
CA VAL A 74 0.81 11.77 19.95
C VAL A 74 -0.41 11.05 19.38
N PRO A 75 -1.35 11.84 18.84
CA PRO A 75 -2.58 11.30 18.24
C PRO A 75 -2.32 10.55 16.94
N LEU A 76 -3.01 9.43 16.76
CA LEU A 76 -2.84 8.63 15.55
C LEU A 76 -3.75 9.13 14.43
N TYR A 77 -3.16 9.42 13.28
CA TYR A 77 -3.93 9.91 12.14
C TYR A 77 -3.94 8.88 11.01
N LEU A 78 -5.04 8.16 10.90
CA LEU A 78 -5.19 7.13 9.87
C LEU A 78 -5.80 7.72 8.60
N GLU A 79 -5.12 7.52 7.48
CA GLU A 79 -5.59 8.04 6.20
C GLU A 79 -5.57 6.95 5.13
N TRP A 80 -6.73 6.67 4.55
CA TRP A 80 -6.84 5.65 3.52
C TRP A 80 -5.78 5.85 2.44
N ALA A 81 -5.37 4.74 1.81
CA ALA A 81 -4.36 4.81 0.77
C ALA A 81 -4.95 4.43 -0.59
N PRO A 82 -4.49 5.10 -1.65
CA PRO A 82 -4.95 4.86 -3.02
C PRO A 82 -4.50 3.51 -3.55
N ILE A 83 -5.21 3.00 -4.55
CA ILE A 83 -4.88 1.72 -5.16
C ILE A 83 -3.55 1.79 -5.89
N GLY A 84 -3.10 3.00 -6.20
CA GLY A 84 -1.84 3.17 -6.89
C GLY A 84 -0.65 3.01 -5.98
N VAL A 85 -0.86 3.18 -4.68
CA VAL A 85 0.20 3.05 -3.70
C VAL A 85 1.08 1.82 -4.00
N PHE A 86 0.43 0.70 -4.29
CA PHE A 86 1.16 -0.53 -4.60
C PHE A 86 1.39 -0.67 -6.10
N GLY A 87 0.40 -0.24 -6.89
CA GLY A 87 0.52 -0.32 -8.33
C GLY A 87 0.26 -1.72 -8.86
N ALA A 88 0.25 -1.86 -10.18
CA ALA A 88 0.01 -3.17 -10.81
C ALA A 88 1.26 -4.02 -10.77
N ALA A 89 1.14 -5.26 -11.26
CA ALA A 89 2.26 -6.19 -11.29
C ALA A 89 2.47 -6.75 -12.69
N PRO A 90 3.75 -6.97 -13.05
CA PRO A 90 4.11 -7.52 -14.37
C PRO A 90 3.71 -8.98 -14.52
N GLN A 91 2.93 -9.26 -15.57
CA GLN A 91 2.47 -10.62 -15.82
C GLN A 91 3.61 -11.48 -16.37
N LYS A 92 3.72 -12.71 -15.85
CA LYS A 92 4.76 -13.64 -16.28
C LYS A 92 4.39 -14.30 -17.61
N LYS A 93 3.14 -14.71 -17.72
CA LYS A 93 2.65 -15.36 -18.93
C LYS A 93 3.05 -14.57 -20.17
N ASP A 94 2.95 -13.24 -20.07
CA ASP A 94 3.31 -12.37 -21.19
C ASP A 94 4.62 -12.80 -21.82
N SER A 95 5.56 -13.24 -20.99
CA SER A 95 6.86 -13.68 -21.47
C SER A 95 6.74 -14.99 -22.25
N GLN A 96 5.93 -15.91 -21.74
CA GLN A 96 5.72 -17.20 -22.39
C GLN A 96 5.43 -17.01 -23.88
N HIS A 97 4.48 -16.13 -24.18
CA HIS A 97 4.10 -15.87 -25.57
C HIS A 97 5.34 -15.74 -26.46
N GLU A 98 6.42 -15.22 -25.87
CA GLU A 98 7.66 -15.04 -26.61
C GLU A 98 7.87 -16.18 -27.60
N GLN A 99 8.11 -15.82 -28.86
CA GLN A 99 8.34 -16.81 -29.91
C GLN A 99 9.81 -16.88 -30.29
N PRO A 100 10.40 -18.08 -30.17
CA PRO A 100 11.81 -18.30 -30.50
C PRO A 100 12.08 -18.22 -31.99
N ALA A 101 13.25 -17.71 -32.34
CA ALA A 101 13.63 -17.57 -33.75
C ALA A 101 14.47 -18.77 -34.20
N GLU A 102 15.06 -19.47 -33.25
CA GLU A 102 15.90 -20.63 -33.55
C GLU A 102 15.19 -21.56 -34.54
N LYS A 103 13.89 -21.75 -34.33
CA LYS A 103 13.11 -22.62 -35.20
C LYS A 103 13.31 -22.25 -36.67
N ALA A 104 13.25 -20.96 -36.96
CA ALA A 104 13.42 -20.47 -38.32
C ALA A 104 14.74 -20.97 -38.92
N GLU A 105 15.81 -20.85 -38.14
CA GLU A 105 17.13 -21.29 -38.59
C GLU A 105 17.06 -22.67 -39.23
N SER A 106 16.30 -23.57 -38.61
CA SER A 106 16.15 -24.93 -39.12
C SER A 106 15.92 -24.92 -40.63
N GLY A 107 16.96 -25.27 -41.38
CA GLY A 107 16.86 -25.29 -42.83
C GLY A 107 17.80 -26.30 -43.46
N PRO A 108 18.02 -26.16 -44.78
CA PRO A 108 18.90 -27.05 -45.53
C PRO A 108 20.37 -26.85 -45.17
N SER A 109 21.17 -27.91 -45.32
CA SER A 109 22.59 -27.85 -45.02
C SER A 109 23.42 -27.73 -46.29
N SER A 110 23.25 -28.69 -47.19
CA SER A 110 23.98 -28.70 -48.45
C SER A 110 24.21 -27.28 -48.95
N GLY A 111 25.34 -27.08 -49.62
CA GLY A 111 25.66 -25.77 -50.15
C GLY A 111 26.92 -25.76 -50.99
N GLY A 1 -20.20 0.51 -4.43
CA GLY A 1 -20.03 -0.54 -5.41
C GLY A 1 -18.80 -0.34 -6.28
N SER A 2 -18.86 0.66 -7.16
CA SER A 2 -17.75 0.96 -8.05
C SER A 2 -17.04 2.24 -7.63
N SER A 3 -17.82 3.30 -7.44
CA SER A 3 -17.27 4.59 -7.03
C SER A 3 -16.24 4.42 -5.92
N GLY A 4 -16.59 3.62 -4.91
CA GLY A 4 -15.68 3.39 -3.80
C GLY A 4 -14.35 2.83 -4.25
N SER A 5 -14.35 1.58 -4.69
CA SER A 5 -13.12 0.93 -5.15
C SER A 5 -12.29 1.87 -6.01
N SER A 6 -12.93 2.43 -7.04
CA SER A 6 -12.25 3.35 -7.95
C SER A 6 -11.49 4.42 -7.17
N GLY A 7 -12.11 4.90 -6.09
CA GLY A 7 -11.49 5.93 -5.27
C GLY A 7 -10.20 5.45 -4.62
N ARG A 8 -10.23 5.34 -3.29
CA ARG A 8 -9.06 4.89 -2.55
C ARG A 8 -9.18 3.41 -2.18
N SER A 9 -8.09 2.85 -1.65
CA SER A 9 -8.08 1.44 -1.26
C SER A 9 -8.63 1.26 0.15
N LYS A 10 -9.24 0.11 0.39
CA LYS A 10 -9.82 -0.19 1.70
C LYS A 10 -8.94 -1.16 2.47
N THR A 11 -8.02 -1.81 1.76
CA THR A 11 -7.11 -2.78 2.38
C THR A 11 -5.78 -2.11 2.74
N VAL A 12 -5.51 -0.95 2.15
CA VAL A 12 -4.28 -0.21 2.42
C VAL A 12 -4.56 1.09 3.14
N ILE A 13 -4.00 1.22 4.35
CA ILE A 13 -4.19 2.42 5.14
C ILE A 13 -2.86 3.09 5.46
N LEU A 14 -2.82 4.41 5.37
CA LEU A 14 -1.60 5.17 5.65
C LEU A 14 -1.69 5.85 7.01
N ALA A 15 -0.75 5.50 7.89
CA ALA A 15 -0.72 6.08 9.23
C ALA A 15 0.20 7.30 9.27
N LYS A 16 -0.22 8.32 10.03
CA LYS A 16 0.55 9.54 10.16
C LYS A 16 0.57 10.02 11.60
N ASN A 17 1.48 10.96 11.90
CA ASN A 17 1.60 11.50 13.25
C ASN A 17 2.05 10.43 14.23
N LEU A 18 3.17 9.77 13.90
CA LEU A 18 3.70 8.71 14.76
C LEU A 18 5.04 9.14 15.37
N PRO A 19 5.25 8.76 16.64
CA PRO A 19 6.49 9.08 17.35
C PRO A 19 7.71 8.33 16.81
N ALA A 20 8.87 8.98 16.85
CA ALA A 20 10.09 8.37 16.36
C ALA A 20 10.34 7.01 17.02
N GLY A 21 9.71 6.80 18.17
CA GLY A 21 9.88 5.55 18.88
C GLY A 21 9.18 4.39 18.19
N THR A 22 8.12 4.70 17.46
CA THR A 22 7.36 3.68 16.74
C THR A 22 8.27 2.86 15.84
N LEU A 23 7.93 1.59 15.65
CA LEU A 23 8.71 0.69 14.81
C LEU A 23 7.80 -0.22 14.00
N ALA A 24 8.31 -0.70 12.87
CA ALA A 24 7.55 -1.60 12.00
C ALA A 24 6.90 -2.72 12.80
N ALA A 25 7.65 -3.26 13.76
CA ALA A 25 7.15 -4.34 14.59
C ALA A 25 6.02 -3.86 15.51
N GLU A 26 6.28 -2.77 16.21
CA GLU A 26 5.29 -2.19 17.12
C GLU A 26 3.93 -2.06 16.43
N ILE A 27 3.93 -1.39 15.28
CA ILE A 27 2.70 -1.18 14.52
C ILE A 27 2.10 -2.51 14.08
N GLN A 28 2.83 -3.24 13.24
CA GLN A 28 2.35 -4.53 12.75
C GLN A 28 1.59 -5.28 13.83
N GLU A 29 2.18 -5.36 15.03
CA GLU A 29 1.56 -6.05 16.15
C GLU A 29 0.32 -5.30 16.62
N THR A 30 0.49 -4.03 16.95
CA THR A 30 -0.62 -3.21 17.43
C THR A 30 -1.85 -3.38 16.55
N PHE A 31 -1.66 -3.27 15.23
CA PHE A 31 -2.75 -3.42 14.29
C PHE A 31 -3.17 -4.88 14.16
N SER A 32 -2.19 -5.77 14.07
CA SER A 32 -2.45 -7.20 13.94
C SER A 32 -3.39 -7.68 15.04
N ARG A 33 -3.33 -7.02 16.19
CA ARG A 33 -4.18 -7.38 17.32
C ARG A 33 -5.62 -7.59 16.87
N PHE A 34 -6.05 -6.81 15.90
CA PHE A 34 -7.42 -6.92 15.37
C PHE A 34 -7.54 -8.11 14.42
N GLY A 35 -6.57 -8.25 13.53
CA GLY A 35 -6.59 -9.34 12.58
C GLY A 35 -5.27 -9.48 11.83
N SER A 36 -5.12 -10.59 11.12
CA SER A 36 -3.91 -10.86 10.36
C SER A 36 -3.60 -9.71 9.40
N LEU A 37 -2.37 -9.24 9.43
CA LEU A 37 -1.95 -8.14 8.56
C LEU A 37 -1.22 -8.67 7.32
N GLY A 38 -1.14 -7.84 6.30
CA GLY A 38 -0.47 -8.24 5.07
C GLY A 38 0.85 -7.50 4.86
N ARG A 39 0.86 -6.56 3.94
CA ARG A 39 2.07 -5.79 3.64
C ARG A 39 2.26 -4.67 4.66
N VAL A 40 3.37 -4.72 5.39
CA VAL A 40 3.66 -3.70 6.39
C VAL A 40 4.97 -2.99 6.08
N LEU A 41 4.86 -1.73 5.68
CA LEU A 41 6.04 -0.92 5.35
C LEU A 41 6.09 0.35 6.19
N LEU A 42 7.03 0.41 7.11
CA LEU A 42 7.18 1.57 7.97
C LEU A 42 8.65 2.01 8.05
N PRO A 43 9.01 3.03 7.26
CA PRO A 43 10.37 3.56 7.23
C PRO A 43 10.74 4.30 8.50
N GLU A 44 12.03 4.30 8.83
CA GLU A 44 12.51 4.97 10.04
C GLU A 44 12.66 6.48 9.80
N GLY A 45 13.15 6.84 8.62
CA GLY A 45 13.33 8.24 8.28
C GLY A 45 12.01 8.99 8.21
N GLY A 46 10.91 8.25 8.12
CA GLY A 46 9.60 8.87 8.05
C GLY A 46 8.61 8.25 9.02
N ILE A 47 8.14 9.05 9.98
CA ILE A 47 7.19 8.56 10.97
C ILE A 47 6.02 7.85 10.29
N THR A 48 5.72 8.25 9.05
CA THR A 48 4.62 7.64 8.31
C THR A 48 4.76 6.14 8.24
N ALA A 49 3.64 5.44 8.36
CA ALA A 49 3.64 3.97 8.31
C ALA A 49 2.58 3.46 7.34
N ILE A 50 2.92 2.40 6.60
CA ILE A 50 2.00 1.82 5.64
C ILE A 50 1.60 0.40 6.05
N VAL A 51 0.30 0.14 6.07
CA VAL A 51 -0.20 -1.17 6.44
C VAL A 51 -1.23 -1.68 5.42
N GLU A 52 -1.04 -2.92 4.97
CA GLU A 52 -1.95 -3.52 4.00
C GLU A 52 -2.67 -4.72 4.59
N PHE A 53 -3.89 -4.49 5.06
CA PHE A 53 -4.70 -5.57 5.66
C PHE A 53 -5.05 -6.63 4.62
N LEU A 54 -5.02 -7.89 5.04
CA LEU A 54 -5.34 -8.99 4.14
C LEU A 54 -6.81 -9.01 3.79
N GLU A 55 -7.62 -8.43 4.67
CA GLU A 55 -9.07 -8.37 4.46
C GLU A 55 -9.58 -6.94 4.56
N PRO A 56 -10.49 -6.57 3.65
CA PRO A 56 -11.08 -5.22 3.62
C PRO A 56 -12.01 -4.97 4.79
N LEU A 57 -12.84 -5.96 5.10
CA LEU A 57 -13.79 -5.84 6.21
C LEU A 57 -13.06 -5.59 7.52
N GLU A 58 -12.07 -6.42 7.82
CA GLU A 58 -11.30 -6.29 9.04
C GLU A 58 -10.59 -4.94 9.10
N ALA A 59 -9.97 -4.55 7.97
CA ALA A 59 -9.27 -3.29 7.90
C ALA A 59 -10.16 -2.12 8.32
N ARG A 60 -11.40 -2.13 7.83
CA ARG A 60 -12.35 -1.07 8.15
C ARG A 60 -12.63 -1.05 9.65
N LYS A 61 -12.95 -2.21 10.21
CA LYS A 61 -13.24 -2.31 11.64
C LYS A 61 -12.15 -1.64 12.47
N ALA A 62 -10.92 -2.11 12.31
CA ALA A 62 -9.79 -1.55 13.04
C ALA A 62 -9.62 -0.07 12.73
N PHE A 63 -9.57 0.26 11.45
CA PHE A 63 -9.40 1.64 11.01
C PHE A 63 -10.27 2.58 11.85
N ARG A 64 -11.56 2.25 11.96
CA ARG A 64 -12.48 3.06 12.73
C ARG A 64 -12.06 3.14 14.20
N HIS A 65 -11.85 1.99 14.81
CA HIS A 65 -11.45 1.92 16.20
C HIS A 65 -10.22 2.80 16.45
N LEU A 66 -9.10 2.42 15.86
CA LEU A 66 -7.85 3.17 16.01
C LEU A 66 -8.08 4.66 15.80
N ALA A 67 -8.80 4.99 14.72
CA ALA A 67 -9.10 6.38 14.40
C ALA A 67 -9.53 7.15 15.65
N TYR A 68 -9.06 8.38 15.76
CA TYR A 68 -9.40 9.23 16.91
C TYR A 68 -8.90 8.60 18.21
N SER A 69 -7.76 7.93 18.13
CA SER A 69 -7.17 7.28 19.29
C SER A 69 -5.69 7.64 19.42
N LYS A 70 -5.17 7.55 20.64
CA LYS A 70 -3.77 7.86 20.90
C LYS A 70 -2.94 6.58 21.02
N PHE A 71 -1.94 6.44 20.17
CA PHE A 71 -1.07 5.27 20.18
C PHE A 71 -0.18 5.27 21.41
N HIS A 72 0.81 6.17 21.42
CA HIS A 72 1.75 6.27 22.53
C HIS A 72 1.57 7.60 23.26
N HIS A 73 2.05 8.68 22.65
CA HIS A 73 1.94 10.00 23.24
C HIS A 73 1.27 10.98 22.28
N VAL A 74 1.16 10.57 21.02
CA VAL A 74 0.54 11.41 19.99
C VAL A 74 -0.67 10.71 19.37
N PRO A 75 -1.61 11.51 18.86
CA PRO A 75 -2.83 11.00 18.23
C PRO A 75 -2.56 10.33 16.89
N LEU A 76 -3.07 9.11 16.73
CA LEU A 76 -2.87 8.36 15.50
C LEU A 76 -3.72 8.93 14.36
N TYR A 77 -3.08 9.23 13.24
CA TYR A 77 -3.78 9.79 12.09
C TYR A 77 -3.79 8.80 10.94
N LEU A 78 -4.92 8.13 10.75
CA LEU A 78 -5.05 7.15 9.67
C LEU A 78 -5.67 7.78 8.44
N GLU A 79 -5.12 7.46 7.27
CA GLU A 79 -5.63 8.00 6.01
C GLU A 79 -5.63 6.93 4.92
N TRP A 80 -6.79 6.69 4.34
CA TRP A 80 -6.92 5.69 3.27
C TRP A 80 -5.90 5.94 2.17
N ALA A 81 -5.22 4.87 1.76
CA ALA A 81 -4.21 4.97 0.71
C ALA A 81 -4.83 4.73 -0.66
N PRO A 82 -4.38 5.50 -1.66
CA PRO A 82 -4.88 5.38 -3.04
C PRO A 82 -4.43 4.10 -3.71
N ILE A 83 -5.28 3.56 -4.57
CA ILE A 83 -4.97 2.32 -5.28
C ILE A 83 -3.70 2.47 -6.11
N GLY A 84 -3.28 3.71 -6.31
CA GLY A 84 -2.07 3.96 -7.09
C GLY A 84 -0.81 3.60 -6.33
N VAL A 85 -0.88 3.66 -5.00
CA VAL A 85 0.26 3.33 -4.16
C VAL A 85 0.89 2.01 -4.56
N PHE A 86 0.05 1.01 -4.80
CA PHE A 86 0.53 -0.31 -5.21
C PHE A 86 0.48 -0.47 -6.73
N GLY A 87 -0.63 -0.04 -7.33
CA GLY A 87 -0.77 -0.14 -8.77
C GLY A 87 0.12 0.83 -9.52
N ALA A 88 0.00 0.86 -10.84
CA ALA A 88 0.80 1.75 -11.66
C ALA A 88 0.10 2.06 -12.98
N ALA A 89 0.45 3.18 -13.59
CA ALA A 89 -0.15 3.59 -14.85
C ALA A 89 -0.14 2.44 -15.86
N PRO A 90 -1.20 2.36 -16.67
CA PRO A 90 -1.33 1.32 -17.69
C PRO A 90 -0.34 1.49 -18.84
N GLN A 91 -0.53 0.72 -19.91
CA GLN A 91 0.35 0.80 -21.06
C GLN A 91 -0.45 1.09 -22.34
N LYS A 92 -1.38 2.04 -22.23
CA LYS A 92 -2.20 2.43 -23.36
C LYS A 92 -1.54 3.54 -24.17
N LYS A 93 -1.19 4.63 -23.50
CA LYS A 93 -0.54 5.75 -24.16
C LYS A 93 0.59 5.28 -25.07
N ASP A 94 1.23 4.19 -24.69
CA ASP A 94 2.32 3.63 -25.48
C ASP A 94 1.92 3.47 -26.94
N SER A 95 0.69 3.05 -27.16
CA SER A 95 0.18 2.86 -28.51
C SER A 95 0.53 4.04 -29.41
N GLN A 96 0.56 5.24 -28.80
CA GLN A 96 0.89 6.45 -29.54
C GLN A 96 2.40 6.63 -29.67
N HIS A 97 3.10 6.47 -28.54
CA HIS A 97 4.55 6.61 -28.53
C HIS A 97 5.17 5.99 -29.78
N GLU A 98 4.56 4.93 -30.28
CA GLU A 98 5.05 4.25 -31.47
C GLU A 98 5.58 5.25 -32.49
N GLN A 99 6.83 5.09 -32.88
CA GLN A 99 7.45 5.98 -33.85
C GLN A 99 6.44 6.46 -34.88
N PRO A 100 5.88 7.65 -34.66
CA PRO A 100 4.89 8.25 -35.56
C PRO A 100 5.50 8.66 -36.89
N ALA A 101 4.64 8.93 -37.87
CA ALA A 101 5.09 9.34 -39.19
C ALA A 101 5.15 10.86 -39.31
N GLU A 102 4.10 11.52 -38.83
CA GLU A 102 4.04 12.98 -38.88
C GLU A 102 5.28 13.60 -38.25
N LYS A 103 5.62 13.16 -37.04
CA LYS A 103 6.78 13.67 -36.33
C LYS A 103 7.96 13.85 -37.29
N ALA A 104 8.29 12.79 -38.02
CA ALA A 104 9.39 12.83 -38.97
C ALA A 104 9.44 14.16 -39.71
N GLU A 105 8.27 14.65 -40.11
CA GLU A 105 8.17 15.93 -40.83
C GLU A 105 8.90 17.03 -40.06
N SER A 106 8.64 17.10 -38.76
CA SER A 106 9.26 18.12 -37.91
C SER A 106 10.68 18.41 -38.39
N GLY A 107 10.96 19.68 -38.66
CA GLY A 107 12.28 20.08 -39.11
C GLY A 107 12.54 21.55 -38.92
N PRO A 108 13.75 22.00 -39.29
CA PRO A 108 14.15 23.40 -39.16
C PRO A 108 13.41 24.31 -40.15
N SER A 109 13.45 25.61 -39.89
CA SER A 109 12.78 26.59 -40.75
C SER A 109 13.79 27.27 -41.67
N SER A 110 14.93 27.67 -41.11
CA SER A 110 15.96 28.33 -41.89
C SER A 110 15.38 29.49 -42.70
N GLY A 111 14.54 30.30 -42.05
CA GLY A 111 13.92 31.43 -42.73
C GLY A 111 14.64 32.73 -42.44
N GLY A 1 -16.80 9.28 5.08
CA GLY A 1 -16.87 9.49 3.65
C GLY A 1 -17.20 8.22 2.89
N SER A 2 -18.43 8.11 2.43
CA SER A 2 -18.88 6.93 1.69
C SER A 2 -18.14 6.83 0.35
N SER A 3 -18.06 7.94 -0.37
CA SER A 3 -17.38 7.97 -1.65
C SER A 3 -15.88 8.10 -1.48
N GLY A 4 -15.45 9.04 -0.64
CA GLY A 4 -14.04 9.24 -0.39
C GLY A 4 -13.34 7.98 0.08
N SER A 5 -13.73 7.50 1.25
CA SER A 5 -13.14 6.29 1.81
C SER A 5 -13.25 5.13 0.84
N SER A 6 -14.47 4.87 0.38
CA SER A 6 -14.71 3.78 -0.57
C SER A 6 -13.70 3.79 -1.71
N GLY A 7 -13.64 4.92 -2.40
CA GLY A 7 -12.71 5.05 -3.51
C GLY A 7 -11.35 4.48 -3.20
N ARG A 8 -10.66 5.09 -2.24
CA ARG A 8 -9.34 4.63 -1.85
C ARG A 8 -9.35 3.14 -1.50
N SER A 9 -8.19 2.50 -1.60
CA SER A 9 -8.06 1.08 -1.30
C SER A 9 -8.82 0.73 -0.01
N LYS A 10 -9.24 -0.53 0.09
CA LYS A 10 -9.97 -1.00 1.26
C LYS A 10 -9.10 -1.92 2.11
N THR A 11 -7.99 -2.38 1.53
CA THR A 11 -7.08 -3.27 2.23
C THR A 11 -5.74 -2.60 2.47
N VAL A 12 -5.72 -1.27 2.41
CA VAL A 12 -4.49 -0.51 2.63
C VAL A 12 -4.79 0.82 3.29
N ILE A 13 -4.06 1.11 4.37
CA ILE A 13 -4.24 2.36 5.10
C ILE A 13 -2.90 3.03 5.39
N LEU A 14 -2.90 4.35 5.43
CA LEU A 14 -1.68 5.11 5.70
C LEU A 14 -1.74 5.76 7.08
N ALA A 15 -0.74 5.49 7.90
CA ALA A 15 -0.67 6.05 9.24
C ALA A 15 0.28 7.24 9.30
N LYS A 16 -0.09 8.27 10.05
CA LYS A 16 0.73 9.46 10.19
C LYS A 16 0.74 9.95 11.63
N ASN A 17 1.61 10.91 11.91
CA ASN A 17 1.73 11.47 13.26
C ASN A 17 2.16 10.40 14.26
N LEU A 18 3.23 9.69 13.92
CA LEU A 18 3.76 8.64 14.78
C LEU A 18 5.08 9.06 15.41
N PRO A 19 5.29 8.68 16.68
CA PRO A 19 6.51 9.00 17.42
C PRO A 19 7.72 8.25 16.89
N ALA A 20 8.86 8.94 16.80
CA ALA A 20 10.09 8.33 16.32
C ALA A 20 10.37 7.02 17.04
N GLY A 21 9.80 6.86 18.23
CA GLY A 21 10.01 5.65 19.00
C GLY A 21 9.37 4.44 18.36
N THR A 22 8.21 4.64 17.73
CA THR A 22 7.50 3.56 17.07
C THR A 22 8.45 2.68 16.26
N LEU A 23 8.00 1.49 15.90
CA LEU A 23 8.80 0.56 15.12
C LEU A 23 7.93 -0.33 14.26
N ALA A 24 8.40 -0.63 13.05
CA ALA A 24 7.66 -1.48 12.13
C ALA A 24 6.95 -2.62 12.87
N ALA A 25 7.61 -3.13 13.91
CA ALA A 25 7.05 -4.22 14.70
C ALA A 25 5.86 -3.73 15.52
N GLU A 26 6.04 -2.63 16.24
CA GLU A 26 4.99 -2.06 17.06
C GLU A 26 3.70 -1.88 16.26
N ILE A 27 3.81 -1.18 15.13
CA ILE A 27 2.66 -0.94 14.27
C ILE A 27 2.07 -2.24 13.76
N GLN A 28 2.89 -3.02 13.07
CA GLN A 28 2.44 -4.30 12.51
C GLN A 28 1.62 -5.07 13.54
N GLU A 29 2.20 -5.30 14.72
CA GLU A 29 1.52 -6.03 15.77
C GLU A 29 0.28 -5.27 16.26
N THR A 30 0.51 -4.04 16.73
CA THR A 30 -0.59 -3.21 17.22
C THR A 30 -1.82 -3.33 16.34
N PHE A 31 -1.62 -3.18 15.03
CA PHE A 31 -2.71 -3.28 14.08
C PHE A 31 -3.18 -4.73 13.92
N SER A 32 -2.22 -5.63 13.72
CA SER A 32 -2.53 -7.05 13.55
C SER A 32 -3.46 -7.53 14.65
N ARG A 33 -3.29 -6.97 15.86
CA ARG A 33 -4.11 -7.35 16.99
C ARG A 33 -5.58 -7.48 16.59
N PHE A 34 -6.03 -6.58 15.72
CA PHE A 34 -7.41 -6.60 15.26
C PHE A 34 -7.66 -7.78 14.32
N GLY A 35 -6.77 -7.93 13.33
CA GLY A 35 -6.91 -9.01 12.37
C GLY A 35 -5.61 -9.33 11.67
N SER A 36 -5.58 -10.44 10.95
CA SER A 36 -4.39 -10.87 10.23
C SER A 36 -3.98 -9.83 9.19
N LEU A 37 -2.75 -9.35 9.30
CA LEU A 37 -2.24 -8.35 8.37
C LEU A 37 -1.47 -9.01 7.22
N GLY A 38 -1.25 -8.26 6.15
CA GLY A 38 -0.53 -8.79 5.01
C GLY A 38 0.86 -8.17 4.86
N ARG A 39 0.90 -6.94 4.34
CA ARG A 39 2.16 -6.24 4.14
C ARG A 39 2.27 -5.05 5.07
N VAL A 40 3.49 -4.74 5.50
CA VAL A 40 3.73 -3.61 6.40
C VAL A 40 5.05 -2.93 6.07
N LEU A 41 4.99 -1.62 5.82
CA LEU A 41 6.18 -0.84 5.49
C LEU A 41 6.22 0.45 6.30
N LEU A 42 7.10 0.49 7.30
CA LEU A 42 7.25 1.67 8.14
C LEU A 42 8.69 2.17 8.15
N PRO A 43 8.97 3.19 7.32
CA PRO A 43 10.30 3.78 7.22
C PRO A 43 10.70 4.54 8.47
N GLU A 44 12.00 4.56 8.77
CA GLU A 44 12.51 5.26 9.94
C GLU A 44 12.57 6.76 9.68
N GLY A 45 13.08 7.14 8.53
CA GLY A 45 13.18 8.55 8.19
C GLY A 45 11.85 9.27 8.27
N GLY A 46 10.77 8.54 7.99
CA GLY A 46 9.44 9.13 8.04
C GLY A 46 8.52 8.42 9.00
N ILE A 47 8.11 9.11 10.05
CA ILE A 47 7.21 8.53 11.05
C ILE A 47 6.06 7.78 10.40
N THR A 48 5.69 8.21 9.20
CA THR A 48 4.61 7.58 8.46
C THR A 48 4.79 6.07 8.40
N ALA A 49 3.69 5.34 8.56
CA ALA A 49 3.72 3.89 8.51
C ALA A 49 2.64 3.33 7.60
N ILE A 50 3.05 2.53 6.62
CA ILE A 50 2.11 1.93 5.67
C ILE A 50 1.73 0.52 6.10
N VAL A 51 0.42 0.26 6.15
CA VAL A 51 -0.08 -1.05 6.55
C VAL A 51 -1.06 -1.59 5.51
N GLU A 52 -0.96 -2.90 5.25
CA GLU A 52 -1.83 -3.55 4.28
C GLU A 52 -2.53 -4.74 4.89
N PHE A 53 -3.85 -4.64 5.05
CA PHE A 53 -4.64 -5.72 5.63
C PHE A 53 -4.96 -6.77 4.58
N LEU A 54 -5.13 -8.01 5.03
CA LEU A 54 -5.44 -9.12 4.13
C LEU A 54 -6.94 -9.20 3.86
N GLU A 55 -7.71 -8.37 4.56
CA GLU A 55 -9.16 -8.35 4.39
C GLU A 55 -9.70 -6.92 4.49
N PRO A 56 -10.63 -6.58 3.59
CA PRO A 56 -11.25 -5.25 3.54
C PRO A 56 -12.16 -5.00 4.75
N LEU A 57 -12.89 -6.02 5.16
CA LEU A 57 -13.80 -5.91 6.29
C LEU A 57 -13.03 -5.61 7.58
N GLU A 58 -12.00 -6.42 7.85
CA GLU A 58 -11.19 -6.25 9.05
C GLU A 58 -10.49 -4.89 9.03
N ALA A 59 -10.00 -4.49 7.86
CA ALA A 59 -9.31 -3.22 7.72
C ALA A 59 -10.19 -2.07 8.17
N ARG A 60 -11.42 -2.02 7.66
CA ARG A 60 -12.36 -0.96 8.02
C ARG A 60 -12.59 -0.94 9.52
N LYS A 61 -12.89 -2.10 10.09
CA LYS A 61 -13.13 -2.21 11.53
C LYS A 61 -12.03 -1.54 12.33
N ALA A 62 -10.79 -1.97 12.08
CA ALA A 62 -9.63 -1.40 12.78
C ALA A 62 -9.56 0.11 12.57
N PHE A 63 -9.67 0.54 11.32
CA PHE A 63 -9.61 1.96 10.99
C PHE A 63 -10.52 2.77 11.91
N ARG A 64 -11.74 2.28 12.09
CA ARG A 64 -12.72 2.96 12.94
C ARG A 64 -12.21 3.04 14.39
N HIS A 65 -11.75 1.91 14.91
CA HIS A 65 -11.24 1.85 16.27
C HIS A 65 -10.02 2.74 16.43
N LEU A 66 -8.89 2.32 15.86
CA LEU A 66 -7.66 3.09 15.95
C LEU A 66 -7.92 4.56 15.67
N ALA A 67 -8.96 4.84 14.90
CA ALA A 67 -9.31 6.22 14.57
C ALA A 67 -9.78 6.98 15.81
N TYR A 68 -9.32 8.22 15.94
CA TYR A 68 -9.69 9.06 17.07
C TYR A 68 -9.03 8.56 18.36
N SER A 69 -7.84 8.00 18.21
CA SER A 69 -7.10 7.48 19.35
C SER A 69 -5.61 7.81 19.25
N LYS A 70 -4.88 7.58 20.33
CA LYS A 70 -3.45 7.86 20.35
C LYS A 70 -2.65 6.56 20.54
N PHE A 71 -1.49 6.49 19.88
CA PHE A 71 -0.64 5.32 19.97
C PHE A 71 0.16 5.32 21.26
N HIS A 72 1.15 6.20 21.34
CA HIS A 72 1.99 6.31 22.53
C HIS A 72 1.68 7.59 23.29
N HIS A 73 2.12 8.72 22.75
CA HIS A 73 1.90 10.02 23.37
C HIS A 73 1.27 11.00 22.39
N VAL A 74 1.18 10.59 21.12
CA VAL A 74 0.61 11.43 20.09
C VAL A 74 -0.62 10.77 19.46
N PRO A 75 -1.53 11.61 18.92
CA PRO A 75 -2.75 11.13 18.29
C PRO A 75 -2.48 10.41 16.97
N LEU A 76 -3.02 9.20 16.84
CA LEU A 76 -2.84 8.42 15.62
C LEU A 76 -3.65 9.00 14.48
N TYR A 77 -2.96 9.37 13.40
CA TYR A 77 -3.62 9.93 12.23
C TYR A 77 -3.67 8.93 11.08
N LEU A 78 -4.83 8.31 10.90
CA LEU A 78 -5.01 7.32 9.84
C LEU A 78 -5.59 7.97 8.59
N GLU A 79 -5.13 7.51 7.43
CA GLU A 79 -5.60 8.04 6.16
C GLU A 79 -5.60 6.96 5.08
N TRP A 80 -6.79 6.52 4.69
CA TRP A 80 -6.93 5.49 3.67
C TRP A 80 -5.91 5.68 2.56
N ALA A 81 -5.44 4.58 1.99
CA ALA A 81 -4.46 4.63 0.92
C ALA A 81 -5.13 4.52 -0.45
N PRO A 82 -4.59 5.25 -1.43
CA PRO A 82 -5.12 5.25 -2.80
C PRO A 82 -4.88 3.93 -3.52
N ILE A 83 -5.23 3.88 -4.80
CA ILE A 83 -5.06 2.68 -5.60
C ILE A 83 -3.70 2.67 -6.29
N GLY A 84 -3.08 3.85 -6.36
CA GLY A 84 -1.77 3.95 -7.00
C GLY A 84 -0.63 3.59 -6.07
N VAL A 85 -0.92 3.58 -4.77
CA VAL A 85 0.09 3.25 -3.77
C VAL A 85 0.80 1.94 -4.12
N PHE A 86 0.02 0.89 -4.32
CA PHE A 86 0.56 -0.42 -4.65
C PHE A 86 0.61 -0.62 -6.16
N GLY A 87 -0.45 -0.18 -6.84
CA GLY A 87 -0.51 -0.32 -8.28
C GLY A 87 0.84 -0.13 -8.94
N ALA A 88 1.19 -1.03 -9.86
CA ALA A 88 2.46 -0.95 -10.56
C ALA A 88 2.55 -2.02 -11.64
N ALA A 89 3.28 -1.72 -12.72
CA ALA A 89 3.45 -2.66 -13.81
C ALA A 89 4.92 -2.78 -14.21
N PRO A 90 5.33 -4.00 -14.58
CA PRO A 90 6.72 -4.28 -14.99
C PRO A 90 7.07 -3.63 -16.33
N GLN A 91 8.33 -3.76 -16.73
CA GLN A 91 8.79 -3.19 -18.00
C GLN A 91 9.32 -4.28 -18.92
N LYS A 92 8.43 -5.15 -19.38
CA LYS A 92 8.82 -6.24 -20.27
C LYS A 92 8.78 -5.79 -21.72
N LYS A 93 7.73 -5.06 -22.09
CA LYS A 93 7.59 -4.57 -23.45
C LYS A 93 8.92 -4.08 -24.01
N ASP A 94 9.69 -3.39 -23.17
CA ASP A 94 10.99 -2.89 -23.59
C ASP A 94 11.73 -3.91 -24.44
N SER A 95 11.69 -5.17 -24.02
CA SER A 95 12.35 -6.25 -24.73
C SER A 95 12.00 -6.21 -26.22
N GLN A 96 10.71 -6.12 -26.51
CA GLN A 96 10.23 -6.07 -27.89
C GLN A 96 11.08 -5.11 -28.72
N HIS A 97 11.46 -3.98 -28.11
CA HIS A 97 12.25 -2.98 -28.80
C HIS A 97 13.32 -3.63 -29.68
N GLU A 98 13.92 -4.70 -29.17
CA GLU A 98 14.95 -5.42 -29.91
C GLU A 98 14.65 -5.41 -31.40
N GLN A 99 15.32 -4.54 -32.13
CA GLN A 99 15.13 -4.43 -33.58
C GLN A 99 16.19 -5.22 -34.33
N PRO A 100 15.76 -5.97 -35.36
CA PRO A 100 16.67 -6.79 -36.17
C PRO A 100 17.59 -5.94 -37.04
N ALA A 101 18.62 -6.56 -37.59
CA ALA A 101 19.58 -5.87 -38.44
C ALA A 101 19.26 -6.10 -39.91
N GLU A 102 18.49 -7.15 -40.19
CA GLU A 102 18.13 -7.48 -41.56
C GLU A 102 17.35 -6.33 -42.21
N LYS A 103 16.48 -5.70 -41.43
CA LYS A 103 15.68 -4.58 -41.93
C LYS A 103 16.56 -3.57 -42.66
N ALA A 104 17.79 -3.42 -42.20
CA ALA A 104 18.74 -2.50 -42.81
C ALA A 104 18.73 -2.64 -44.33
N GLU A 105 18.63 -3.88 -44.81
CA GLU A 105 18.61 -4.15 -46.25
C GLU A 105 17.61 -3.24 -46.95
N SER A 106 16.42 -3.12 -46.39
CA SER A 106 15.37 -2.28 -46.98
C SER A 106 15.97 -1.01 -47.57
N GLY A 107 15.56 -0.69 -48.80
CA GLY A 107 16.06 0.50 -49.45
C GLY A 107 15.38 0.77 -50.78
N PRO A 108 14.50 1.78 -50.81
CA PRO A 108 13.77 2.15 -52.02
C PRO A 108 14.66 2.77 -53.08
N SER A 109 14.06 3.15 -54.21
CA SER A 109 14.81 3.76 -55.31
C SER A 109 14.64 5.27 -55.31
N SER A 110 13.40 5.72 -55.41
CA SER A 110 13.11 7.15 -55.44
C SER A 110 13.84 7.84 -56.58
N GLY A 111 13.86 7.19 -57.74
CA GLY A 111 14.55 7.76 -58.89
C GLY A 111 15.15 6.69 -59.79
N GLY A 1 -19.35 11.22 -5.11
CA GLY A 1 -19.29 12.57 -5.67
C GLY A 1 -17.91 12.91 -6.20
N SER A 2 -17.07 13.48 -5.35
CA SER A 2 -15.71 13.86 -5.75
C SER A 2 -14.71 12.79 -5.33
N SER A 3 -14.68 12.50 -4.02
CA SER A 3 -13.76 11.50 -3.50
C SER A 3 -14.00 10.14 -4.14
N GLY A 4 -15.24 9.67 -4.06
CA GLY A 4 -15.58 8.38 -4.64
C GLY A 4 -14.82 8.10 -5.91
N SER A 5 -14.76 9.09 -6.80
CA SER A 5 -14.06 8.95 -8.07
C SER A 5 -12.72 8.25 -7.87
N SER A 6 -11.84 8.88 -7.11
CA SER A 6 -10.51 8.32 -6.84
C SER A 6 -10.62 6.88 -6.36
N GLY A 7 -11.50 6.64 -5.39
CA GLY A 7 -11.68 5.31 -4.86
C GLY A 7 -10.42 4.76 -4.23
N ARG A 8 -10.08 5.27 -3.05
CA ARG A 8 -8.88 4.83 -2.35
C ARG A 8 -9.04 3.39 -1.85
N SER A 9 -7.94 2.64 -1.86
CA SER A 9 -7.97 1.26 -1.42
C SER A 9 -8.74 1.12 -0.10
N LYS A 10 -9.24 -0.09 0.16
CA LYS A 10 -9.99 -0.35 1.38
C LYS A 10 -9.21 -1.26 2.32
N THR A 11 -8.23 -1.96 1.78
CA THR A 11 -7.39 -2.85 2.58
C THR A 11 -6.11 -2.16 3.02
N VAL A 12 -5.67 -1.19 2.24
CA VAL A 12 -4.45 -0.44 2.55
C VAL A 12 -4.78 0.84 3.31
N ILE A 13 -4.04 1.10 4.37
CA ILE A 13 -4.25 2.29 5.19
C ILE A 13 -2.92 2.96 5.52
N LEU A 14 -2.90 4.29 5.47
CA LEU A 14 -1.69 5.05 5.77
C LEU A 14 -1.82 5.75 7.12
N ALA A 15 -0.89 5.46 8.02
CA ALA A 15 -0.89 6.07 9.35
C ALA A 15 0.14 7.19 9.44
N LYS A 16 -0.29 8.34 9.93
CA LYS A 16 0.60 9.50 10.08
C LYS A 16 0.61 9.99 11.51
N ASN A 17 1.60 10.82 11.84
CA ASN A 17 1.71 11.38 13.19
C ASN A 17 2.13 10.30 14.18
N LEU A 18 3.21 9.59 13.87
CA LEU A 18 3.71 8.53 14.73
C LEU A 18 5.04 8.94 15.37
N PRO A 19 5.18 8.63 16.67
CA PRO A 19 6.39 8.94 17.44
C PRO A 19 7.59 8.11 17.00
N ALA A 20 8.72 8.77 16.76
CA ALA A 20 9.93 8.09 16.34
C ALA A 20 10.14 6.79 17.13
N GLY A 21 9.74 6.82 18.40
CA GLY A 21 9.90 5.64 19.24
C GLY A 21 9.27 4.41 18.63
N THR A 22 8.11 4.57 18.01
CA THR A 22 7.40 3.46 17.37
C THR A 22 8.37 2.56 16.62
N LEU A 23 7.95 1.33 16.37
CA LEU A 23 8.78 0.36 15.65
C LEU A 23 7.94 -0.49 14.71
N ALA A 24 8.46 -0.74 13.52
CA ALA A 24 7.75 -1.54 12.52
C ALA A 24 7.00 -2.69 13.18
N ALA A 25 7.69 -3.44 14.04
CA ALA A 25 7.09 -4.57 14.74
C ALA A 25 5.90 -4.12 15.58
N GLU A 26 6.11 -3.07 16.38
CA GLU A 26 5.06 -2.55 17.24
C GLU A 26 3.76 -2.34 16.45
N ILE A 27 3.85 -1.57 15.37
CA ILE A 27 2.69 -1.29 14.54
C ILE A 27 2.13 -2.57 13.94
N GLN A 28 2.99 -3.35 13.29
CA GLN A 28 2.58 -4.60 12.68
C GLN A 28 1.71 -5.42 13.63
N GLU A 29 2.25 -5.70 14.82
CA GLU A 29 1.52 -6.47 15.82
C GLU A 29 0.29 -5.71 16.30
N THR A 30 0.49 -4.47 16.72
CA THR A 30 -0.60 -3.64 17.21
C THR A 30 -1.82 -3.74 16.30
N PHE A 31 -1.60 -3.63 15.00
CA PHE A 31 -2.68 -3.73 14.03
C PHE A 31 -3.11 -5.18 13.81
N SER A 32 -2.14 -6.03 13.52
CA SER A 32 -2.40 -7.45 13.28
C SER A 32 -3.42 -7.97 14.29
N ARG A 33 -3.34 -7.49 15.52
CA ARG A 33 -4.25 -7.92 16.58
C ARG A 33 -5.66 -8.09 16.04
N PHE A 34 -6.16 -7.06 15.36
CA PHE A 34 -7.50 -7.10 14.79
C PHE A 34 -7.61 -8.20 13.74
N GLY A 35 -6.66 -8.22 12.82
CA GLY A 35 -6.66 -9.23 11.76
C GLY A 35 -5.32 -9.35 11.07
N SER A 36 -5.01 -10.56 10.60
CA SER A 36 -3.74 -10.80 9.92
C SER A 36 -3.45 -9.71 8.89
N LEU A 37 -2.27 -9.13 8.97
CA LEU A 37 -1.86 -8.08 8.04
C LEU A 37 -1.16 -8.66 6.83
N GLY A 38 -1.45 -8.10 5.65
CA GLY A 38 -0.83 -8.58 4.43
C GLY A 38 0.58 -8.07 4.26
N ARG A 39 0.75 -6.76 4.35
CA ARG A 39 2.06 -6.14 4.20
C ARG A 39 2.24 -5.00 5.20
N VAL A 40 3.49 -4.76 5.60
CA VAL A 40 3.80 -3.70 6.55
C VAL A 40 5.11 -3.00 6.19
N LEU A 41 5.08 -1.68 6.13
CA LEU A 41 6.26 -0.89 5.80
C LEU A 41 6.28 0.43 6.58
N LEU A 42 7.28 0.58 7.43
CA LEU A 42 7.42 1.80 8.23
C LEU A 42 8.85 2.31 8.20
N PRO A 43 9.11 3.31 7.34
CA PRO A 43 10.44 3.91 7.19
C PRO A 43 10.84 4.73 8.42
N GLU A 44 12.13 4.77 8.70
CA GLU A 44 12.64 5.53 9.85
C GLU A 44 12.60 7.04 9.56
N GLY A 45 13.07 7.42 8.37
CA GLY A 45 13.09 8.81 8.00
C GLY A 45 11.72 9.47 8.11
N GLY A 46 10.68 8.69 7.84
CA GLY A 46 9.33 9.22 7.92
C GLY A 46 8.46 8.43 8.88
N ILE A 47 8.04 9.08 9.96
CA ILE A 47 7.20 8.44 10.96
C ILE A 47 6.04 7.70 10.31
N THR A 48 5.56 8.23 9.19
CA THR A 48 4.45 7.62 8.47
C THR A 48 4.66 6.11 8.32
N ALA A 49 3.66 5.34 8.75
CA ALA A 49 3.75 3.88 8.66
C ALA A 49 2.67 3.33 7.72
N ILE A 50 3.10 2.59 6.70
CA ILE A 50 2.17 2.02 5.74
C ILE A 50 1.80 0.59 6.13
N VAL A 51 0.50 0.31 6.17
CA VAL A 51 0.02 -1.01 6.53
C VAL A 51 -1.03 -1.49 5.53
N GLU A 52 -0.98 -2.79 5.21
CA GLU A 52 -1.92 -3.38 4.26
C GLU A 52 -2.56 -4.63 4.84
N PHE A 53 -3.87 -4.56 5.07
CA PHE A 53 -4.60 -5.70 5.63
C PHE A 53 -5.00 -6.68 4.53
N LEU A 54 -5.29 -7.91 4.94
CA LEU A 54 -5.68 -8.95 3.99
C LEU A 54 -7.18 -8.92 3.73
N GLU A 55 -7.95 -8.54 4.77
CA GLU A 55 -9.40 -8.47 4.66
C GLU A 55 -9.88 -7.02 4.80
N PRO A 56 -10.78 -6.61 3.90
CA PRO A 56 -11.34 -5.26 3.92
C PRO A 56 -12.27 -5.02 5.10
N LEU A 57 -12.88 -6.09 5.59
CA LEU A 57 -13.79 -5.99 6.73
C LEU A 57 -13.03 -5.73 8.02
N GLU A 58 -11.99 -6.53 8.26
CA GLU A 58 -11.17 -6.37 9.47
C GLU A 58 -10.44 -5.03 9.45
N ALA A 59 -9.90 -4.67 8.29
CA ALA A 59 -9.17 -3.42 8.14
C ALA A 59 -10.05 -2.23 8.49
N ARG A 60 -11.26 -2.21 7.93
CA ARG A 60 -12.19 -1.13 8.17
C ARG A 60 -12.49 -0.99 9.66
N LYS A 61 -12.81 -2.11 10.30
CA LYS A 61 -13.11 -2.11 11.73
C LYS A 61 -12.03 -1.39 12.52
N ALA A 62 -10.79 -1.83 12.36
CA ALA A 62 -9.66 -1.23 13.05
C ALA A 62 -9.57 0.26 12.74
N PHE A 63 -9.70 0.61 11.47
CA PHE A 63 -9.63 2.00 11.05
C PHE A 63 -10.52 2.88 11.91
N ARG A 64 -11.78 2.46 12.08
CA ARG A 64 -12.74 3.21 12.88
C ARG A 64 -12.26 3.34 14.31
N HIS A 65 -11.94 2.21 14.94
CA HIS A 65 -11.47 2.21 16.33
C HIS A 65 -10.16 2.98 16.45
N LEU A 66 -9.10 2.44 15.85
CA LEU A 66 -7.79 3.08 15.90
C LEU A 66 -7.89 4.56 15.56
N ALA A 67 -8.90 4.91 14.77
CA ALA A 67 -9.12 6.30 14.38
C ALA A 67 -9.51 7.16 15.57
N TYR A 68 -9.05 8.39 15.59
CA TYR A 68 -9.36 9.32 16.67
C TYR A 68 -8.82 8.79 18.00
N SER A 69 -7.63 8.21 17.97
CA SER A 69 -7.00 7.65 19.16
C SER A 69 -5.54 8.08 19.25
N LYS A 70 -4.86 7.62 20.29
CA LYS A 70 -3.46 7.95 20.50
C LYS A 70 -2.63 6.68 20.72
N PHE A 71 -1.47 6.62 20.06
CA PHE A 71 -0.59 5.46 20.18
C PHE A 71 0.23 5.54 21.47
N HIS A 72 1.07 6.58 21.57
CA HIS A 72 1.90 6.76 22.75
C HIS A 72 1.63 8.11 23.39
N HIS A 73 2.10 9.18 22.75
CA HIS A 73 1.90 10.53 23.27
C HIS A 73 1.26 11.42 22.22
N VAL A 74 1.42 11.06 20.95
CA VAL A 74 0.84 11.82 19.85
C VAL A 74 -0.38 11.12 19.27
N PRO A 75 -1.29 11.92 18.69
CA PRO A 75 -2.52 11.39 18.09
C PRO A 75 -2.26 10.61 16.81
N LEU A 76 -3.06 9.59 16.56
CA LEU A 76 -2.91 8.76 15.37
C LEU A 76 -3.83 9.23 14.25
N TYR A 77 -3.25 9.58 13.11
CA TYR A 77 -4.02 10.04 11.97
C TYR A 77 -3.98 9.03 10.83
N LEU A 78 -5.04 8.25 10.69
CA LEU A 78 -5.13 7.24 9.65
C LEU A 78 -5.78 7.81 8.39
N GLU A 79 -5.27 7.42 7.24
CA GLU A 79 -5.80 7.89 5.96
C GLU A 79 -5.72 6.80 4.90
N TRP A 80 -6.87 6.37 4.41
CA TRP A 80 -6.94 5.34 3.38
C TRP A 80 -5.88 5.56 2.32
N ALA A 81 -5.39 4.47 1.73
CA ALA A 81 -4.38 4.54 0.69
C ALA A 81 -5.00 4.47 -0.70
N PRO A 82 -4.45 5.24 -1.65
CA PRO A 82 -4.94 5.26 -3.03
C PRO A 82 -4.64 3.96 -3.78
N ILE A 83 -5.00 3.93 -5.06
CA ILE A 83 -4.78 2.74 -5.88
C ILE A 83 -3.43 2.81 -6.57
N GLY A 84 -2.82 4.00 -6.59
CA GLY A 84 -1.53 4.17 -7.23
C GLY A 84 -0.38 3.97 -6.26
N VAL A 85 -0.67 4.06 -4.97
CA VAL A 85 0.35 3.89 -3.94
C VAL A 85 1.18 2.65 -4.19
N PHE A 86 0.52 1.56 -4.56
CA PHE A 86 1.20 0.29 -4.83
C PHE A 86 1.49 0.15 -6.33
N GLY A 87 0.45 0.27 -7.14
CA GLY A 87 0.62 0.15 -8.57
C GLY A 87 0.04 -1.15 -9.12
N ALA A 88 0.26 -1.39 -10.41
CA ALA A 88 -0.24 -2.61 -11.05
C ALA A 88 0.54 -2.92 -12.32
N ALA A 89 0.34 -4.12 -12.86
CA ALA A 89 1.03 -4.54 -14.07
C ALA A 89 0.19 -5.54 -14.86
N PRO A 90 0.17 -5.38 -16.18
CA PRO A 90 -0.59 -6.27 -17.09
C PRO A 90 0.01 -7.66 -17.16
N GLN A 91 -0.78 -8.62 -17.66
CA GLN A 91 -0.31 -10.00 -17.79
C GLN A 91 -0.43 -10.47 -19.23
N LYS A 92 0.57 -10.13 -20.05
CA LYS A 92 0.58 -10.52 -21.44
C LYS A 92 1.43 -11.79 -21.65
N LYS A 93 2.40 -11.98 -20.77
CA LYS A 93 3.27 -13.15 -20.85
C LYS A 93 2.46 -14.44 -20.78
N ASP A 94 1.48 -14.47 -19.90
CA ASP A 94 0.63 -15.64 -19.74
C ASP A 94 0.24 -16.22 -21.09
N SER A 95 -0.14 -15.35 -22.02
CA SER A 95 -0.54 -15.78 -23.35
C SER A 95 0.66 -16.35 -24.13
N GLN A 96 1.78 -15.63 -24.07
CA GLN A 96 2.99 -16.06 -24.76
C GLN A 96 3.18 -17.57 -24.65
N HIS A 97 2.95 -18.10 -23.45
CA HIS A 97 3.10 -19.53 -23.21
C HIS A 97 2.62 -20.33 -24.42
N GLU A 98 1.49 -19.92 -24.99
CA GLU A 98 0.92 -20.59 -26.14
C GLU A 98 2.02 -21.04 -27.11
N GLN A 99 1.71 -22.02 -27.94
CA GLN A 99 2.67 -22.53 -28.92
C GLN A 99 2.09 -22.49 -30.32
N PRO A 100 2.97 -22.34 -31.32
CA PRO A 100 2.58 -22.27 -32.73
C PRO A 100 2.06 -23.62 -33.24
N ALA A 101 0.78 -23.68 -33.56
CA ALA A 101 0.17 -24.90 -34.06
C ALA A 101 0.07 -24.87 -35.59
N GLU A 102 -0.27 -23.71 -36.13
CA GLU A 102 -0.40 -23.55 -37.57
C GLU A 102 0.67 -24.35 -38.31
N LYS A 103 1.90 -24.28 -37.81
CA LYS A 103 3.00 -25.01 -38.42
C LYS A 103 2.57 -26.39 -38.89
N ALA A 104 2.03 -27.18 -37.96
CA ALA A 104 1.57 -28.52 -38.27
C ALA A 104 0.44 -28.49 -39.30
N GLU A 105 -0.59 -27.72 -39.01
CA GLU A 105 -1.74 -27.60 -39.91
C GLU A 105 -1.27 -27.42 -41.35
N SER A 106 -0.32 -26.50 -41.55
CA SER A 106 0.20 -26.22 -42.89
C SER A 106 0.27 -27.50 -43.71
N GLY A 107 -0.28 -27.44 -44.92
CA GLY A 107 -0.27 -28.60 -45.80
C GLY A 107 -0.72 -28.26 -47.22
N PRO A 108 -0.11 -28.93 -48.21
CA PRO A 108 -0.43 -28.71 -49.61
C PRO A 108 -1.82 -29.23 -49.98
N SER A 109 -2.77 -28.31 -50.13
CA SER A 109 -4.13 -28.68 -50.48
C SER A 109 -4.42 -28.40 -51.95
N SER A 110 -4.24 -27.13 -52.35
CA SER A 110 -4.48 -26.73 -53.73
C SER A 110 -4.08 -27.84 -54.69
N GLY A 111 -4.81 -27.94 -55.81
CA GLY A 111 -4.52 -28.97 -56.79
C GLY A 111 -5.49 -28.94 -57.96
N GLY A 1 -17.23 5.65 -14.75
CA GLY A 1 -16.30 5.06 -13.82
C GLY A 1 -16.93 4.77 -12.47
N SER A 2 -16.91 3.50 -12.07
CA SER A 2 -17.49 3.08 -10.81
C SER A 2 -16.47 3.20 -9.68
N SER A 3 -15.26 2.69 -9.93
CA SER A 3 -14.20 2.73 -8.94
C SER A 3 -13.53 4.11 -8.91
N GLY A 4 -13.30 4.68 -10.09
CA GLY A 4 -12.68 5.99 -10.17
C GLY A 4 -13.10 6.91 -9.05
N SER A 5 -14.42 7.09 -8.91
CA SER A 5 -14.96 7.96 -7.86
C SER A 5 -14.21 7.75 -6.54
N SER A 6 -14.05 6.50 -6.16
CA SER A 6 -13.36 6.15 -4.92
C SER A 6 -11.85 6.18 -5.11
N GLY A 7 -11.36 5.34 -6.02
CA GLY A 7 -9.94 5.29 -6.29
C GLY A 7 -9.12 5.25 -5.02
N ARG A 8 -9.46 4.35 -4.11
CA ARG A 8 -8.75 4.22 -2.84
C ARG A 8 -8.86 2.80 -2.29
N SER A 9 -7.73 2.26 -1.83
CA SER A 9 -7.72 0.91 -1.28
C SER A 9 -8.52 0.83 0.01
N LYS A 10 -9.21 -0.28 0.22
CA LYS A 10 -10.01 -0.49 1.41
C LYS A 10 -9.31 -1.43 2.38
N THR A 11 -8.12 -1.88 2.01
CA THR A 11 -7.35 -2.79 2.86
C THR A 11 -6.03 -2.16 3.29
N VAL A 12 -5.52 -1.24 2.46
CA VAL A 12 -4.27 -0.57 2.76
C VAL A 12 -4.51 0.79 3.41
N ILE A 13 -4.01 0.95 4.63
CA ILE A 13 -4.18 2.19 5.37
C ILE A 13 -2.83 2.85 5.64
N LEU A 14 -2.82 4.18 5.66
CA LEU A 14 -1.60 4.93 5.92
C LEU A 14 -1.67 5.64 7.27
N ALA A 15 -0.74 5.31 8.16
CA ALA A 15 -0.70 5.92 9.48
C ALA A 15 0.22 7.14 9.49
N LYS A 16 -0.26 8.23 10.07
CA LYS A 16 0.52 9.47 10.15
C LYS A 16 0.56 9.99 11.58
N ASN A 17 1.52 10.87 11.86
CA ASN A 17 1.67 11.45 13.18
C ASN A 17 2.11 10.39 14.19
N LEU A 18 3.16 9.65 13.85
CA LEU A 18 3.68 8.61 14.72
C LEU A 18 5.00 9.02 15.36
N PRO A 19 5.20 8.64 16.62
CA PRO A 19 6.42 8.97 17.37
C PRO A 19 7.64 8.21 16.84
N ALA A 20 8.77 8.90 16.75
CA ALA A 20 10.00 8.29 16.27
C ALA A 20 10.29 6.98 17.00
N GLY A 21 9.69 6.82 18.18
CA GLY A 21 9.89 5.61 18.95
C GLY A 21 9.24 4.40 18.32
N THR A 22 8.11 4.62 17.65
CA THR A 22 7.38 3.54 17.00
C THR A 22 8.32 2.64 16.20
N LEU A 23 7.87 1.42 15.92
CA LEU A 23 8.67 0.48 15.15
C LEU A 23 7.79 -0.46 14.35
N ALA A 24 8.25 -0.85 13.16
CA ALA A 24 7.50 -1.74 12.29
C ALA A 24 6.82 -2.84 13.08
N ALA A 25 7.56 -3.44 14.01
CA ALA A 25 7.03 -4.51 14.84
C ALA A 25 5.83 -4.03 15.66
N GLU A 26 6.00 -2.89 16.33
CA GLU A 26 4.94 -2.32 17.14
C GLU A 26 3.65 -2.16 16.33
N ILE A 27 3.72 -1.39 15.26
CA ILE A 27 2.56 -1.16 14.40
C ILE A 27 2.04 -2.47 13.82
N GLN A 28 2.94 -3.26 13.25
CA GLN A 28 2.57 -4.54 12.66
C GLN A 28 1.72 -5.35 13.63
N GLU A 29 2.28 -5.65 14.79
CA GLU A 29 1.57 -6.42 15.81
C GLU A 29 0.32 -5.69 16.28
N THR A 30 0.51 -4.47 16.78
CA THR A 30 -0.61 -3.66 17.27
C THR A 30 -1.82 -3.80 16.36
N PHE A 31 -1.62 -3.56 15.07
CA PHE A 31 -2.70 -3.65 14.09
C PHE A 31 -3.16 -5.09 13.93
N SER A 32 -2.21 -6.00 13.73
CA SER A 32 -2.52 -7.40 13.55
C SER A 32 -3.55 -7.86 14.59
N ARG A 33 -3.45 -7.32 15.80
CA ARG A 33 -4.38 -7.68 16.87
C ARG A 33 -5.82 -7.65 16.38
N PHE A 34 -6.13 -6.67 15.53
CA PHE A 34 -7.48 -6.54 14.99
C PHE A 34 -7.74 -7.58 13.91
N GLY A 35 -6.79 -7.72 12.98
CA GLY A 35 -6.94 -8.68 11.91
C GLY A 35 -5.62 -8.99 11.22
N SER A 36 -5.60 -10.05 10.43
CA SER A 36 -4.39 -10.46 9.71
C SER A 36 -3.75 -9.25 9.03
N LEU A 37 -2.50 -9.43 8.59
CA LEU A 37 -1.77 -8.36 7.93
C LEU A 37 -0.97 -8.91 6.74
N GLY A 38 -1.00 -8.17 5.63
CA GLY A 38 -0.28 -8.60 4.44
C GLY A 38 1.13 -8.04 4.39
N ARG A 39 1.23 -6.72 4.22
CA ARG A 39 2.52 -6.06 4.15
C ARG A 39 2.61 -4.93 5.17
N VAL A 40 3.83 -4.66 5.64
CA VAL A 40 4.04 -3.60 6.62
C VAL A 40 5.32 -2.81 6.30
N LEU A 41 5.13 -1.60 5.78
CA LEU A 41 6.26 -0.74 5.43
C LEU A 41 6.29 0.50 6.29
N LEU A 42 7.31 0.62 7.14
CA LEU A 42 7.45 1.77 8.03
C LEU A 42 8.88 2.30 8.00
N PRO A 43 9.10 3.36 7.21
CA PRO A 43 10.42 3.99 7.08
C PRO A 43 10.84 4.73 8.35
N GLU A 44 12.13 4.76 8.61
CA GLU A 44 12.67 5.44 9.79
C GLU A 44 12.67 6.95 9.59
N GLY A 45 13.02 7.38 8.39
CA GLY A 45 13.07 8.80 8.09
C GLY A 45 11.71 9.46 8.14
N GLY A 46 10.66 8.66 7.90
CA GLY A 46 9.31 9.19 7.93
C GLY A 46 8.43 8.45 8.92
N ILE A 47 7.94 9.17 9.93
CA ILE A 47 7.08 8.58 10.95
C ILE A 47 5.97 7.75 10.31
N THR A 48 5.48 8.20 9.15
CA THR A 48 4.42 7.50 8.45
C THR A 48 4.68 6.00 8.41
N ALA A 49 3.63 5.21 8.61
CA ALA A 49 3.75 3.75 8.59
C ALA A 49 2.64 3.12 7.75
N ILE A 50 3.02 2.48 6.66
CA ILE A 50 2.06 1.84 5.78
C ILE A 50 1.77 0.41 6.24
N VAL A 51 0.48 0.07 6.28
CA VAL A 51 0.06 -1.27 6.70
C VAL A 51 -1.06 -1.79 5.82
N GLU A 52 -0.81 -2.92 5.15
CA GLU A 52 -1.80 -3.52 4.27
C GLU A 52 -2.52 -4.66 4.98
N PHE A 53 -3.84 -4.71 4.83
CA PHE A 53 -4.65 -5.75 5.45
C PHE A 53 -5.05 -6.80 4.43
N LEU A 54 -5.22 -8.04 4.89
CA LEU A 54 -5.62 -9.14 4.03
C LEU A 54 -7.13 -9.17 3.82
N GLU A 55 -7.83 -8.40 4.64
CA GLU A 55 -9.29 -8.33 4.55
C GLU A 55 -9.78 -6.90 4.68
N PRO A 56 -10.69 -6.50 3.76
CA PRO A 56 -11.26 -5.16 3.75
C PRO A 56 -12.20 -4.90 4.93
N LEU A 57 -12.90 -5.94 5.35
CA LEU A 57 -13.84 -5.83 6.47
C LEU A 57 -13.09 -5.54 7.77
N GLU A 58 -12.08 -6.37 8.06
CA GLU A 58 -11.29 -6.20 9.27
C GLU A 58 -10.54 -4.86 9.25
N ALA A 59 -9.97 -4.53 8.10
CA ALA A 59 -9.23 -3.28 7.95
C ALA A 59 -10.07 -2.09 8.38
N ARG A 60 -11.31 -2.04 7.88
CA ARG A 60 -12.22 -0.94 8.21
C ARG A 60 -12.52 -0.92 9.71
N LYS A 61 -12.76 -2.10 10.28
CA LYS A 61 -13.06 -2.20 11.70
C LYS A 61 -11.98 -1.54 12.54
N ALA A 62 -10.73 -1.96 12.32
CA ALA A 62 -9.61 -1.39 13.06
C ALA A 62 -9.50 0.11 12.84
N PHE A 63 -9.52 0.53 11.59
CA PHE A 63 -9.42 1.95 11.25
C PHE A 63 -10.36 2.77 12.12
N ARG A 64 -11.61 2.33 12.23
CA ARG A 64 -12.61 3.02 13.04
C ARG A 64 -12.16 3.12 14.50
N HIS A 65 -11.90 1.96 15.09
CA HIS A 65 -11.46 1.91 16.49
C HIS A 65 -10.25 2.81 16.72
N LEU A 66 -9.15 2.50 16.03
CA LEU A 66 -7.93 3.28 16.16
C LEU A 66 -8.19 4.76 15.86
N ALA A 67 -8.99 5.01 14.84
CA ALA A 67 -9.32 6.38 14.46
C ALA A 67 -9.69 7.22 15.68
N TYR A 68 -9.26 8.48 15.68
CA TYR A 68 -9.54 9.38 16.79
C TYR A 68 -9.01 8.82 18.11
N SER A 69 -7.91 8.07 18.02
CA SER A 69 -7.30 7.47 19.20
C SER A 69 -5.83 7.87 19.32
N LYS A 70 -5.21 7.52 20.44
CA LYS A 70 -3.81 7.85 20.69
C LYS A 70 -2.97 6.59 20.79
N PHE A 71 -1.78 6.63 20.21
CA PHE A 71 -0.88 5.47 20.24
C PHE A 71 0.02 5.53 21.47
N HIS A 72 0.95 6.48 21.48
CA HIS A 72 1.87 6.64 22.60
C HIS A 72 1.72 8.02 23.23
N HIS A 73 2.20 9.04 22.53
CA HIS A 73 2.12 10.41 23.03
C HIS A 73 1.42 11.32 22.02
N VAL A 74 1.45 10.91 20.76
CA VAL A 74 0.81 11.68 19.69
C VAL A 74 -0.44 10.98 19.17
N PRO A 75 -1.38 11.77 18.64
CA PRO A 75 -2.63 11.24 18.09
C PRO A 75 -2.42 10.48 16.79
N LEU A 76 -2.99 9.28 16.72
CA LEU A 76 -2.87 8.44 15.54
C LEU A 76 -3.75 8.95 14.40
N TYR A 77 -3.13 9.28 13.28
CA TYR A 77 -3.85 9.79 12.11
C TYR A 77 -3.87 8.76 10.99
N LEU A 78 -4.99 8.04 10.86
CA LEU A 78 -5.13 7.04 9.82
C LEU A 78 -5.67 7.65 8.53
N GLU A 79 -5.07 7.28 7.40
CA GLU A 79 -5.50 7.79 6.10
C GLU A 79 -5.43 6.69 5.04
N TRP A 80 -6.57 6.38 4.45
CA TRP A 80 -6.64 5.35 3.42
C TRP A 80 -5.63 5.63 2.31
N ALA A 81 -5.13 4.56 1.70
CA ALA A 81 -4.15 4.68 0.63
C ALA A 81 -4.82 4.53 -0.74
N PRO A 82 -4.22 5.17 -1.76
CA PRO A 82 -4.74 5.12 -3.13
C PRO A 82 -4.57 3.75 -3.76
N ILE A 83 -5.01 3.62 -5.01
CA ILE A 83 -4.91 2.36 -5.73
C ILE A 83 -3.60 2.28 -6.52
N GLY A 84 -2.94 3.42 -6.68
CA GLY A 84 -1.69 3.46 -7.41
C GLY A 84 -0.50 3.21 -6.51
N VAL A 85 -0.62 3.56 -5.24
CA VAL A 85 0.46 3.38 -4.28
C VAL A 85 1.16 2.04 -4.51
N PHE A 86 0.38 1.01 -4.80
CA PHE A 86 0.94 -0.32 -5.04
C PHE A 86 1.12 -0.57 -6.53
N GLY A 87 0.01 -0.56 -7.27
CA GLY A 87 0.07 -0.78 -8.70
C GLY A 87 1.00 0.19 -9.42
N ALA A 88 1.05 0.10 -10.74
CA ALA A 88 1.90 0.98 -11.53
C ALA A 88 1.48 0.98 -12.99
N ALA A 89 1.66 2.11 -13.66
CA ALA A 89 1.29 2.24 -15.06
C ALA A 89 1.64 0.97 -15.84
N PRO A 90 0.79 0.61 -16.81
CA PRO A 90 0.98 -0.57 -17.63
C PRO A 90 2.16 -0.44 -18.60
N GLN A 91 3.07 -1.41 -18.56
CA GLN A 91 4.24 -1.38 -19.42
C GLN A 91 4.05 -2.31 -20.61
N LYS A 92 2.86 -2.29 -21.20
CA LYS A 92 2.55 -3.13 -22.35
C LYS A 92 2.88 -2.41 -23.65
N LYS A 93 2.23 -1.27 -23.88
CA LYS A 93 2.46 -0.49 -25.08
C LYS A 93 3.95 -0.42 -25.41
N ASP A 94 4.78 -0.29 -24.37
CA ASP A 94 6.22 -0.21 -24.54
C ASP A 94 6.73 -1.37 -25.40
N SER A 95 6.22 -2.57 -25.13
CA SER A 95 6.63 -3.75 -25.88
C SER A 95 6.65 -3.47 -27.38
N GLN A 96 5.80 -2.55 -27.82
CA GLN A 96 5.72 -2.19 -29.22
C GLN A 96 6.58 -0.96 -29.52
N HIS A 97 6.67 -0.06 -28.55
CA HIS A 97 7.45 1.16 -28.71
C HIS A 97 8.75 0.87 -29.45
N GLU A 98 9.50 -0.12 -28.95
CA GLU A 98 10.77 -0.50 -29.57
C GLU A 98 10.72 -0.32 -31.08
N GLN A 99 11.18 0.83 -31.55
CA GLN A 99 11.19 1.13 -32.98
C GLN A 99 12.55 1.63 -33.43
N PRO A 100 13.14 0.95 -34.43
CA PRO A 100 14.45 1.32 -34.97
C PRO A 100 14.42 2.64 -35.75
N ALA A 101 14.96 3.69 -35.14
CA ALA A 101 15.00 5.01 -35.76
C ALA A 101 16.23 5.15 -36.65
N GLU A 102 17.29 4.42 -36.31
CA GLU A 102 18.53 4.48 -37.08
C GLU A 102 18.25 4.46 -38.58
N LYS A 103 17.30 3.63 -38.99
CA LYS A 103 16.94 3.52 -40.39
C LYS A 103 16.27 4.80 -40.88
N ALA A 104 15.30 5.28 -40.13
CA ALA A 104 14.58 6.50 -40.49
C ALA A 104 15.56 7.62 -40.86
N GLU A 105 16.63 7.74 -40.09
CA GLU A 105 17.64 8.76 -40.35
C GLU A 105 18.00 8.82 -41.83
N SER A 106 18.39 7.67 -42.38
CA SER A 106 18.76 7.58 -43.79
C SER A 106 17.87 8.48 -44.65
N GLY A 107 18.49 9.40 -45.37
CA GLY A 107 17.74 10.30 -46.21
C GLY A 107 18.39 11.67 -46.34
N PRO A 108 19.24 11.84 -47.36
CA PRO A 108 19.94 13.10 -47.61
C PRO A 108 19.01 14.20 -48.08
N SER A 109 19.14 15.38 -47.47
CA SER A 109 18.30 16.52 -47.83
C SER A 109 19.04 17.48 -48.76
N SER A 110 20.28 17.82 -48.37
CA SER A 110 21.09 18.73 -49.16
C SER A 110 21.01 18.38 -50.65
N GLY A 111 20.31 19.22 -51.40
CA GLY A 111 20.17 18.98 -52.83
C GLY A 111 20.31 20.26 -53.64
N GLY A 1 -18.34 13.36 -7.89
CA GLY A 1 -17.48 12.93 -6.81
C GLY A 1 -16.02 12.83 -7.24
N SER A 2 -15.21 13.79 -6.78
CA SER A 2 -13.80 13.82 -7.11
C SER A 2 -13.08 12.58 -6.58
N SER A 3 -13.34 12.27 -5.32
CA SER A 3 -12.71 11.10 -4.68
C SER A 3 -13.32 9.81 -5.20
N GLY A 4 -14.65 9.72 -5.14
CA GLY A 4 -15.33 8.52 -5.61
C GLY A 4 -14.68 7.94 -6.86
N SER A 5 -14.42 8.79 -7.84
CA SER A 5 -13.81 8.36 -9.09
C SER A 5 -12.61 7.46 -8.82
N SER A 6 -11.59 8.03 -8.17
CA SER A 6 -10.37 7.29 -7.85
C SER A 6 -10.68 6.15 -6.88
N GLY A 7 -11.19 6.50 -5.70
CA GLY A 7 -11.52 5.50 -4.71
C GLY A 7 -10.30 5.02 -3.94
N ARG A 8 -10.22 5.38 -2.67
CA ARG A 8 -9.09 5.00 -1.83
C ARG A 8 -9.23 3.55 -1.37
N SER A 9 -8.18 2.76 -1.59
CA SER A 9 -8.19 1.36 -1.20
C SER A 9 -8.82 1.17 0.18
N LYS A 10 -9.21 -0.06 0.49
CA LYS A 10 -9.83 -0.37 1.77
C LYS A 10 -8.90 -1.24 2.62
N THR A 11 -7.96 -1.90 1.96
CA THR A 11 -7.01 -2.77 2.66
C THR A 11 -5.73 -2.02 3.00
N VAL A 12 -5.39 -1.03 2.18
CA VAL A 12 -4.19 -0.23 2.39
C VAL A 12 -4.49 1.02 3.21
N ILE A 13 -3.96 1.07 4.42
CA ILE A 13 -4.19 2.21 5.30
C ILE A 13 -2.88 2.93 5.61
N LEU A 14 -2.92 4.26 5.61
CA LEU A 14 -1.73 5.06 5.90
C LEU A 14 -1.87 5.77 7.24
N ALA A 15 -0.89 5.53 8.13
CA ALA A 15 -0.90 6.14 9.45
C ALA A 15 0.14 7.26 9.53
N LYS A 16 -0.27 8.41 10.06
CA LYS A 16 0.62 9.55 10.21
C LYS A 16 0.65 10.03 11.65
N ASN A 17 1.64 10.86 11.98
CA ASN A 17 1.77 11.41 13.32
C ASN A 17 2.23 10.33 14.29
N LEU A 18 3.32 9.65 13.96
CA LEU A 18 3.86 8.59 14.80
C LEU A 18 5.21 9.00 15.39
N PRO A 19 5.39 8.71 16.70
CA PRO A 19 6.64 9.04 17.41
C PRO A 19 7.81 8.19 16.95
N ALA A 20 8.94 8.84 16.69
CA ALA A 20 10.14 8.14 16.24
C ALA A 20 10.33 6.83 17.01
N GLY A 21 9.93 6.83 18.28
CA GLY A 21 10.07 5.65 19.10
C GLY A 21 9.44 4.42 18.46
N THR A 22 8.26 4.61 17.88
CA THR A 22 7.54 3.51 17.23
C THR A 22 8.47 2.68 16.36
N LEU A 23 8.02 1.50 15.99
CA LEU A 23 8.82 0.60 15.15
C LEU A 23 7.93 -0.26 14.26
N ALA A 24 8.47 -0.69 13.12
CA ALA A 24 7.71 -1.52 12.19
C ALA A 24 7.04 -2.70 12.91
N ALA A 25 7.78 -3.31 13.83
CA ALA A 25 7.26 -4.45 14.59
C ALA A 25 6.08 -4.02 15.47
N GLU A 26 6.25 -2.91 16.19
CA GLU A 26 5.20 -2.41 17.06
C GLU A 26 3.88 -2.27 16.30
N ILE A 27 3.89 -1.42 15.28
CA ILE A 27 2.70 -1.19 14.47
C ILE A 27 2.13 -2.51 13.94
N GLN A 28 2.94 -3.22 13.17
CA GLN A 28 2.52 -4.50 12.60
C GLN A 28 1.64 -5.27 13.59
N GLU A 29 2.17 -5.51 14.78
CA GLU A 29 1.44 -6.24 15.82
C GLU A 29 0.20 -5.47 16.25
N THR A 30 0.41 -4.25 16.74
CA THR A 30 -0.69 -3.40 17.19
C THR A 30 -1.94 -3.62 16.33
N PHE A 31 -1.77 -3.46 15.02
CA PHE A 31 -2.89 -3.64 14.09
C PHE A 31 -3.27 -5.12 13.98
N SER A 32 -2.27 -5.96 13.76
CA SER A 32 -2.49 -7.39 13.62
C SER A 32 -3.46 -7.90 14.69
N ARG A 33 -3.33 -7.37 15.89
CA ARG A 33 -4.19 -7.76 17.00
C ARG A 33 -5.63 -7.93 16.54
N PHE A 34 -6.14 -6.92 15.83
CA PHE A 34 -7.51 -6.95 15.33
C PHE A 34 -7.71 -8.12 14.38
N GLY A 35 -6.73 -8.33 13.49
CA GLY A 35 -6.83 -9.42 12.53
C GLY A 35 -5.56 -9.57 11.71
N SER A 36 -5.35 -10.77 11.18
CA SER A 36 -4.16 -11.05 10.37
C SER A 36 -3.86 -9.88 9.45
N LEU A 37 -2.56 -9.63 9.23
CA LEU A 37 -2.13 -8.54 8.36
C LEU A 37 -1.36 -9.07 7.16
N GLY A 38 -1.28 -8.26 6.11
CA GLY A 38 -0.57 -8.66 4.91
C GLY A 38 0.79 -8.01 4.79
N ARG A 39 0.83 -6.85 4.16
CA ARG A 39 2.08 -6.12 3.98
C ARG A 39 2.23 -5.03 5.03
N VAL A 40 3.47 -4.81 5.48
CA VAL A 40 3.75 -3.80 6.49
C VAL A 40 5.11 -3.15 6.25
N LEU A 41 5.10 -1.86 5.93
CA LEU A 41 6.32 -1.12 5.67
C LEU A 41 6.33 0.20 6.43
N LEU A 42 7.33 0.39 7.28
CA LEU A 42 7.46 1.61 8.07
C LEU A 42 8.89 2.13 8.05
N PRO A 43 9.15 3.12 7.17
CA PRO A 43 10.48 3.73 7.03
C PRO A 43 10.86 4.56 8.24
N GLU A 44 12.16 4.62 8.54
CA GLU A 44 12.65 5.38 9.67
C GLU A 44 12.67 6.88 9.35
N GLY A 45 12.94 7.21 8.09
CA GLY A 45 12.98 8.59 7.68
C GLY A 45 11.65 9.29 7.87
N GLY A 46 10.56 8.57 7.63
CA GLY A 46 9.24 9.15 7.78
C GLY A 46 8.39 8.40 8.80
N ILE A 47 8.01 9.08 9.86
CA ILE A 47 7.19 8.48 10.90
C ILE A 47 6.01 7.72 10.31
N THR A 48 5.49 8.22 9.19
CA THR A 48 4.36 7.59 8.52
C THR A 48 4.61 6.10 8.31
N ALA A 49 3.65 5.29 8.73
CA ALA A 49 3.77 3.84 8.58
C ALA A 49 2.68 3.29 7.67
N ILE A 50 3.08 2.49 6.68
CA ILE A 50 2.13 1.91 5.75
C ILE A 50 1.76 0.49 6.15
N VAL A 51 0.46 0.21 6.20
CA VAL A 51 -0.02 -1.11 6.58
C VAL A 51 -1.15 -1.56 5.65
N GLU A 52 -1.01 -2.77 5.11
CA GLU A 52 -2.02 -3.32 4.20
C GLU A 52 -2.67 -4.55 4.81
N PHE A 53 -3.93 -4.41 5.22
CA PHE A 53 -4.66 -5.52 5.83
C PHE A 53 -4.99 -6.58 4.78
N LEU A 54 -4.91 -7.84 5.17
CA LEU A 54 -5.19 -8.95 4.28
C LEU A 54 -6.65 -8.93 3.85
N GLU A 55 -7.52 -8.42 4.72
CA GLU A 55 -8.94 -8.35 4.42
C GLU A 55 -9.44 -6.90 4.47
N PRO A 56 -10.31 -6.54 3.53
CA PRO A 56 -10.88 -5.19 3.45
C PRO A 56 -11.84 -4.90 4.60
N LEU A 57 -12.70 -5.87 4.91
CA LEU A 57 -13.67 -5.71 5.98
C LEU A 57 -12.97 -5.48 7.32
N GLU A 58 -11.93 -6.25 7.58
CA GLU A 58 -11.17 -6.12 8.82
C GLU A 58 -10.51 -4.74 8.92
N ALA A 59 -9.87 -4.32 7.84
CA ALA A 59 -9.20 -3.02 7.80
C ALA A 59 -10.14 -1.91 8.25
N ARG A 60 -11.32 -1.85 7.65
CA ARG A 60 -12.30 -0.83 7.99
C ARG A 60 -12.66 -0.89 9.47
N LYS A 61 -12.90 -2.11 9.96
CA LYS A 61 -13.24 -2.30 11.37
C LYS A 61 -12.22 -1.64 12.28
N ALA A 62 -10.97 -2.09 12.18
CA ALA A 62 -9.88 -1.55 13.00
C ALA A 62 -9.76 -0.04 12.80
N PHE A 63 -9.76 0.38 11.53
CA PHE A 63 -9.63 1.80 11.21
C PHE A 63 -10.60 2.63 12.03
N ARG A 64 -11.84 2.16 12.15
CA ARG A 64 -12.86 2.87 12.92
C ARG A 64 -12.48 2.93 14.39
N HIS A 65 -12.26 1.76 15.00
CA HIS A 65 -11.89 1.69 16.40
C HIS A 65 -10.69 2.58 16.70
N LEU A 66 -9.58 2.32 16.01
CA LEU A 66 -8.36 3.09 16.20
C LEU A 66 -8.62 4.58 15.95
N ALA A 67 -9.27 4.88 14.83
CA ALA A 67 -9.57 6.26 14.47
C ALA A 67 -9.92 7.08 15.70
N TYR A 68 -9.33 8.26 15.82
CA TYR A 68 -9.57 9.14 16.96
C TYR A 68 -8.98 8.55 18.23
N SER A 69 -7.73 8.09 18.14
CA SER A 69 -7.05 7.50 19.29
C SER A 69 -5.57 7.88 19.29
N LYS A 70 -4.89 7.60 20.40
CA LYS A 70 -3.48 7.91 20.54
C LYS A 70 -2.66 6.64 20.71
N PHE A 71 -1.49 6.61 20.07
CA PHE A 71 -0.61 5.45 20.15
C PHE A 71 0.20 5.48 21.44
N HIS A 72 1.09 6.47 21.55
CA HIS A 72 1.93 6.61 22.73
C HIS A 72 1.65 7.93 23.44
N HIS A 73 2.14 9.01 22.86
CA HIS A 73 1.95 10.35 23.44
C HIS A 73 1.35 11.30 22.41
N VAL A 74 1.32 10.87 21.16
CA VAL A 74 0.78 11.70 20.08
C VAL A 74 -0.42 11.03 19.43
N PRO A 75 -1.32 11.85 18.86
CA PRO A 75 -2.53 11.35 18.19
C PRO A 75 -2.22 10.62 16.89
N LEU A 76 -3.03 9.61 16.57
CA LEU A 76 -2.84 8.84 15.35
C LEU A 76 -3.74 9.35 14.24
N TYR A 77 -3.14 9.63 13.08
CA TYR A 77 -3.90 10.13 11.93
C TYR A 77 -3.92 9.09 10.81
N LEU A 78 -5.04 8.37 10.70
CA LEU A 78 -5.19 7.36 9.67
C LEU A 78 -5.75 7.96 8.39
N GLU A 79 -5.24 7.49 7.25
CA GLU A 79 -5.69 7.99 5.96
C GLU A 79 -5.64 6.88 4.91
N TRP A 80 -6.79 6.59 4.31
CA TRP A 80 -6.88 5.55 3.29
C TRP A 80 -5.89 5.83 2.16
N ALA A 81 -5.40 4.75 1.54
CA ALA A 81 -4.46 4.87 0.44
C ALA A 81 -5.12 4.57 -0.90
N PRO A 82 -4.70 5.27 -1.94
CA PRO A 82 -5.24 5.09 -3.30
C PRO A 82 -4.83 3.75 -3.92
N ILE A 83 -5.15 3.58 -5.19
CA ILE A 83 -4.82 2.34 -5.89
C ILE A 83 -3.46 2.46 -6.59
N GLY A 84 -3.04 3.68 -6.85
CA GLY A 84 -1.76 3.92 -7.51
C GLY A 84 -0.59 3.52 -6.63
N VAL A 85 -0.70 3.77 -5.34
CA VAL A 85 0.36 3.44 -4.40
C VAL A 85 0.99 2.09 -4.73
N PHE A 86 0.15 1.06 -4.81
CA PHE A 86 0.63 -0.28 -5.12
C PHE A 86 0.49 -0.57 -6.62
N GLY A 87 -0.50 0.05 -7.25
CA GLY A 87 -0.71 -0.14 -8.66
C GLY A 87 0.39 0.46 -9.51
N ALA A 88 1.36 1.07 -8.87
CA ALA A 88 2.49 1.69 -9.56
C ALA A 88 3.57 0.66 -9.88
N ALA A 89 3.77 0.40 -11.17
CA ALA A 89 4.78 -0.56 -11.60
C ALA A 89 5.11 -0.38 -13.08
N PRO A 90 6.36 -0.69 -13.46
CA PRO A 90 6.82 -0.58 -14.84
C PRO A 90 6.19 -1.63 -15.75
N GLN A 91 6.46 -1.52 -17.04
CA GLN A 91 5.91 -2.45 -18.02
C GLN A 91 7.02 -3.04 -18.88
N LYS A 92 7.48 -4.24 -18.50
CA LYS A 92 8.53 -4.91 -19.24
C LYS A 92 7.96 -5.96 -20.19
N LYS A 93 6.95 -6.69 -19.71
CA LYS A 93 6.30 -7.73 -20.51
C LYS A 93 6.11 -7.25 -21.95
N ASP A 94 5.83 -5.97 -22.11
CA ASP A 94 5.63 -5.40 -23.44
C ASP A 94 6.65 -5.96 -24.44
N SER A 95 7.93 -5.74 -24.14
CA SER A 95 9.00 -6.23 -25.01
C SER A 95 9.02 -7.74 -25.07
N GLN A 96 8.73 -8.38 -23.93
CA GLN A 96 8.71 -9.83 -23.85
C GLN A 96 7.76 -10.42 -24.90
N HIS A 97 6.74 -9.65 -25.27
CA HIS A 97 5.77 -10.10 -26.26
C HIS A 97 6.45 -10.93 -27.35
N GLU A 98 7.34 -10.28 -28.11
CA GLU A 98 8.05 -10.95 -29.19
C GLU A 98 9.26 -10.15 -29.62
N GLN A 99 9.98 -10.66 -30.61
CA GLN A 99 11.18 -9.99 -31.12
C GLN A 99 11.15 -9.90 -32.64
N PRO A 100 11.80 -8.86 -33.19
CA PRO A 100 11.86 -8.65 -34.64
C PRO A 100 12.73 -9.69 -35.34
N ALA A 101 12.09 -10.62 -36.03
CA ALA A 101 12.79 -11.68 -36.74
C ALA A 101 12.99 -11.30 -38.21
N GLU A 102 12.17 -10.37 -38.70
CA GLU A 102 12.25 -9.93 -40.08
C GLU A 102 13.70 -9.59 -40.46
N LYS A 103 14.41 -8.97 -39.52
CA LYS A 103 15.81 -8.60 -39.75
C LYS A 103 16.57 -9.72 -40.45
N ALA A 104 16.18 -10.95 -40.18
CA ALA A 104 16.81 -12.11 -40.79
C ALA A 104 16.65 -12.10 -42.31
N GLU A 105 15.43 -11.80 -42.76
CA GLU A 105 15.14 -11.77 -44.19
C GLU A 105 16.23 -11.00 -44.94
N SER A 106 16.60 -9.84 -44.41
CA SER A 106 17.63 -9.00 -45.03
C SER A 106 18.71 -9.87 -45.69
N GLY A 107 18.92 -9.68 -46.98
CA GLY A 107 19.92 -10.44 -47.70
C GLY A 107 20.19 -9.90 -49.08
N PRO A 108 21.45 -9.99 -49.53
CA PRO A 108 21.86 -9.51 -50.85
C PRO A 108 21.29 -10.36 -51.99
N SER A 109 20.86 -9.70 -53.04
CA SER A 109 20.28 -10.40 -54.19
C SER A 109 21.29 -10.49 -55.33
N SER A 110 21.77 -9.34 -55.78
CA SER A 110 22.75 -9.29 -56.87
C SER A 110 23.39 -7.91 -56.96
N GLY A 111 24.35 -7.77 -57.87
CA GLY A 111 25.03 -6.51 -58.04
C GLY A 111 26.03 -6.53 -59.19
N GLY A 1 -19.52 8.83 1.82
CA GLY A 1 -18.43 8.20 1.11
C GLY A 1 -17.98 9.01 -0.08
N SER A 2 -17.46 10.20 0.17
CA SER A 2 -16.99 11.09 -0.90
C SER A 2 -15.73 10.53 -1.54
N SER A 3 -14.80 10.06 -0.72
CA SER A 3 -13.55 9.51 -1.20
C SER A 3 -13.80 8.32 -2.14
N GLY A 4 -14.73 7.46 -1.74
CA GLY A 4 -15.05 6.30 -2.56
C GLY A 4 -15.10 6.62 -4.04
N SER A 5 -15.78 7.71 -4.38
CA SER A 5 -15.91 8.13 -5.78
C SER A 5 -14.53 8.40 -6.39
N SER A 6 -13.74 9.20 -5.68
CA SER A 6 -12.40 9.54 -6.15
C SER A 6 -11.58 8.29 -6.46
N GLY A 7 -11.65 7.33 -5.55
CA GLY A 7 -10.91 6.08 -5.74
C GLY A 7 -9.70 5.99 -4.83
N ARG A 8 -9.60 4.89 -4.10
CA ARG A 8 -8.48 4.68 -3.19
C ARG A 8 -8.47 3.24 -2.66
N SER A 9 -7.28 2.76 -2.31
CA SER A 9 -7.13 1.41 -1.80
C SER A 9 -8.11 1.13 -0.67
N LYS A 10 -8.52 -0.12 -0.53
CA LYS A 10 -9.44 -0.51 0.52
C LYS A 10 -8.74 -1.31 1.62
N THR A 11 -7.83 -2.18 1.22
CA THR A 11 -7.08 -2.99 2.17
C THR A 11 -5.73 -2.36 2.49
N VAL A 12 -5.64 -1.04 2.34
CA VAL A 12 -4.41 -0.33 2.60
C VAL A 12 -4.69 0.99 3.33
N ILE A 13 -4.05 1.18 4.48
CA ILE A 13 -4.23 2.38 5.26
C ILE A 13 -2.89 3.01 5.63
N LEU A 14 -2.83 4.34 5.63
CA LEU A 14 -1.60 5.05 5.96
C LEU A 14 -1.74 5.77 7.30
N ALA A 15 -0.86 5.43 8.23
CA ALA A 15 -0.88 6.04 9.56
C ALA A 15 0.04 7.27 9.60
N LYS A 16 -0.51 8.39 10.07
CA LYS A 16 0.24 9.63 10.18
C LYS A 16 0.34 10.10 11.63
N ASN A 17 1.39 10.83 11.94
CA ASN A 17 1.60 11.35 13.29
C ASN A 17 2.06 10.23 14.23
N LEU A 18 3.14 9.57 13.85
CA LEU A 18 3.69 8.49 14.65
C LEU A 18 5.01 8.89 15.31
N PRO A 19 5.15 8.58 16.60
CA PRO A 19 6.35 8.90 17.36
C PRO A 19 7.58 8.09 16.92
N ALA A 20 8.69 8.78 16.71
CA ALA A 20 9.92 8.12 16.29
C ALA A 20 10.14 6.81 17.05
N GLY A 21 9.66 6.77 18.29
CA GLY A 21 9.82 5.58 19.10
C GLY A 21 9.21 4.35 18.44
N THR A 22 8.06 4.52 17.82
CA THR A 22 7.37 3.42 17.16
C THR A 22 8.34 2.65 16.25
N LEU A 23 7.94 1.44 15.87
CA LEU A 23 8.76 0.60 15.00
C LEU A 23 7.90 -0.34 14.16
N ALA A 24 8.40 -0.69 12.98
CA ALA A 24 7.67 -1.59 12.09
C ALA A 24 6.98 -2.70 12.86
N ALA A 25 7.74 -3.38 13.71
CA ALA A 25 7.20 -4.47 14.53
C ALA A 25 6.06 -3.98 15.40
N GLU A 26 6.30 -2.91 16.15
CA GLU A 26 5.29 -2.35 17.04
C GLU A 26 3.96 -2.17 16.30
N ILE A 27 3.99 -1.40 15.22
CA ILE A 27 2.79 -1.15 14.43
C ILE A 27 2.12 -2.46 14.01
N GLN A 28 2.82 -3.24 13.19
CA GLN A 28 2.29 -4.51 12.73
C GLN A 28 1.53 -5.23 13.84
N GLU A 29 2.16 -5.34 15.00
CA GLU A 29 1.54 -6.01 16.14
C GLU A 29 0.30 -5.26 16.59
N THR A 30 0.46 -3.97 16.91
CA THR A 30 -0.65 -3.15 17.36
C THR A 30 -1.89 -3.36 16.51
N PHE A 31 -1.72 -3.24 15.20
CA PHE A 31 -2.83 -3.43 14.26
C PHE A 31 -3.22 -4.90 14.18
N SER A 32 -2.21 -5.78 14.17
CA SER A 32 -2.46 -7.22 14.09
C SER A 32 -3.50 -7.65 15.12
N ARG A 33 -3.39 -7.10 16.32
CA ARG A 33 -4.32 -7.44 17.39
C ARG A 33 -5.74 -7.58 16.86
N PHE A 34 -6.12 -6.70 15.96
CA PHE A 34 -7.45 -6.72 15.37
C PHE A 34 -7.59 -7.88 14.40
N GLY A 35 -6.62 -8.02 13.49
CA GLY A 35 -6.65 -9.10 12.52
C GLY A 35 -5.35 -9.23 11.76
N SER A 36 -5.19 -10.35 11.06
CA SER A 36 -3.98 -10.60 10.30
C SER A 36 -3.71 -9.48 9.30
N LEU A 37 -2.45 -9.10 9.16
CA LEU A 37 -2.05 -8.04 8.25
C LEU A 37 -1.29 -8.59 7.05
N GLY A 38 -1.20 -7.80 5.99
CA GLY A 38 -0.49 -8.23 4.79
C GLY A 38 0.87 -7.57 4.65
N ARG A 39 0.92 -6.51 3.85
CA ARG A 39 2.17 -5.79 3.64
C ARG A 39 2.36 -4.70 4.68
N VAL A 40 3.46 -4.77 5.42
CA VAL A 40 3.76 -3.79 6.45
C VAL A 40 5.12 -3.13 6.21
N LEU A 41 5.08 -1.86 5.82
CA LEU A 41 6.31 -1.11 5.55
C LEU A 41 6.32 0.21 6.30
N LEU A 42 7.29 0.38 7.19
CA LEU A 42 7.42 1.60 7.98
C LEU A 42 8.86 2.09 8.00
N PRO A 43 9.17 3.06 7.14
CA PRO A 43 10.51 3.65 7.04
C PRO A 43 10.87 4.48 8.27
N GLU A 44 12.16 4.50 8.61
CA GLU A 44 12.63 5.25 9.77
C GLU A 44 12.63 6.75 9.47
N GLY A 45 13.11 7.11 8.29
CA GLY A 45 13.17 8.51 7.90
C GLY A 45 11.83 9.20 8.03
N GLY A 46 10.76 8.47 7.74
CA GLY A 46 9.42 9.04 7.83
C GLY A 46 8.54 8.27 8.79
N ILE A 47 8.01 8.98 9.79
CA ILE A 47 7.14 8.36 10.79
C ILE A 47 6.00 7.60 10.12
N THR A 48 5.50 8.13 9.02
CA THR A 48 4.42 7.50 8.28
C THR A 48 4.61 5.99 8.18
N ALA A 49 3.53 5.25 8.39
CA ALA A 49 3.58 3.79 8.33
C ALA A 49 2.55 3.25 7.35
N ILE A 50 3.01 2.42 6.41
CA ILE A 50 2.13 1.83 5.42
C ILE A 50 1.75 0.41 5.79
N VAL A 51 0.46 0.18 6.04
CA VAL A 51 -0.03 -1.14 6.41
C VAL A 51 -1.10 -1.62 5.42
N GLU A 52 -0.94 -2.85 4.95
CA GLU A 52 -1.89 -3.43 4.00
C GLU A 52 -2.53 -4.68 4.58
N PHE A 53 -3.77 -4.54 5.05
CA PHE A 53 -4.51 -5.66 5.63
C PHE A 53 -4.86 -6.69 4.56
N LEU A 54 -5.12 -7.92 4.99
CA LEU A 54 -5.48 -8.99 4.07
C LEU A 54 -6.97 -8.99 3.78
N GLU A 55 -7.76 -8.56 4.76
CA GLU A 55 -9.21 -8.51 4.62
C GLU A 55 -9.71 -7.07 4.66
N PRO A 56 -10.60 -6.72 3.72
CA PRO A 56 -11.18 -5.38 3.65
C PRO A 56 -12.14 -5.08 4.79
N LEU A 57 -12.87 -6.10 5.22
CA LEU A 57 -13.83 -5.95 6.30
C LEU A 57 -13.11 -5.63 7.62
N GLU A 58 -12.09 -6.42 7.93
CA GLU A 58 -11.33 -6.23 9.15
C GLU A 58 -10.58 -4.89 9.13
N ALA A 59 -9.99 -4.58 7.98
CA ALA A 59 -9.26 -3.34 7.81
C ALA A 59 -10.11 -2.13 8.20
N ARG A 60 -11.34 -2.10 7.68
CA ARG A 60 -12.26 -1.00 7.97
C ARG A 60 -12.58 -0.94 9.46
N LYS A 61 -12.91 -2.09 10.04
CA LYS A 61 -13.24 -2.17 11.46
C LYS A 61 -12.15 -1.52 12.30
N ALA A 62 -10.93 -2.05 12.19
CA ALA A 62 -9.79 -1.53 12.95
C ALA A 62 -9.65 -0.03 12.74
N PHE A 63 -9.74 0.41 11.50
CA PHE A 63 -9.62 1.83 11.18
C PHE A 63 -10.52 2.67 12.08
N ARG A 64 -11.81 2.32 12.12
CA ARG A 64 -12.77 3.05 12.94
C ARG A 64 -12.30 3.11 14.39
N HIS A 65 -11.92 1.96 14.94
CA HIS A 65 -11.45 1.89 16.32
C HIS A 65 -10.20 2.73 16.52
N LEU A 66 -9.12 2.35 15.85
CA LEU A 66 -7.86 3.08 15.96
C LEU A 66 -8.07 4.57 15.71
N ALA A 67 -9.10 4.90 14.93
CA ALA A 67 -9.41 6.29 14.62
C ALA A 67 -9.81 7.05 15.88
N TYR A 68 -9.36 8.30 15.98
CA TYR A 68 -9.67 9.13 17.13
C TYR A 68 -9.08 8.54 18.41
N SER A 69 -7.84 8.07 18.32
CA SER A 69 -7.17 7.47 19.48
C SER A 69 -5.71 7.90 19.54
N LYS A 70 -5.00 7.39 20.55
CA LYS A 70 -3.59 7.72 20.73
C LYS A 70 -2.75 6.46 20.83
N PHE A 71 -1.54 6.50 20.29
CA PHE A 71 -0.64 5.36 20.33
C PHE A 71 0.23 5.39 21.58
N HIS A 72 1.10 6.41 21.65
CA HIS A 72 1.99 6.56 22.80
C HIS A 72 1.77 7.90 23.48
N HIS A 73 2.23 8.97 22.84
CA HIS A 73 2.08 10.32 23.39
C HIS A 73 1.42 11.24 22.36
N VAL A 74 1.38 10.81 21.11
CA VAL A 74 0.78 11.59 20.05
C VAL A 74 -0.45 10.90 19.47
N PRO A 75 -1.37 11.70 18.91
CA PRO A 75 -2.61 11.18 18.31
C PRO A 75 -2.35 10.41 17.02
N LEU A 76 -3.20 9.42 16.75
CA LEU A 76 -3.06 8.61 15.56
C LEU A 76 -4.00 9.09 14.45
N TYR A 77 -3.42 9.52 13.33
CA TYR A 77 -4.20 10.00 12.20
C TYR A 77 -4.10 9.05 11.02
N LEU A 78 -5.12 8.23 10.83
CA LEU A 78 -5.14 7.28 9.73
C LEU A 78 -5.65 7.93 8.44
N GLU A 79 -5.09 7.51 7.32
CA GLU A 79 -5.48 8.06 6.02
C GLU A 79 -5.37 7.00 4.93
N TRP A 80 -6.52 6.48 4.49
CA TRP A 80 -6.56 5.47 3.45
C TRP A 80 -5.51 5.75 2.38
N ALA A 81 -5.07 4.70 1.70
CA ALA A 81 -4.07 4.83 0.65
C ALA A 81 -4.72 4.79 -0.73
N PRO A 82 -4.18 5.59 -1.66
CA PRO A 82 -4.69 5.66 -3.04
C PRO A 82 -4.41 4.39 -3.83
N ILE A 83 -4.67 4.44 -5.13
CA ILE A 83 -4.44 3.29 -5.99
C ILE A 83 -3.05 3.33 -6.61
N GLY A 84 -2.50 4.53 -6.75
CA GLY A 84 -1.17 4.68 -7.31
C GLY A 84 -0.07 4.32 -6.33
N VAL A 85 -0.36 4.48 -5.04
CA VAL A 85 0.61 4.16 -4.00
C VAL A 85 1.40 2.91 -4.34
N PHE A 86 0.68 1.87 -4.77
CA PHE A 86 1.32 0.60 -5.13
C PHE A 86 1.55 0.53 -6.63
N GLY A 87 0.48 0.62 -7.40
CA GLY A 87 0.59 0.56 -8.85
C GLY A 87 1.48 -0.58 -9.31
N ALA A 88 1.74 -0.63 -10.61
CA ALA A 88 2.58 -1.68 -11.18
C ALA A 88 2.82 -1.43 -12.67
N ALA A 89 3.70 -2.24 -13.25
CA ALA A 89 4.02 -2.12 -14.67
C ALA A 89 4.23 -3.49 -15.31
N PRO A 90 3.53 -3.73 -16.43
CA PRO A 90 3.62 -5.00 -17.16
C PRO A 90 4.97 -5.18 -17.84
N GLN A 91 5.11 -6.25 -18.60
CA GLN A 91 6.35 -6.53 -19.32
C GLN A 91 7.47 -6.90 -18.34
N LYS A 92 7.14 -7.73 -17.36
CA LYS A 92 8.12 -8.16 -16.37
C LYS A 92 8.81 -9.46 -16.81
N LYS A 93 8.03 -10.49 -17.08
CA LYS A 93 8.57 -11.77 -17.50
C LYS A 93 9.61 -11.58 -18.61
N ASP A 94 9.38 -10.59 -19.46
CA ASP A 94 10.31 -10.30 -20.55
C ASP A 94 11.75 -10.40 -20.09
N SER A 95 12.01 -9.89 -18.89
CA SER A 95 13.36 -9.92 -18.33
C SER A 95 14.06 -11.23 -18.65
N GLN A 96 13.31 -12.33 -18.58
CA GLN A 96 13.86 -13.65 -18.88
C GLN A 96 14.12 -13.81 -20.36
N HIS A 97 13.16 -13.41 -21.19
CA HIS A 97 13.29 -13.51 -22.63
C HIS A 97 14.72 -13.22 -23.07
N GLU A 98 15.41 -12.39 -22.30
CA GLU A 98 16.79 -12.03 -22.60
C GLU A 98 17.53 -13.22 -23.22
N GLN A 99 17.77 -13.14 -24.53
CA GLN A 99 18.47 -14.20 -25.25
C GLN A 99 19.93 -13.84 -25.46
N PRO A 100 20.83 -14.79 -25.15
CA PRO A 100 22.27 -14.59 -25.30
C PRO A 100 22.70 -14.54 -26.77
N ALA A 101 23.62 -13.63 -27.08
CA ALA A 101 24.11 -13.48 -28.44
C ALA A 101 25.39 -14.29 -28.66
N GLU A 102 26.17 -14.44 -27.59
CA GLU A 102 27.42 -15.18 -27.65
C GLU A 102 27.27 -16.42 -28.53
N LYS A 103 26.15 -17.12 -28.37
CA LYS A 103 25.88 -18.32 -29.16
C LYS A 103 26.01 -18.04 -30.64
N ALA A 104 25.42 -16.94 -31.10
CA ALA A 104 25.47 -16.57 -32.50
C ALA A 104 26.90 -16.61 -33.03
N GLU A 105 27.84 -16.15 -32.21
CA GLU A 105 29.25 -16.13 -32.59
C GLU A 105 29.65 -17.46 -33.23
N SER A 106 29.20 -18.56 -32.63
CA SER A 106 29.52 -19.89 -33.13
C SER A 106 29.47 -19.92 -34.66
N GLY A 107 30.64 -19.92 -35.28
CA GLY A 107 30.71 -19.95 -36.74
C GLY A 107 32.07 -20.36 -37.25
N PRO A 108 32.15 -20.69 -38.55
CA PRO A 108 33.40 -21.12 -39.17
C PRO A 108 34.40 -19.97 -39.31
N SER A 109 35.66 -20.31 -39.52
CA SER A 109 36.72 -19.31 -39.66
C SER A 109 37.11 -19.14 -41.12
N SER A 110 37.54 -20.23 -41.75
CA SER A 110 37.96 -20.19 -43.15
C SER A 110 38.11 -21.60 -43.70
N GLY A 111 38.45 -21.69 -44.98
CA GLY A 111 38.63 -22.99 -45.61
C GLY A 111 38.80 -22.89 -47.12
N GLY A 1 -4.96 9.64 -12.41
CA GLY A 1 -6.29 9.28 -12.84
C GLY A 1 -7.35 9.60 -11.81
N SER A 2 -8.46 10.18 -12.26
CA SER A 2 -9.55 10.55 -11.36
C SER A 2 -10.09 9.31 -10.65
N SER A 3 -10.53 8.34 -11.42
CA SER A 3 -11.08 7.11 -10.86
C SER A 3 -10.19 6.57 -9.74
N GLY A 4 -8.88 6.63 -9.95
CA GLY A 4 -7.94 6.15 -8.96
C GLY A 4 -8.25 6.69 -7.56
N SER A 5 -8.14 8.00 -7.39
CA SER A 5 -8.41 8.63 -6.11
C SER A 5 -9.79 8.26 -5.60
N SER A 6 -10.80 8.52 -6.42
CA SER A 6 -12.18 8.21 -6.05
C SER A 6 -12.28 6.84 -5.39
N GLY A 7 -11.91 5.81 -6.15
CA GLY A 7 -11.96 4.46 -5.63
C GLY A 7 -10.67 4.04 -4.95
N ARG A 8 -10.50 4.46 -3.69
CA ARG A 8 -9.31 4.13 -2.93
C ARG A 8 -9.31 2.67 -2.49
N SER A 9 -8.24 2.24 -1.85
CA SER A 9 -8.13 0.86 -1.39
C SER A 9 -8.58 0.74 0.06
N LYS A 10 -9.27 -0.35 0.36
CA LYS A 10 -9.76 -0.60 1.71
C LYS A 10 -8.82 -1.53 2.48
N THR A 11 -7.96 -2.23 1.75
CA THR A 11 -7.01 -3.15 2.35
C THR A 11 -5.67 -2.47 2.61
N VAL A 12 -5.65 -1.15 2.48
CA VAL A 12 -4.43 -0.38 2.69
C VAL A 12 -4.73 0.97 3.33
N ILE A 13 -4.02 1.29 4.40
CA ILE A 13 -4.21 2.56 5.10
C ILE A 13 -2.87 3.23 5.41
N LEU A 14 -2.85 4.55 5.35
CA LEU A 14 -1.63 5.31 5.63
C LEU A 14 -1.73 5.99 6.99
N ALA A 15 -0.85 5.60 7.91
CA ALA A 15 -0.83 6.19 9.24
C ALA A 15 0.16 7.35 9.32
N LYS A 16 -0.25 8.43 9.98
CA LYS A 16 0.60 9.60 10.12
C LYS A 16 0.59 10.10 11.56
N ASN A 17 1.61 10.88 11.91
CA ASN A 17 1.72 11.42 13.27
C ASN A 17 2.16 10.35 14.24
N LEU A 18 3.26 9.67 13.93
CA LEU A 18 3.79 8.61 14.77
C LEU A 18 5.13 9.02 15.38
N PRO A 19 5.33 8.69 16.67
CA PRO A 19 6.57 9.01 17.38
C PRO A 19 7.75 8.18 16.89
N ALA A 20 8.92 8.81 16.79
CA ALA A 20 10.12 8.13 16.34
C ALA A 20 10.32 6.82 17.07
N GLY A 21 9.81 6.75 18.31
CA GLY A 21 9.95 5.54 19.10
C GLY A 21 9.28 4.34 18.46
N THR A 22 8.19 4.60 17.74
CA THR A 22 7.45 3.53 17.07
C THR A 22 8.36 2.73 16.15
N LEU A 23 7.92 1.53 15.79
CA LEU A 23 8.69 0.67 14.91
C LEU A 23 7.78 -0.26 14.12
N ALA A 24 8.24 -0.68 12.94
CA ALA A 24 7.48 -1.58 12.09
C ALA A 24 6.83 -2.70 12.91
N ALA A 25 7.63 -3.36 13.73
CA ALA A 25 7.14 -4.45 14.57
C ALA A 25 5.97 -3.99 15.42
N GLU A 26 6.18 -2.94 16.21
CA GLU A 26 5.13 -2.41 17.08
C GLU A 26 3.80 -2.30 16.32
N ILE A 27 3.80 -1.52 15.25
CA ILE A 27 2.60 -1.33 14.45
C ILE A 27 2.09 -2.66 13.91
N GLN A 28 2.92 -3.34 13.13
CA GLN A 28 2.55 -4.63 12.55
C GLN A 28 1.77 -5.47 13.55
N GLU A 29 2.27 -5.54 14.79
CA GLU A 29 1.63 -6.30 15.83
C GLU A 29 0.34 -5.62 16.30
N THR A 30 0.48 -4.39 16.78
CA THR A 30 -0.67 -3.62 17.26
C THR A 30 -1.89 -3.85 16.36
N PHE A 31 -1.75 -3.51 15.08
CA PHE A 31 -2.84 -3.68 14.13
C PHE A 31 -3.24 -5.15 14.00
N SER A 32 -2.23 -6.02 13.96
CA SER A 32 -2.47 -7.46 13.83
C SER A 32 -3.46 -7.93 14.89
N ARG A 33 -3.38 -7.35 16.08
CA ARG A 33 -4.27 -7.72 17.17
C ARG A 33 -5.69 -7.90 16.67
N PHE A 34 -6.17 -6.95 15.87
CA PHE A 34 -7.52 -7.01 15.32
C PHE A 34 -7.66 -8.17 14.33
N GLY A 35 -6.68 -8.29 13.45
CA GLY A 35 -6.71 -9.36 12.46
C GLY A 35 -5.41 -9.47 11.69
N SER A 36 -5.21 -10.61 11.02
CA SER A 36 -4.00 -10.85 10.25
C SER A 36 -3.68 -9.65 9.37
N LEU A 37 -2.39 -9.44 9.09
CA LEU A 37 -1.94 -8.33 8.27
C LEU A 37 -1.25 -8.84 7.00
N GLY A 38 -1.14 -7.96 6.01
CA GLY A 38 -0.49 -8.34 4.77
C GLY A 38 0.87 -7.69 4.60
N ARG A 39 0.89 -6.53 3.95
CA ARG A 39 2.14 -5.81 3.71
C ARG A 39 2.30 -4.66 4.71
N VAL A 40 3.43 -4.64 5.39
CA VAL A 40 3.71 -3.59 6.38
C VAL A 40 5.04 -2.91 6.09
N LEU A 41 4.97 -1.63 5.75
CA LEU A 41 6.17 -0.85 5.45
C LEU A 41 6.22 0.43 6.29
N LEU A 42 7.19 0.49 7.20
CA LEU A 42 7.35 1.66 8.06
C LEU A 42 8.80 2.11 8.10
N PRO A 43 9.13 3.13 7.30
CA PRO A 43 10.49 3.68 7.22
C PRO A 43 10.87 4.43 8.50
N GLU A 44 12.17 4.41 8.83
CA GLU A 44 12.66 5.08 10.02
C GLU A 44 12.74 6.59 9.80
N GLY A 45 13.25 6.99 8.64
CA GLY A 45 13.36 8.40 8.33
C GLY A 45 12.01 9.10 8.29
N GLY A 46 10.95 8.32 8.09
CA GLY A 46 9.62 8.89 8.03
C GLY A 46 8.66 8.22 9.01
N ILE A 47 8.19 8.99 9.99
CA ILE A 47 7.26 8.46 10.98
C ILE A 47 6.12 7.72 10.33
N THR A 48 5.67 8.21 9.17
CA THR A 48 4.57 7.58 8.45
C THR A 48 4.78 6.08 8.34
N ALA A 49 3.69 5.32 8.50
CA ALA A 49 3.74 3.87 8.42
C ALA A 49 2.65 3.33 7.50
N ILE A 50 3.04 2.62 6.45
CA ILE A 50 2.09 2.06 5.51
C ILE A 50 1.71 0.62 5.90
N VAL A 51 0.43 0.40 6.12
CA VAL A 51 -0.07 -0.91 6.50
C VAL A 51 -1.12 -1.41 5.51
N GLU A 52 -1.00 -2.68 5.13
CA GLU A 52 -1.93 -3.28 4.19
C GLU A 52 -2.56 -4.55 4.77
N PHE A 53 -3.86 -4.47 5.05
CA PHE A 53 -4.58 -5.61 5.61
C PHE A 53 -4.91 -6.64 4.54
N LEU A 54 -5.11 -7.88 4.96
CA LEU A 54 -5.42 -8.96 4.04
C LEU A 54 -6.91 -8.96 3.68
N GLU A 55 -7.72 -8.35 4.54
CA GLU A 55 -9.15 -8.28 4.32
C GLU A 55 -9.68 -6.87 4.57
N PRO A 56 -10.57 -6.40 3.68
CA PRO A 56 -11.16 -5.06 3.80
C PRO A 56 -12.12 -4.95 4.97
N LEU A 57 -12.61 -6.09 5.44
CA LEU A 57 -13.54 -6.12 6.55
C LEU A 57 -12.84 -5.77 7.86
N GLU A 58 -11.86 -6.59 8.24
CA GLU A 58 -11.11 -6.36 9.46
C GLU A 58 -10.40 -5.01 9.43
N ALA A 59 -9.85 -4.66 8.27
CA ALA A 59 -9.15 -3.40 8.11
C ALA A 59 -10.06 -2.21 8.46
N ARG A 60 -11.24 -2.19 7.84
CA ARG A 60 -12.19 -1.11 8.09
C ARG A 60 -12.51 -1.00 9.58
N LYS A 61 -12.78 -2.14 10.21
CA LYS A 61 -13.10 -2.16 11.62
C LYS A 61 -12.03 -1.45 12.44
N ALA A 62 -10.78 -1.90 12.31
CA ALA A 62 -9.66 -1.30 13.03
C ALA A 62 -9.60 0.20 12.78
N PHE A 63 -9.68 0.59 11.52
CA PHE A 63 -9.62 2.00 11.14
C PHE A 63 -10.59 2.83 12.00
N ARG A 64 -11.82 2.35 12.10
CA ARG A 64 -12.84 3.04 12.88
C ARG A 64 -12.41 3.18 14.34
N HIS A 65 -11.89 2.10 14.90
CA HIS A 65 -11.44 2.10 16.28
C HIS A 65 -10.17 2.93 16.44
N LEU A 66 -9.07 2.42 15.90
CA LEU A 66 -7.79 3.11 15.98
C LEU A 66 -7.95 4.60 15.70
N ALA A 67 -9.01 4.94 14.98
CA ALA A 67 -9.29 6.34 14.64
C ALA A 67 -9.63 7.14 15.89
N TYR A 68 -9.28 8.43 15.86
CA TYR A 68 -9.55 9.31 17.00
C TYR A 68 -8.97 8.73 18.29
N SER A 69 -7.80 8.12 18.18
CA SER A 69 -7.15 7.52 19.33
C SER A 69 -5.65 7.85 19.35
N LYS A 70 -5.04 7.76 20.52
CA LYS A 70 -3.62 8.05 20.67
C LYS A 70 -2.81 6.76 20.85
N PHE A 71 -1.80 6.60 20.02
CA PHE A 71 -0.95 5.41 20.09
C PHE A 71 -0.11 5.41 21.37
N HIS A 72 0.83 6.35 21.45
CA HIS A 72 1.69 6.47 22.62
C HIS A 72 1.46 7.79 23.34
N HIS A 73 1.94 8.87 22.75
CA HIS A 73 1.79 10.19 23.34
C HIS A 73 1.25 11.19 22.31
N VAL A 74 1.04 10.71 21.09
CA VAL A 74 0.52 11.55 20.01
C VAL A 74 -0.69 10.91 19.35
N PRO A 75 -1.56 11.76 18.77
CA PRO A 75 -2.77 11.31 18.09
C PRO A 75 -2.47 10.58 16.79
N LEU A 76 -3.22 9.51 16.51
CA LEU A 76 -3.03 8.72 15.31
C LEU A 76 -3.92 9.23 14.18
N TYR A 77 -3.30 9.60 13.06
CA TYR A 77 -4.04 10.10 11.90
C TYR A 77 -3.96 9.12 10.74
N LEU A 78 -5.04 8.36 10.55
CA LEU A 78 -5.10 7.38 9.47
C LEU A 78 -5.68 8.00 8.21
N GLU A 79 -5.12 7.64 7.06
CA GLU A 79 -5.58 8.16 5.78
C GLU A 79 -5.64 7.05 4.74
N TRP A 80 -6.86 6.63 4.41
CA TRP A 80 -7.06 5.58 3.41
C TRP A 80 -6.09 5.74 2.25
N ALA A 81 -5.50 4.62 1.82
CA ALA A 81 -4.55 4.63 0.72
C ALA A 81 -5.24 4.33 -0.60
N PRO A 82 -4.83 5.03 -1.66
CA PRO A 82 -5.40 4.85 -3.00
C PRO A 82 -5.02 3.50 -3.62
N ILE A 83 -5.36 3.33 -4.89
CA ILE A 83 -5.04 2.09 -5.59
C ILE A 83 -3.70 2.19 -6.31
N GLY A 84 -3.20 3.41 -6.45
CA GLY A 84 -1.93 3.62 -7.12
C GLY A 84 -0.74 3.27 -6.23
N VAL A 85 -0.91 3.46 -4.92
CA VAL A 85 0.15 3.16 -3.97
C VAL A 85 0.85 1.86 -4.33
N PHE A 86 0.07 0.79 -4.46
CA PHE A 86 0.62 -0.53 -4.81
C PHE A 86 0.59 -0.75 -6.31
N GLY A 87 -0.45 -0.25 -6.96
CA GLY A 87 -0.58 -0.41 -8.40
C GLY A 87 -0.90 -1.83 -8.80
N ALA A 88 -1.03 -2.71 -7.81
CA ALA A 88 -1.35 -4.11 -8.06
C ALA A 88 -2.75 -4.26 -8.65
N ALA A 89 -3.01 -5.41 -9.26
CA ALA A 89 -4.31 -5.69 -9.86
C ALA A 89 -4.53 -7.19 -10.03
N PRO A 90 -5.80 -7.61 -9.94
CA PRO A 90 -6.18 -9.02 -10.08
C PRO A 90 -6.01 -9.52 -11.52
N GLN A 91 -5.61 -10.78 -11.65
CA GLN A 91 -5.41 -11.38 -12.97
C GLN A 91 -6.05 -12.75 -13.04
N LYS A 92 -7.34 -12.79 -13.37
CA LYS A 92 -8.08 -14.04 -13.47
C LYS A 92 -8.17 -14.50 -14.93
N LYS A 93 -8.35 -13.54 -15.83
CA LYS A 93 -8.45 -13.84 -17.25
C LYS A 93 -7.42 -14.89 -17.67
N ASP A 94 -6.20 -14.74 -17.16
CA ASP A 94 -5.13 -15.67 -17.48
C ASP A 94 -5.64 -17.11 -17.49
N SER A 95 -6.31 -17.50 -16.42
CA SER A 95 -6.86 -18.86 -16.31
C SER A 95 -7.75 -19.17 -17.50
N GLN A 96 -8.84 -18.42 -17.63
CA GLN A 96 -9.79 -18.63 -18.72
C GLN A 96 -9.05 -18.79 -20.05
N HIS A 97 -8.06 -17.94 -20.29
CA HIS A 97 -7.28 -18.00 -21.52
C HIS A 97 -7.00 -19.44 -21.91
N GLU A 98 -6.22 -20.13 -21.09
CA GLU A 98 -5.86 -21.52 -21.36
C GLU A 98 -7.08 -22.43 -21.20
N GLN A 99 -7.46 -23.08 -22.29
CA GLN A 99 -8.61 -23.98 -22.27
C GLN A 99 -8.36 -25.19 -23.16
N PRO A 100 -8.86 -26.36 -22.72
CA PRO A 100 -8.70 -27.62 -23.47
C PRO A 100 -9.52 -27.63 -24.75
N ALA A 101 -8.83 -27.56 -25.89
CA ALA A 101 -9.48 -27.57 -27.19
C ALA A 101 -9.59 -28.99 -27.74
N GLU A 102 -8.57 -29.79 -27.47
CA GLU A 102 -8.54 -31.18 -27.94
C GLU A 102 -9.93 -31.81 -27.86
N LYS A 103 -10.58 -31.64 -26.71
CA LYS A 103 -11.92 -32.19 -26.50
C LYS A 103 -12.78 -32.00 -27.75
N ALA A 104 -12.73 -30.82 -28.33
CA ALA A 104 -13.51 -30.52 -29.53
C ALA A 104 -13.52 -31.71 -30.48
N GLU A 105 -12.35 -32.12 -30.94
CA GLU A 105 -12.23 -33.24 -31.86
C GLU A 105 -12.76 -34.52 -31.21
N SER A 106 -12.28 -34.81 -30.01
CA SER A 106 -12.70 -36.01 -29.29
C SER A 106 -12.11 -37.25 -29.92
N GLY A 107 -10.85 -37.17 -30.31
CA GLY A 107 -10.18 -38.30 -30.93
C GLY A 107 -10.86 -38.75 -32.20
N PRO A 108 -10.07 -39.23 -33.17
CA PRO A 108 -10.58 -39.69 -34.47
C PRO A 108 -11.37 -40.99 -34.34
N SER A 109 -12.17 -41.29 -35.36
CA SER A 109 -12.98 -42.50 -35.36
C SER A 109 -12.10 -43.75 -35.30
N SER A 110 -11.18 -43.86 -36.26
CA SER A 110 -10.28 -45.00 -36.32
C SER A 110 -9.24 -44.82 -37.42
N GLY A 111 -8.25 -45.71 -37.46
CA GLY A 111 -7.21 -45.62 -38.47
C GLY A 111 -6.20 -46.74 -38.35
N GLY A 1 -20.23 5.34 -7.10
CA GLY A 1 -20.68 6.72 -6.98
C GLY A 1 -19.62 7.64 -6.44
N SER A 2 -20.00 8.51 -5.51
CA SER A 2 -19.06 9.46 -4.91
C SER A 2 -17.82 8.74 -4.39
N SER A 3 -18.03 7.78 -3.50
CA SER A 3 -16.92 7.02 -2.93
C SER A 3 -16.07 6.38 -4.03
N GLY A 4 -16.74 5.81 -5.03
CA GLY A 4 -16.02 5.18 -6.12
C GLY A 4 -15.13 6.15 -6.87
N SER A 5 -15.69 7.27 -7.28
CA SER A 5 -14.93 8.28 -8.02
C SER A 5 -13.55 8.48 -7.39
N SER A 6 -13.53 8.74 -6.10
CA SER A 6 -12.28 8.96 -5.38
C SER A 6 -11.27 7.87 -5.70
N GLY A 7 -11.75 6.63 -5.78
CA GLY A 7 -10.88 5.51 -6.09
C GLY A 7 -9.81 5.31 -5.04
N ARG A 8 -10.10 4.49 -4.04
CA ARG A 8 -9.15 4.22 -2.97
C ARG A 8 -9.11 2.73 -2.64
N SER A 9 -8.06 2.31 -1.96
CA SER A 9 -7.90 0.91 -1.57
C SER A 9 -8.60 0.62 -0.25
N LYS A 10 -9.00 -0.63 -0.06
CA LYS A 10 -9.68 -1.04 1.16
C LYS A 10 -8.75 -1.86 2.05
N THR A 11 -7.76 -2.50 1.44
CA THR A 11 -6.80 -3.31 2.18
C THR A 11 -5.48 -2.58 2.37
N VAL A 12 -5.53 -1.25 2.30
CA VAL A 12 -4.34 -0.43 2.48
C VAL A 12 -4.66 0.83 3.25
N ILE A 13 -4.17 0.91 4.49
CA ILE A 13 -4.40 2.07 5.34
C ILE A 13 -3.09 2.80 5.64
N LEU A 14 -3.17 4.12 5.73
CA LEU A 14 -1.99 4.94 6.02
C LEU A 14 -2.08 5.55 7.41
N ALA A 15 -0.93 5.64 8.07
CA ALA A 15 -0.87 6.21 9.42
C ALA A 15 0.16 7.34 9.50
N LYS A 16 -0.25 8.46 10.07
CA LYS A 16 0.63 9.62 10.22
C LYS A 16 0.67 10.10 11.66
N ASN A 17 1.69 10.89 11.99
CA ASN A 17 1.84 11.42 13.33
C ASN A 17 2.27 10.32 14.31
N LEU A 18 3.34 9.62 13.96
CA LEU A 18 3.85 8.54 14.80
C LEU A 18 5.19 8.92 15.41
N PRO A 19 5.36 8.58 16.70
CA PRO A 19 6.60 8.87 17.43
C PRO A 19 7.77 8.03 16.95
N ALA A 20 8.92 8.67 16.74
CA ALA A 20 10.12 7.99 16.28
C ALA A 20 10.30 6.66 17.01
N GLY A 21 9.86 6.61 18.26
CA GLY A 21 9.98 5.39 19.05
C GLY A 21 9.33 4.20 18.37
N THR A 22 8.17 4.44 17.76
CA THR A 22 7.44 3.37 17.08
C THR A 22 8.38 2.50 16.24
N LEU A 23 7.90 1.33 15.86
CA LEU A 23 8.69 0.39 15.06
C LEU A 23 7.79 -0.50 14.22
N ALA A 24 8.31 -0.94 13.08
CA ALA A 24 7.55 -1.81 12.18
C ALA A 24 6.81 -2.89 12.96
N ALA A 25 7.53 -3.57 13.86
CA ALA A 25 6.93 -4.62 14.67
C ALA A 25 5.81 -4.07 15.55
N GLU A 26 6.07 -2.95 16.20
CA GLU A 26 5.09 -2.32 17.08
C GLU A 26 3.77 -2.14 16.36
N ILE A 27 3.80 -1.41 15.24
CA ILE A 27 2.60 -1.16 14.45
C ILE A 27 1.98 -2.47 13.96
N GLN A 28 2.79 -3.28 13.29
CA GLN A 28 2.31 -4.55 12.75
C GLN A 28 1.51 -5.31 13.81
N GLU A 29 2.11 -5.52 14.98
CA GLU A 29 1.46 -6.22 16.06
C GLU A 29 0.25 -5.45 16.57
N THR A 30 0.47 -4.18 16.93
CA THR A 30 -0.60 -3.33 17.44
C THR A 30 -1.85 -3.46 16.57
N PHE A 31 -1.67 -3.37 15.26
CA PHE A 31 -2.80 -3.48 14.33
C PHE A 31 -3.27 -4.92 14.21
N SER A 32 -2.32 -5.83 14.04
CA SER A 32 -2.65 -7.25 13.90
C SER A 32 -3.71 -7.66 14.91
N ARG A 33 -3.65 -7.07 16.10
CA ARG A 33 -4.61 -7.38 17.16
C ARG A 33 -6.03 -7.46 16.60
N PHE A 34 -6.35 -6.54 15.69
CA PHE A 34 -7.68 -6.51 15.09
C PHE A 34 -7.80 -7.58 14.01
N GLY A 35 -6.79 -7.68 13.15
CA GLY A 35 -6.82 -8.68 12.10
C GLY A 35 -5.47 -8.84 11.43
N SER A 36 -5.25 -9.99 10.80
CA SER A 36 -4.00 -10.28 10.12
C SER A 36 -3.55 -9.08 9.27
N LEU A 37 -2.25 -8.99 9.03
CA LEU A 37 -1.70 -7.90 8.23
C LEU A 37 -0.91 -8.44 7.04
N GLY A 38 -1.10 -7.83 5.88
CA GLY A 38 -0.39 -8.27 4.69
C GLY A 38 0.97 -7.61 4.56
N ARG A 39 1.06 -6.58 3.72
CA ARG A 39 2.31 -5.88 3.50
C ARG A 39 2.46 -4.72 4.48
N VAL A 40 3.51 -4.78 5.30
CA VAL A 40 3.77 -3.74 6.29
C VAL A 40 5.07 -3.02 5.99
N LEU A 41 4.96 -1.73 5.68
CA LEU A 41 6.14 -0.92 5.38
C LEU A 41 6.17 0.34 6.24
N LEU A 42 7.21 0.46 7.06
CA LEU A 42 7.36 1.62 7.93
C LEU A 42 8.79 2.15 7.90
N PRO A 43 9.01 3.21 7.10
CA PRO A 43 10.33 3.83 6.96
C PRO A 43 10.76 4.57 8.22
N GLU A 44 12.06 4.60 8.47
CA GLU A 44 12.61 5.28 9.64
C GLU A 44 12.65 6.78 9.43
N GLY A 45 13.09 7.19 8.24
CA GLY A 45 13.17 8.62 7.93
C GLY A 45 11.83 9.31 8.05
N GLY A 46 10.76 8.57 7.83
CA GLY A 46 9.42 9.15 7.91
C GLY A 46 8.54 8.41 8.89
N ILE A 47 8.13 9.09 9.96
CA ILE A 47 7.27 8.49 10.97
C ILE A 47 6.09 7.76 10.33
N THR A 48 5.63 8.27 9.19
CA THR A 48 4.51 7.67 8.48
C THR A 48 4.70 6.17 8.34
N ALA A 49 3.63 5.42 8.57
CA ALA A 49 3.67 3.97 8.46
C ALA A 49 2.56 3.45 7.55
N ILE A 50 2.89 2.46 6.74
CA ILE A 50 1.92 1.87 5.81
C ILE A 50 1.59 0.43 6.20
N VAL A 51 0.31 0.09 6.13
CA VAL A 51 -0.14 -1.26 6.47
C VAL A 51 -1.18 -1.76 5.48
N GLU A 52 -0.94 -2.95 4.93
CA GLU A 52 -1.86 -3.54 3.96
C GLU A 52 -2.53 -4.78 4.54
N PHE A 53 -3.64 -4.57 5.25
CA PHE A 53 -4.38 -5.67 5.85
C PHE A 53 -4.68 -6.76 4.83
N LEU A 54 -4.86 -7.98 5.31
CA LEU A 54 -5.15 -9.12 4.44
C LEU A 54 -6.62 -9.13 4.05
N GLU A 55 -7.47 -8.58 4.91
CA GLU A 55 -8.90 -8.53 4.64
C GLU A 55 -9.42 -7.10 4.70
N PRO A 56 -10.29 -6.75 3.74
CA PRO A 56 -10.88 -5.40 3.67
C PRO A 56 -11.86 -5.14 4.79
N LEU A 57 -12.61 -6.16 5.17
CA LEU A 57 -13.60 -6.04 6.24
C LEU A 57 -12.92 -5.72 7.57
N GLU A 58 -11.91 -6.51 7.91
CA GLU A 58 -11.18 -6.32 9.16
C GLU A 58 -10.46 -4.97 9.16
N ALA A 59 -9.82 -4.64 8.03
CA ALA A 59 -9.10 -3.39 7.90
C ALA A 59 -9.98 -2.20 8.30
N ARG A 60 -11.18 -2.15 7.73
CA ARG A 60 -12.11 -1.08 8.02
C ARG A 60 -12.47 -1.04 9.50
N LYS A 61 -12.79 -2.21 10.05
CA LYS A 61 -13.15 -2.33 11.46
C LYS A 61 -12.14 -1.60 12.34
N ALA A 62 -10.86 -1.87 12.09
CA ALA A 62 -9.78 -1.23 12.86
C ALA A 62 -9.66 0.25 12.53
N PHE A 63 -9.74 0.57 11.24
CA PHE A 63 -9.64 1.95 10.79
C PHE A 63 -10.52 2.87 11.63
N ARG A 64 -11.70 2.37 11.99
CA ARG A 64 -12.63 3.15 12.80
C ARG A 64 -12.25 3.10 14.27
N HIS A 65 -12.06 1.88 14.78
CA HIS A 65 -11.69 1.70 16.19
C HIS A 65 -10.49 2.59 16.56
N LEU A 66 -9.41 2.45 15.80
CA LEU A 66 -8.20 3.24 16.05
C LEU A 66 -8.48 4.73 15.85
N ALA A 67 -9.14 5.06 14.75
CA ALA A 67 -9.46 6.45 14.44
C ALA A 67 -9.82 7.22 15.71
N TYR A 68 -9.29 8.44 15.82
CA TYR A 68 -9.54 9.28 16.98
C TYR A 68 -8.95 8.66 18.24
N SER A 69 -7.70 8.20 18.14
CA SER A 69 -7.02 7.59 19.27
C SER A 69 -5.56 8.03 19.33
N LYS A 70 -4.84 7.52 20.33
CA LYS A 70 -3.43 7.87 20.51
C LYS A 70 -2.59 6.61 20.68
N PHE A 71 -1.43 6.58 20.01
CA PHE A 71 -0.53 5.44 20.10
C PHE A 71 0.26 5.45 21.40
N HIS A 72 1.24 6.35 21.48
CA HIS A 72 2.07 6.47 22.67
C HIS A 72 1.76 7.76 23.42
N HIS A 73 2.19 8.87 22.86
CA HIS A 73 1.95 10.18 23.47
C HIS A 73 1.41 11.17 22.45
N VAL A 74 1.28 10.73 21.21
CA VAL A 74 0.77 11.58 20.14
C VAL A 74 -0.48 10.97 19.52
N PRO A 75 -1.33 11.84 18.94
CA PRO A 75 -2.57 11.41 18.29
C PRO A 75 -2.32 10.65 17.00
N LEU A 76 -3.02 9.54 16.83
CA LEU A 76 -2.87 8.72 15.63
C LEU A 76 -3.79 9.21 14.52
N TYR A 77 -3.19 9.56 13.37
CA TYR A 77 -3.94 10.04 12.23
C TYR A 77 -3.90 9.04 11.08
N LEU A 78 -4.97 8.27 10.93
CA LEU A 78 -5.06 7.29 9.87
C LEU A 78 -5.83 7.83 8.66
N GLU A 79 -5.34 7.51 7.47
CA GLU A 79 -5.98 7.97 6.24
C GLU A 79 -5.94 6.89 5.16
N TRP A 80 -7.11 6.53 4.66
CA TRP A 80 -7.21 5.49 3.63
C TRP A 80 -6.25 5.79 2.48
N ALA A 81 -5.62 4.74 1.96
CA ALA A 81 -4.68 4.88 0.86
C ALA A 81 -5.38 4.73 -0.48
N PRO A 82 -4.90 5.48 -1.49
CA PRO A 82 -5.48 5.44 -2.84
C PRO A 82 -5.19 4.12 -3.56
N ILE A 83 -5.57 4.05 -4.83
CA ILE A 83 -5.35 2.85 -5.62
C ILE A 83 -4.01 2.91 -6.35
N GLY A 84 -3.45 4.11 -6.43
CA GLY A 84 -2.17 4.27 -7.11
C GLY A 84 -1.01 3.77 -6.27
N VAL A 85 -1.10 3.92 -4.97
CA VAL A 85 -0.06 3.48 -4.05
C VAL A 85 0.51 2.12 -4.49
N PHE A 86 -0.36 1.11 -4.51
CA PHE A 86 0.06 -0.23 -4.91
C PHE A 86 -0.27 -0.49 -6.38
N GLY A 87 -1.33 0.15 -6.86
CA GLY A 87 -1.74 -0.02 -8.24
C GLY A 87 -0.75 0.58 -9.22
N ALA A 88 0.32 1.17 -8.69
CA ALA A 88 1.35 1.79 -9.51
C ALA A 88 2.32 0.73 -10.03
N ALA A 89 2.30 0.52 -11.34
CA ALA A 89 3.18 -0.46 -11.97
C ALA A 89 3.05 -0.44 -13.49
N PRO A 90 4.17 -0.64 -14.20
CA PRO A 90 4.19 -0.64 -15.66
C PRO A 90 3.49 -1.86 -16.25
N GLN A 91 2.18 -1.75 -16.42
CA GLN A 91 1.39 -2.85 -16.97
C GLN A 91 0.60 -2.38 -18.19
N LYS A 92 1.16 -2.61 -19.38
CA LYS A 92 0.51 -2.22 -20.61
C LYS A 92 -0.24 -3.39 -21.23
N LYS A 93 0.36 -4.58 -21.16
CA LYS A 93 -0.26 -5.78 -21.71
C LYS A 93 -1.74 -5.84 -21.37
N ASP A 94 -2.07 -5.58 -20.10
CA ASP A 94 -3.45 -5.59 -19.65
C ASP A 94 -4.35 -4.88 -20.65
N SER A 95 -3.87 -3.77 -21.20
CA SER A 95 -4.64 -3.00 -22.17
C SER A 95 -5.17 -3.89 -23.28
N GLN A 96 -4.36 -4.86 -23.69
CA GLN A 96 -4.75 -5.78 -24.75
C GLN A 96 -5.82 -6.76 -24.26
N HIS A 97 -5.56 -7.38 -23.12
CA HIS A 97 -6.49 -8.34 -22.54
C HIS A 97 -7.94 -7.90 -22.77
N GLU A 98 -8.17 -6.59 -22.66
CA GLU A 98 -9.50 -6.04 -22.85
C GLU A 98 -10.22 -6.73 -24.02
N GLN A 99 -11.24 -7.51 -23.69
CA GLN A 99 -12.01 -8.22 -24.70
C GLN A 99 -13.29 -7.47 -25.05
N PRO A 100 -13.58 -7.38 -26.36
CA PRO A 100 -14.78 -6.69 -26.86
C PRO A 100 -16.06 -7.44 -26.52
N ALA A 101 -16.90 -6.83 -25.70
CA ALA A 101 -18.17 -7.43 -25.30
C ALA A 101 -19.32 -6.90 -26.15
N GLU A 102 -19.26 -5.62 -26.49
CA GLU A 102 -20.29 -5.00 -27.30
C GLU A 102 -20.79 -5.94 -28.40
N LYS A 103 -19.85 -6.63 -29.03
CA LYS A 103 -20.19 -7.57 -30.10
C LYS A 103 -21.44 -8.36 -29.74
N ALA A 104 -21.41 -9.02 -28.59
CA ALA A 104 -22.55 -9.82 -28.14
C ALA A 104 -23.75 -8.92 -27.83
N GLU A 105 -23.52 -7.87 -27.06
CA GLU A 105 -24.58 -6.94 -26.69
C GLU A 105 -25.42 -6.56 -27.91
N SER A 106 -24.74 -6.23 -29.00
CA SER A 106 -25.43 -5.83 -30.23
C SER A 106 -26.73 -6.62 -30.40
N GLY A 107 -27.86 -5.92 -30.26
CA GLY A 107 -29.14 -6.57 -30.41
C GLY A 107 -30.24 -5.84 -29.67
N PRO A 108 -31.44 -6.44 -29.65
CA PRO A 108 -32.61 -5.86 -28.96
C PRO A 108 -32.46 -5.87 -27.45
N SER A 109 -32.80 -4.76 -26.81
CA SER A 109 -32.71 -4.64 -25.36
C SER A 109 -34.08 -4.82 -24.71
N SER A 110 -35.03 -3.97 -25.09
CA SER A 110 -36.38 -4.03 -24.54
C SER A 110 -37.19 -5.11 -25.23
N GLY A 111 -38.33 -5.47 -24.63
CA GLY A 111 -39.18 -6.49 -25.20
C GLY A 111 -38.74 -7.89 -24.81
N GLY A 1 -16.06 14.12 0.21
CA GLY A 1 -15.32 13.30 1.14
C GLY A 1 -15.59 11.81 0.95
N SER A 2 -16.84 11.42 1.16
CA SER A 2 -17.23 10.01 1.01
C SER A 2 -16.73 9.45 -0.31
N SER A 3 -16.95 10.20 -1.38
CA SER A 3 -16.53 9.76 -2.71
C SER A 3 -15.03 9.50 -2.75
N GLY A 4 -14.25 10.45 -2.25
CA GLY A 4 -12.81 10.29 -2.22
C GLY A 4 -12.38 8.92 -1.75
N SER A 5 -13.07 8.41 -0.74
CA SER A 5 -12.75 7.09 -0.19
C SER A 5 -12.94 6.00 -1.24
N SER A 6 -14.08 6.02 -1.90
CA SER A 6 -14.39 5.03 -2.93
C SER A 6 -13.20 4.83 -3.86
N GLY A 7 -12.68 5.93 -4.39
CA GLY A 7 -11.55 5.86 -5.29
C GLY A 7 -10.24 5.64 -4.56
N ARG A 8 -10.24 4.69 -3.64
CA ARG A 8 -9.04 4.38 -2.86
C ARG A 8 -9.09 2.95 -2.33
N SER A 9 -7.92 2.38 -2.05
CA SER A 9 -7.84 1.02 -1.54
C SER A 9 -8.43 0.92 -0.14
N LYS A 10 -9.13 -0.17 0.13
CA LYS A 10 -9.74 -0.39 1.42
C LYS A 10 -8.87 -1.26 2.32
N THR A 11 -8.12 -2.18 1.69
CA THR A 11 -7.23 -3.07 2.42
C THR A 11 -5.86 -2.45 2.61
N VAL A 12 -5.80 -1.12 2.53
CA VAL A 12 -4.54 -0.40 2.70
C VAL A 12 -4.74 0.89 3.47
N ILE A 13 -4.07 0.99 4.63
CA ILE A 13 -4.18 2.18 5.47
C ILE A 13 -2.81 2.83 5.67
N LEU A 14 -2.81 4.15 5.82
CA LEU A 14 -1.57 4.89 6.03
C LEU A 14 -1.65 5.73 7.30
N ALA A 15 -0.78 5.43 8.27
CA ALA A 15 -0.75 6.15 9.53
C ALA A 15 0.24 7.30 9.46
N LYS A 16 -0.16 8.44 10.02
CA LYS A 16 0.70 9.63 10.03
C LYS A 16 0.79 10.22 11.43
N ASN A 17 1.88 10.92 11.71
CA ASN A 17 2.09 11.55 13.01
C ASN A 17 2.41 10.50 14.07
N LEU A 18 3.37 9.63 13.77
CA LEU A 18 3.78 8.58 14.69
C LEU A 18 5.10 8.94 15.38
N PRO A 19 5.19 8.66 16.68
CA PRO A 19 6.39 8.94 17.48
C PRO A 19 7.56 8.05 17.09
N ALA A 20 8.73 8.65 16.92
CA ALA A 20 9.93 7.92 16.56
C ALA A 20 10.03 6.62 17.35
N GLY A 21 9.39 6.58 18.51
CA GLY A 21 9.42 5.38 19.33
C GLY A 21 8.84 4.18 18.64
N THR A 22 7.74 4.38 17.92
CA THR A 22 7.08 3.30 17.20
C THR A 22 8.08 2.52 16.34
N LEU A 23 7.73 1.28 16.01
CA LEU A 23 8.59 0.43 15.21
C LEU A 23 7.76 -0.47 14.30
N ALA A 24 8.36 -0.87 13.17
CA ALA A 24 7.67 -1.74 12.22
C ALA A 24 6.96 -2.88 12.94
N ALA A 25 7.63 -3.47 13.92
CA ALA A 25 7.07 -4.57 14.68
C ALA A 25 5.87 -4.11 15.51
N GLU A 26 6.05 -3.01 16.24
CA GLU A 26 4.98 -2.48 17.08
C GLU A 26 3.70 -2.29 16.27
N ILE A 27 3.79 -1.49 15.22
CA ILE A 27 2.64 -1.24 14.35
C ILE A 27 2.01 -2.53 13.86
N GLN A 28 2.80 -3.30 13.10
CA GLN A 28 2.33 -4.57 12.56
C GLN A 28 1.51 -5.33 13.59
N GLU A 29 2.12 -5.61 14.73
CA GLU A 29 1.45 -6.33 15.81
C GLU A 29 0.20 -5.60 16.26
N THR A 30 0.39 -4.37 16.76
CA THR A 30 -0.73 -3.56 17.22
C THR A 30 -1.95 -3.73 16.33
N PHE A 31 -1.77 -3.52 15.03
CA PHE A 31 -2.85 -3.65 14.07
C PHE A 31 -3.27 -5.10 13.92
N SER A 32 -2.29 -6.00 13.86
CA SER A 32 -2.55 -7.43 13.71
C SER A 32 -3.59 -7.89 14.72
N ARG A 33 -3.46 -7.42 15.96
CA ARG A 33 -4.38 -7.79 17.02
C ARG A 33 -5.81 -7.88 16.49
N PHE A 34 -6.23 -6.85 15.75
CA PHE A 34 -7.56 -6.82 15.19
C PHE A 34 -7.76 -7.93 14.15
N GLY A 35 -6.83 -8.03 13.22
CA GLY A 35 -6.91 -9.05 12.19
C GLY A 35 -5.59 -9.26 11.47
N SER A 36 -5.43 -10.44 10.88
CA SER A 36 -4.20 -10.77 10.16
C SER A 36 -3.83 -9.65 9.19
N LEU A 37 -2.55 -9.28 9.19
CA LEU A 37 -2.06 -8.22 8.32
C LEU A 37 -1.32 -8.81 7.12
N GLY A 38 -0.94 -7.94 6.18
CA GLY A 38 -0.21 -8.39 5.01
C GLY A 38 1.09 -7.65 4.81
N ARG A 39 1.06 -6.61 3.98
CA ARG A 39 2.25 -5.82 3.70
C ARG A 39 2.40 -4.70 4.72
N VAL A 40 3.59 -4.62 5.33
CA VAL A 40 3.86 -3.59 6.33
C VAL A 40 5.18 -2.87 6.03
N LEU A 41 5.09 -1.59 5.72
CA LEU A 41 6.28 -0.80 5.41
C LEU A 41 6.31 0.48 6.25
N LEU A 42 7.33 0.60 7.09
CA LEU A 42 7.48 1.77 7.95
C LEU A 42 8.91 2.30 7.90
N PRO A 43 9.14 3.34 7.09
CA PRO A 43 10.45 3.95 6.94
C PRO A 43 10.88 4.72 8.19
N GLU A 44 12.18 4.78 8.44
CA GLU A 44 12.72 5.47 9.60
C GLU A 44 12.71 6.99 9.38
N GLY A 45 12.99 7.40 8.14
CA GLY A 45 13.01 8.81 7.81
C GLY A 45 11.66 9.47 8.05
N GLY A 46 10.58 8.74 7.75
CA GLY A 46 9.25 9.28 7.92
C GLY A 46 8.40 8.44 8.86
N ILE A 47 8.02 9.01 9.99
CA ILE A 47 7.19 8.31 10.96
C ILE A 47 6.05 7.56 10.28
N THR A 48 5.57 8.12 9.18
CA THR A 48 4.48 7.51 8.43
C THR A 48 4.68 6.01 8.28
N ALA A 49 3.70 5.24 8.73
CA ALA A 49 3.77 3.79 8.65
C ALA A 49 2.69 3.23 7.72
N ILE A 50 3.12 2.57 6.65
CA ILE A 50 2.18 1.99 5.70
C ILE A 50 1.78 0.58 6.10
N VAL A 51 0.49 0.26 5.93
CA VAL A 51 -0.02 -1.06 6.27
C VAL A 51 -1.01 -1.55 5.23
N GLU A 52 -0.90 -2.83 4.89
CA GLU A 52 -1.80 -3.42 3.90
C GLU A 52 -2.55 -4.62 4.48
N PHE A 53 -3.73 -4.36 5.03
CA PHE A 53 -4.54 -5.41 5.63
C PHE A 53 -4.87 -6.49 4.61
N LEU A 54 -5.07 -7.71 5.10
CA LEU A 54 -5.39 -8.83 4.22
C LEU A 54 -6.87 -8.85 3.87
N GLU A 55 -7.71 -8.52 4.85
CA GLU A 55 -9.15 -8.48 4.64
C GLU A 55 -9.68 -7.06 4.70
N PRO A 56 -10.62 -6.74 3.80
CA PRO A 56 -11.23 -5.41 3.71
C PRO A 56 -12.13 -5.12 4.91
N LEU A 57 -12.96 -6.10 5.27
CA LEU A 57 -13.87 -5.94 6.39
C LEU A 57 -13.12 -5.65 7.68
N GLU A 58 -12.15 -6.50 8.00
CA GLU A 58 -11.35 -6.34 9.20
C GLU A 58 -10.59 -5.01 9.18
N ALA A 59 -10.12 -4.63 8.00
CA ALA A 59 -9.37 -3.39 7.83
C ALA A 59 -10.20 -2.19 8.30
N ARG A 60 -11.44 -2.11 7.83
CA ARG A 60 -12.32 -1.02 8.21
C ARG A 60 -12.58 -1.01 9.71
N LYS A 61 -12.85 -2.19 10.27
CA LYS A 61 -13.11 -2.31 11.69
C LYS A 61 -11.98 -1.70 12.51
N ALA A 62 -10.76 -2.20 12.31
CA ALA A 62 -9.60 -1.69 13.03
C ALA A 62 -9.42 -0.20 12.79
N PHE A 63 -9.51 0.21 11.54
CA PHE A 63 -9.36 1.62 11.17
C PHE A 63 -10.21 2.50 12.07
N ARG A 64 -11.51 2.23 12.10
CA ARG A 64 -12.44 3.01 12.93
C ARG A 64 -11.96 3.07 14.38
N HIS A 65 -11.77 1.90 14.98
CA HIS A 65 -11.31 1.81 16.36
C HIS A 65 -10.08 2.68 16.58
N LEU A 66 -8.98 2.32 15.93
CA LEU A 66 -7.73 3.06 16.04
C LEU A 66 -7.95 4.54 15.76
N ALA A 67 -8.89 4.83 14.87
CA ALA A 67 -9.21 6.21 14.50
C ALA A 67 -9.62 7.02 15.73
N TYR A 68 -9.14 8.25 15.80
CA TYR A 68 -9.45 9.13 16.93
C TYR A 68 -8.92 8.55 18.23
N SER A 69 -7.69 8.07 18.21
CA SER A 69 -7.07 7.48 19.39
C SER A 69 -5.58 7.81 19.44
N LYS A 70 -5.05 7.91 20.66
CA LYS A 70 -3.64 8.22 20.85
C LYS A 70 -2.81 6.94 21.02
N PHE A 71 -1.76 6.82 20.23
CA PHE A 71 -0.89 5.65 20.30
C PHE A 71 -0.06 5.66 21.58
N HIS A 72 0.88 6.59 21.65
CA HIS A 72 1.75 6.71 22.82
C HIS A 72 1.61 8.09 23.46
N HIS A 73 1.93 9.13 22.69
CA HIS A 73 1.84 10.50 23.20
C HIS A 73 1.16 11.41 22.16
N VAL A 74 1.39 11.12 20.89
CA VAL A 74 0.80 11.90 19.80
C VAL A 74 -0.43 11.21 19.23
N PRO A 75 -1.34 12.00 18.66
CA PRO A 75 -2.58 11.50 18.05
C PRO A 75 -2.31 10.73 16.77
N LEU A 76 -2.96 9.58 16.61
CA LEU A 76 -2.80 8.76 15.43
C LEU A 76 -3.68 9.27 14.28
N TYR A 77 -3.05 9.58 13.16
CA TYR A 77 -3.77 10.09 11.99
C TYR A 77 -3.74 9.07 10.86
N LEU A 78 -4.83 8.33 10.70
CA LEU A 78 -4.92 7.32 9.65
C LEU A 78 -5.52 7.92 8.37
N GLU A 79 -4.97 7.52 7.23
CA GLU A 79 -5.45 8.01 5.94
C GLU A 79 -5.50 6.89 4.91
N TRP A 80 -6.70 6.61 4.41
CA TRP A 80 -6.88 5.56 3.41
C TRP A 80 -5.94 5.75 2.23
N ALA A 81 -5.27 4.68 1.83
CA ALA A 81 -4.34 4.72 0.70
C ALA A 81 -5.08 4.54 -0.62
N PRO A 82 -4.65 5.32 -1.64
CA PRO A 82 -5.24 5.26 -2.97
C PRO A 82 -4.93 3.96 -3.70
N ILE A 83 -5.37 3.86 -4.95
CA ILE A 83 -5.14 2.66 -5.75
C ILE A 83 -3.78 2.74 -6.46
N GLY A 84 -3.32 3.96 -6.73
CA GLY A 84 -2.06 4.14 -7.39
C GLY A 84 -0.87 3.91 -6.47
N VAL A 85 -1.10 4.09 -5.17
CA VAL A 85 -0.04 3.88 -4.19
C VAL A 85 0.80 2.66 -4.51
N PHE A 86 0.13 1.58 -4.89
CA PHE A 86 0.81 0.33 -5.23
C PHE A 86 1.00 0.21 -6.74
N GLY A 87 -0.09 0.42 -7.48
CA GLY A 87 -0.03 0.32 -8.93
C GLY A 87 0.43 -1.04 -9.41
N ALA A 88 0.58 -1.19 -10.71
CA ALA A 88 1.02 -2.45 -11.30
C ALA A 88 1.97 -2.21 -12.46
N ALA A 89 2.83 -3.19 -12.72
CA ALA A 89 3.79 -3.10 -13.82
C ALA A 89 4.58 -4.38 -13.98
N PRO A 90 5.08 -4.64 -15.20
CA PRO A 90 5.85 -5.83 -15.50
C PRO A 90 7.22 -5.83 -14.84
N GLN A 91 7.99 -6.89 -15.06
CA GLN A 91 9.32 -7.01 -14.48
C GLN A 91 10.38 -7.21 -15.56
N LYS A 92 10.87 -6.11 -16.11
CA LYS A 92 11.88 -6.16 -17.16
C LYS A 92 13.28 -6.18 -16.55
N LYS A 93 13.45 -5.47 -15.43
CA LYS A 93 14.75 -5.41 -14.76
C LYS A 93 15.42 -6.78 -14.76
N ASP A 94 14.63 -7.83 -14.58
CA ASP A 94 15.15 -9.19 -14.55
C ASP A 94 16.24 -9.37 -15.61
N SER A 95 15.95 -8.92 -16.82
CA SER A 95 16.91 -9.04 -17.92
C SER A 95 18.29 -8.55 -17.50
N GLN A 96 18.32 -7.40 -16.82
CA GLN A 96 19.57 -6.82 -16.36
C GLN A 96 20.52 -7.90 -15.86
N HIS A 97 19.96 -8.90 -15.18
CA HIS A 97 20.76 -10.00 -14.63
C HIS A 97 21.89 -10.37 -15.59
N GLU A 98 21.59 -10.39 -16.88
CA GLU A 98 22.58 -10.74 -17.89
C GLU A 98 23.96 -10.23 -17.49
N GLN A 99 24.99 -11.04 -17.73
CA GLN A 99 26.36 -10.66 -17.40
C GLN A 99 27.26 -10.74 -18.63
N PRO A 100 28.29 -9.89 -18.65
CA PRO A 100 29.24 -9.82 -19.76
C PRO A 100 30.14 -11.06 -19.82
N ALA A 101 30.39 -11.55 -21.03
CA ALA A 101 31.23 -12.73 -21.23
C ALA A 101 32.65 -12.33 -21.58
N GLU A 102 32.80 -11.34 -22.45
CA GLU A 102 34.11 -10.86 -22.87
C GLU A 102 35.05 -10.77 -21.68
N LYS A 103 34.53 -10.30 -20.55
CA LYS A 103 35.33 -10.16 -19.34
C LYS A 103 36.23 -11.38 -19.14
N ALA A 104 35.66 -12.56 -19.31
CA ALA A 104 36.41 -13.80 -19.14
C ALA A 104 37.81 -13.67 -19.73
N GLU A 105 37.92 -13.03 -20.88
CA GLU A 105 39.20 -12.83 -21.55
C GLU A 105 40.25 -12.34 -20.55
N SER A 106 39.87 -11.36 -19.75
CA SER A 106 40.77 -10.78 -18.75
C SER A 106 41.72 -11.85 -18.19
N GLY A 107 43.01 -11.60 -18.30
CA GLY A 107 43.99 -12.56 -17.81
C GLY A 107 45.40 -12.00 -17.84
N PRO A 108 46.26 -12.51 -16.94
CA PRO A 108 47.66 -12.08 -16.84
C PRO A 108 48.48 -12.52 -18.04
N SER A 109 49.64 -11.89 -18.22
CA SER A 109 50.53 -12.23 -19.33
C SER A 109 51.71 -13.08 -18.85
N SER A 110 52.26 -12.72 -17.70
CA SER A 110 53.39 -13.44 -17.14
C SER A 110 53.06 -14.93 -16.99
N GLY A 111 54.10 -15.75 -16.93
CA GLY A 111 53.90 -17.19 -16.78
C GLY A 111 54.82 -17.99 -17.68
N GLY A 1 -22.01 9.17 -5.89
CA GLY A 1 -20.77 8.46 -5.63
C GLY A 1 -19.73 9.31 -4.93
N SER A 2 -19.79 9.35 -3.61
CA SER A 2 -18.86 10.14 -2.81
C SER A 2 -17.50 9.45 -2.72
N SER A 3 -17.53 8.18 -2.34
CA SER A 3 -16.30 7.39 -2.20
C SER A 3 -15.95 6.71 -3.51
N GLY A 4 -16.94 6.09 -4.15
CA GLY A 4 -16.71 5.40 -5.40
C GLY A 4 -15.84 6.21 -6.35
N SER A 5 -16.19 7.48 -6.53
CA SER A 5 -15.44 8.36 -7.42
C SER A 5 -13.94 8.28 -7.14
N SER A 6 -13.57 8.52 -5.88
CA SER A 6 -12.17 8.48 -5.48
C SER A 6 -11.57 7.11 -5.76
N GLY A 7 -12.28 6.05 -5.36
CA GLY A 7 -11.80 4.70 -5.58
C GLY A 7 -10.47 4.44 -4.88
N ARG A 8 -10.44 4.65 -3.57
CA ARG A 8 -9.23 4.44 -2.79
C ARG A 8 -9.21 3.04 -2.18
N SER A 9 -8.02 2.47 -2.05
CA SER A 9 -7.86 1.13 -1.49
C SER A 9 -8.56 1.03 -0.13
N LYS A 10 -9.05 -0.16 0.19
CA LYS A 10 -9.73 -0.38 1.46
C LYS A 10 -8.90 -1.30 2.37
N THR A 11 -7.94 -2.00 1.77
CA THR A 11 -7.09 -2.90 2.53
C THR A 11 -5.81 -2.21 2.98
N VAL A 12 -5.37 -1.21 2.20
CA VAL A 12 -4.16 -0.47 2.52
C VAL A 12 -4.51 0.88 3.16
N ILE A 13 -3.94 1.12 4.34
CA ILE A 13 -4.18 2.38 5.04
C ILE A 13 -2.87 3.11 5.33
N LEU A 14 -2.95 4.44 5.42
CA LEU A 14 -1.78 5.26 5.69
C LEU A 14 -1.87 5.91 7.06
N ALA A 15 -0.91 5.62 7.93
CA ALA A 15 -0.89 6.19 9.27
C ALA A 15 0.08 7.36 9.35
N LYS A 16 -0.36 8.44 10.00
CA LYS A 16 0.47 9.62 10.15
C LYS A 16 0.50 10.08 11.61
N ASN A 17 1.51 10.88 11.95
CA ASN A 17 1.65 11.39 13.31
C ASN A 17 2.14 10.28 14.26
N LEU A 18 3.23 9.63 13.88
CA LEU A 18 3.80 8.56 14.69
C LEU A 18 5.10 9.01 15.34
N PRO A 19 5.28 8.66 16.62
CA PRO A 19 6.48 9.00 17.39
C PRO A 19 7.70 8.24 16.91
N ALA A 20 8.82 8.94 16.77
CA ALA A 20 10.06 8.32 16.33
C ALA A 20 10.29 6.98 17.03
N GLY A 21 9.87 6.90 18.28
CA GLY A 21 10.04 5.68 19.05
C GLY A 21 9.38 4.48 18.38
N THR A 22 8.23 4.71 17.76
CA THR A 22 7.51 3.64 17.08
C THR A 22 8.47 2.74 16.30
N LEU A 23 7.98 1.56 15.92
CA LEU A 23 8.79 0.61 15.17
C LEU A 23 7.92 -0.25 14.26
N ALA A 24 8.45 -0.61 13.09
CA ALA A 24 7.72 -1.44 12.15
C ALA A 24 6.98 -2.57 12.85
N ALA A 25 7.66 -3.24 13.77
CA ALA A 25 7.07 -4.33 14.52
C ALA A 25 5.92 -3.84 15.41
N GLU A 26 6.13 -2.70 16.05
CA GLU A 26 5.12 -2.11 16.92
C GLU A 26 3.78 -2.00 16.20
N ILE A 27 3.77 -1.26 15.10
CA ILE A 27 2.55 -1.07 14.32
C ILE A 27 1.97 -2.41 13.87
N GLN A 28 2.80 -3.21 13.21
CA GLN A 28 2.37 -4.52 12.73
C GLN A 28 1.55 -5.24 13.78
N GLU A 29 2.14 -5.44 14.96
CA GLU A 29 1.46 -6.13 16.05
C GLU A 29 0.23 -5.34 16.51
N THR A 30 0.44 -4.06 16.81
CA THR A 30 -0.65 -3.19 17.26
C THR A 30 -1.91 -3.42 16.44
N PHE A 31 -1.79 -3.27 15.12
CA PHE A 31 -2.93 -3.46 14.22
C PHE A 31 -3.32 -4.93 14.15
N SER A 32 -2.32 -5.80 14.07
CA SER A 32 -2.56 -7.24 13.98
C SER A 32 -3.59 -7.67 15.01
N ARG A 33 -3.52 -7.09 16.20
CA ARG A 33 -4.47 -7.41 17.27
C ARG A 33 -5.87 -7.63 16.72
N PHE A 34 -6.33 -6.68 15.91
CA PHE A 34 -7.66 -6.75 15.32
C PHE A 34 -7.75 -7.95 14.36
N GLY A 35 -6.74 -8.10 13.52
CA GLY A 35 -6.73 -9.19 12.56
C GLY A 35 -5.41 -9.31 11.83
N SER A 36 -5.14 -10.50 11.31
CA SER A 36 -3.90 -10.76 10.59
C SER A 36 -3.63 -9.65 9.57
N LEU A 37 -2.42 -9.11 9.59
CA LEU A 37 -2.03 -8.06 8.66
C LEU A 37 -1.31 -8.62 7.44
N GLY A 38 -1.21 -7.81 6.39
CA GLY A 38 -0.53 -8.26 5.18
C GLY A 38 0.80 -7.57 4.98
N ARG A 39 0.83 -6.58 4.10
CA ARG A 39 2.06 -5.85 3.81
C ARG A 39 2.24 -4.69 4.78
N VAL A 40 3.35 -4.71 5.52
CA VAL A 40 3.64 -3.66 6.48
C VAL A 40 4.98 -2.99 6.18
N LEU A 41 4.93 -1.70 5.85
CA LEU A 41 6.13 -0.95 5.54
C LEU A 41 6.18 0.36 6.32
N LEU A 42 7.16 0.48 7.21
CA LEU A 42 7.32 1.68 8.02
C LEU A 42 8.77 2.14 8.03
N PRO A 43 9.07 3.14 7.18
CA PRO A 43 10.43 3.70 7.08
C PRO A 43 10.82 4.50 8.32
N GLU A 44 12.11 4.50 8.63
CA GLU A 44 12.62 5.23 9.79
C GLU A 44 12.66 6.72 9.52
N GLY A 45 13.15 7.08 8.33
CA GLY A 45 13.24 8.48 7.96
C GLY A 45 11.92 9.22 8.12
N GLY A 46 10.83 8.52 7.82
CA GLY A 46 9.52 9.14 7.93
C GLY A 46 8.62 8.40 8.92
N ILE A 47 8.15 9.10 9.94
CA ILE A 47 7.28 8.51 10.94
C ILE A 47 6.12 7.76 10.29
N THR A 48 5.65 8.29 9.17
CA THR A 48 4.54 7.67 8.44
C THR A 48 4.72 6.16 8.34
N ALA A 49 3.62 5.43 8.50
CA ALA A 49 3.67 3.97 8.41
C ALA A 49 2.59 3.44 7.47
N ILE A 50 2.99 2.53 6.58
CA ILE A 50 2.06 1.95 5.63
C ILE A 50 1.65 0.54 6.04
N VAL A 51 0.35 0.27 6.00
CA VAL A 51 -0.18 -1.03 6.37
C VAL A 51 -1.15 -1.56 5.32
N GLU A 52 -1.04 -2.85 5.03
CA GLU A 52 -1.92 -3.48 4.03
C GLU A 52 -2.66 -4.67 4.63
N PHE A 53 -3.82 -4.40 5.22
CA PHE A 53 -4.63 -5.44 5.84
C PHE A 53 -4.97 -6.53 4.83
N LEU A 54 -4.83 -7.78 5.25
CA LEU A 54 -5.13 -8.92 4.37
C LEU A 54 -6.61 -8.95 4.00
N GLU A 55 -7.46 -8.56 4.95
CA GLU A 55 -8.90 -8.54 4.72
C GLU A 55 -9.44 -7.11 4.73
N PRO A 56 -10.31 -6.80 3.75
CA PRO A 56 -10.91 -5.48 3.62
C PRO A 56 -11.90 -5.17 4.74
N LEU A 57 -12.65 -6.19 5.14
CA LEU A 57 -13.63 -6.04 6.21
C LEU A 57 -12.97 -5.62 7.52
N GLU A 58 -11.92 -6.35 7.90
CA GLU A 58 -11.19 -6.06 9.12
C GLU A 58 -10.53 -4.69 9.05
N ALA A 59 -9.95 -4.38 7.90
CA ALA A 59 -9.28 -3.10 7.69
C ALA A 59 -10.19 -1.93 8.08
N ARG A 60 -11.40 -1.93 7.51
CA ARG A 60 -12.36 -0.87 7.79
C ARG A 60 -12.73 -0.85 9.27
N LYS A 61 -12.98 -2.02 9.84
CA LYS A 61 -13.34 -2.13 11.25
C LYS A 61 -12.26 -1.50 12.13
N ALA A 62 -11.03 -1.99 12.01
CA ALA A 62 -9.92 -1.48 12.79
C ALA A 62 -9.75 0.01 12.59
N PHE A 63 -9.74 0.44 11.32
CA PHE A 63 -9.58 1.85 10.98
C PHE A 63 -10.45 2.73 11.89
N ARG A 64 -11.74 2.43 11.93
CA ARG A 64 -12.67 3.19 12.76
C ARG A 64 -12.25 3.16 14.22
N HIS A 65 -12.12 1.96 14.77
CA HIS A 65 -11.72 1.80 16.17
C HIS A 65 -10.50 2.66 16.48
N LEU A 66 -9.41 2.40 15.78
CA LEU A 66 -8.16 3.15 15.98
C LEU A 66 -8.39 4.64 15.76
N ALA A 67 -9.22 4.98 14.77
CA ALA A 67 -9.52 6.36 14.47
C ALA A 67 -9.76 7.17 15.75
N TYR A 68 -9.01 8.25 15.92
CA TYR A 68 -9.14 9.10 17.09
C TYR A 68 -8.56 8.42 18.33
N SER A 69 -7.45 7.70 18.13
CA SER A 69 -6.80 6.99 19.23
C SER A 69 -5.33 7.35 19.29
N LYS A 70 -4.75 7.23 20.48
CA LYS A 70 -3.34 7.53 20.69
C LYS A 70 -2.51 6.26 20.82
N PHE A 71 -1.47 6.14 20.01
CA PHE A 71 -0.61 4.97 20.04
C PHE A 71 0.25 4.95 21.30
N HIS A 72 1.06 5.99 21.47
CA HIS A 72 1.92 6.11 22.64
C HIS A 72 1.63 7.39 23.41
N HIS A 73 2.09 8.52 22.87
CA HIS A 73 1.88 9.81 23.50
C HIS A 73 1.20 10.79 22.55
N VAL A 74 1.32 10.52 21.25
CA VAL A 74 0.73 11.37 20.23
C VAL A 74 -0.41 10.67 19.52
N PRO A 75 -1.37 11.45 19.01
CA PRO A 75 -2.54 10.93 18.30
C PRO A 75 -2.17 10.35 16.95
N LEU A 76 -2.87 9.29 16.54
CA LEU A 76 -2.61 8.64 15.27
C LEU A 76 -3.58 9.16 14.19
N TYR A 77 -3.03 9.46 13.03
CA TYR A 77 -3.83 9.97 11.92
C TYR A 77 -3.90 8.94 10.78
N LEU A 78 -5.01 8.22 10.70
CA LEU A 78 -5.20 7.22 9.67
C LEU A 78 -5.78 7.83 8.41
N GLU A 79 -5.30 7.39 7.25
CA GLU A 79 -5.77 7.90 5.97
C GLU A 79 -5.75 6.81 4.90
N TRP A 80 -6.93 6.46 4.41
CA TRP A 80 -7.06 5.43 3.39
C TRP A 80 -6.00 5.62 2.30
N ALA A 81 -5.59 4.52 1.68
CA ALA A 81 -4.59 4.57 0.62
C ALA A 81 -5.24 4.37 -0.74
N PRO A 82 -4.80 5.18 -1.73
CA PRO A 82 -5.33 5.12 -3.09
C PRO A 82 -4.90 3.85 -3.81
N ILE A 83 -5.17 3.81 -5.12
CA ILE A 83 -4.80 2.65 -5.93
C ILE A 83 -3.43 2.81 -6.55
N GLY A 84 -2.99 4.06 -6.68
CA GLY A 84 -1.68 4.34 -7.25
C GLY A 84 -0.54 3.94 -6.34
N VAL A 85 -0.81 3.96 -5.03
CA VAL A 85 0.20 3.60 -4.04
C VAL A 85 1.04 2.42 -4.52
N PHE A 86 0.37 1.35 -4.92
CA PHE A 86 1.05 0.15 -5.40
C PHE A 86 1.12 0.14 -6.92
N GLY A 87 0.02 0.50 -7.56
CA GLY A 87 -0.02 0.52 -9.01
C GLY A 87 -0.51 -0.79 -9.59
N ALA A 88 -1.16 -0.72 -10.75
CA ALA A 88 -1.68 -1.90 -11.41
C ALA A 88 -1.32 -1.91 -12.90
N ALA A 89 -0.62 -2.96 -13.33
CA ALA A 89 -0.22 -3.08 -14.73
C ALA A 89 0.23 -4.50 -15.05
N PRO A 90 -0.24 -5.03 -16.19
CA PRO A 90 0.10 -6.37 -16.63
C PRO A 90 1.56 -6.50 -17.06
N GLN A 91 2.30 -7.36 -16.36
CA GLN A 91 3.71 -7.58 -16.66
C GLN A 91 3.92 -8.92 -17.35
N LYS A 92 3.01 -9.26 -18.26
CA LYS A 92 3.10 -10.52 -18.99
C LYS A 92 3.70 -10.30 -20.37
N LYS A 93 3.12 -9.40 -21.14
CA LYS A 93 3.60 -9.09 -22.48
C LYS A 93 5.08 -8.72 -22.45
N ASP A 94 5.51 -8.10 -21.36
CA ASP A 94 6.90 -7.69 -21.21
C ASP A 94 7.84 -8.81 -21.64
N SER A 95 7.59 -10.01 -21.15
CA SER A 95 8.42 -11.16 -21.49
C SER A 95 8.10 -11.68 -22.89
N GLN A 96 6.82 -11.90 -23.15
CA GLN A 96 6.38 -12.40 -24.45
C GLN A 96 7.16 -11.72 -25.58
N HIS A 97 7.52 -10.46 -25.36
CA HIS A 97 8.28 -9.71 -26.36
C HIS A 97 9.29 -10.61 -27.08
N GLU A 98 9.87 -11.55 -26.33
CA GLU A 98 10.84 -12.47 -26.90
C GLU A 98 10.51 -12.81 -28.35
N GLN A 99 11.23 -12.18 -29.27
CA GLN A 99 11.00 -12.41 -30.70
C GLN A 99 12.15 -13.20 -31.30
N PRO A 100 11.82 -14.21 -32.12
CA PRO A 100 12.82 -15.06 -32.78
C PRO A 100 13.58 -14.32 -33.87
N ALA A 101 14.81 -14.75 -34.12
CA ALA A 101 15.66 -14.13 -35.13
C ALA A 101 15.60 -14.91 -36.45
N GLU A 102 15.40 -16.21 -36.35
CA GLU A 102 15.32 -17.07 -37.53
C GLU A 102 14.43 -16.45 -38.59
N LYS A 103 13.43 -15.68 -38.15
CA LYS A 103 12.51 -15.03 -39.07
C LYS A 103 13.26 -14.29 -40.17
N ALA A 104 14.39 -13.70 -39.82
CA ALA A 104 15.21 -12.97 -40.78
C ALA A 104 15.39 -13.77 -42.06
N GLU A 105 15.59 -15.08 -41.91
CA GLU A 105 15.78 -15.95 -43.06
C GLU A 105 14.75 -15.68 -44.15
N SER A 106 13.48 -15.68 -43.76
CA SER A 106 12.39 -15.43 -44.69
C SER A 106 12.78 -14.35 -45.70
N GLY A 107 12.71 -14.69 -46.98
CA GLY A 107 13.05 -13.75 -48.02
C GLY A 107 13.23 -14.41 -49.37
N PRO A 108 12.84 -13.70 -50.45
CA PRO A 108 12.96 -14.21 -51.81
C PRO A 108 14.41 -14.30 -52.28
N SER A 109 14.61 -14.85 -53.48
CA SER A 109 15.94 -15.00 -54.04
C SER A 109 16.23 -13.91 -55.07
N SER A 110 15.26 -13.66 -55.94
CA SER A 110 15.40 -12.65 -56.97
C SER A 110 14.11 -12.47 -57.75
N GLY A 111 14.09 -11.50 -58.66
CA GLY A 111 12.90 -11.24 -59.45
C GLY A 111 13.22 -10.88 -60.89
N GLY A 1 -18.70 11.37 -2.70
CA GLY A 1 -17.88 12.57 -2.69
C GLY A 1 -16.69 12.46 -3.63
N SER A 2 -15.51 12.83 -3.14
CA SER A 2 -14.29 12.77 -3.94
C SER A 2 -13.71 11.37 -3.94
N SER A 3 -13.42 10.84 -2.74
CA SER A 3 -12.87 9.50 -2.61
C SER A 3 -13.63 8.51 -3.47
N GLY A 4 -14.91 8.77 -3.68
CA GLY A 4 -15.72 7.88 -4.49
C GLY A 4 -15.24 7.79 -5.92
N SER A 5 -15.27 8.90 -6.64
CA SER A 5 -14.84 8.94 -8.03
C SER A 5 -13.33 8.76 -8.12
N SER A 6 -12.59 9.62 -7.42
CA SER A 6 -11.13 9.57 -7.44
C SER A 6 -10.64 8.13 -7.29
N GLY A 7 -10.99 7.49 -6.18
CA GLY A 7 -10.57 6.12 -5.94
C GLY A 7 -9.59 6.00 -4.79
N ARG A 8 -9.95 5.22 -3.79
CA ARG A 8 -9.09 5.02 -2.62
C ARG A 8 -9.06 3.56 -2.21
N SER A 9 -7.85 3.01 -2.07
CA SER A 9 -7.69 1.62 -1.69
C SER A 9 -8.61 1.25 -0.54
N LYS A 10 -8.88 -0.04 -0.40
CA LYS A 10 -9.77 -0.52 0.67
C LYS A 10 -8.97 -1.32 1.70
N THR A 11 -7.95 -2.03 1.23
CA THR A 11 -7.13 -2.85 2.12
C THR A 11 -5.76 -2.19 2.35
N VAL A 12 -5.73 -0.87 2.26
CA VAL A 12 -4.49 -0.12 2.46
C VAL A 12 -4.74 1.15 3.26
N ILE A 13 -4.17 1.21 4.47
CA ILE A 13 -4.33 2.36 5.34
C ILE A 13 -2.99 3.03 5.61
N LEU A 14 -3.00 4.36 5.66
CA LEU A 14 -1.78 5.12 5.92
C LEU A 14 -1.86 5.84 7.26
N ALA A 15 -0.98 5.48 8.17
CA ALA A 15 -0.95 6.10 9.50
C ALA A 15 0.11 7.20 9.57
N LYS A 16 -0.31 8.39 9.98
CA LYS A 16 0.60 9.53 10.09
C LYS A 16 0.68 10.02 11.53
N ASN A 17 1.64 10.91 11.80
CA ASN A 17 1.81 11.46 13.13
C ASN A 17 2.22 10.37 14.12
N LEU A 18 3.29 9.65 13.80
CA LEU A 18 3.78 8.59 14.66
C LEU A 18 5.07 9.01 15.38
N PRO A 19 5.17 8.67 16.66
CA PRO A 19 6.34 8.99 17.48
C PRO A 19 7.57 8.20 17.07
N ALA A 20 8.71 8.87 17.00
CA ALA A 20 9.97 8.23 16.62
C ALA A 20 10.13 6.89 17.33
N GLY A 21 9.55 6.78 18.53
CA GLY A 21 9.65 5.55 19.29
C GLY A 21 9.02 4.38 18.56
N THR A 22 7.89 4.63 17.89
CA THR A 22 7.20 3.58 17.15
C THR A 22 8.18 2.71 16.37
N LEU A 23 7.75 1.50 16.03
CA LEU A 23 8.58 0.57 15.28
C LEU A 23 7.73 -0.31 14.36
N ALA A 24 8.34 -0.81 13.30
CA ALA A 24 7.65 -1.67 12.35
C ALA A 24 6.87 -2.77 13.07
N ALA A 25 7.56 -3.51 13.93
CA ALA A 25 6.93 -4.59 14.69
C ALA A 25 5.76 -4.07 15.51
N GLU A 26 6.00 -2.99 16.25
CA GLU A 26 4.96 -2.39 17.09
C GLU A 26 3.66 -2.24 16.31
N ILE A 27 3.69 -1.46 15.23
CA ILE A 27 2.52 -1.23 14.41
C ILE A 27 1.96 -2.54 13.88
N GLN A 28 2.81 -3.36 13.28
CA GLN A 28 2.40 -4.65 12.73
C GLN A 28 1.54 -5.40 13.74
N GLU A 29 2.09 -5.65 14.93
CA GLU A 29 1.38 -6.37 15.98
C GLU A 29 0.16 -5.57 16.44
N THR A 30 0.39 -4.35 16.90
CA THR A 30 -0.69 -3.49 17.38
C THR A 30 -1.94 -3.66 16.51
N PHE A 31 -1.77 -3.51 15.20
CA PHE A 31 -2.88 -3.64 14.27
C PHE A 31 -3.28 -5.10 14.10
N SER A 32 -2.30 -5.96 13.84
CA SER A 32 -2.55 -7.38 13.65
C SER A 32 -3.49 -7.91 14.73
N ARG A 33 -3.36 -7.38 15.94
CA ARG A 33 -4.20 -7.80 17.05
C ARG A 33 -5.64 -8.05 16.59
N PHE A 34 -6.20 -7.10 15.86
CA PHE A 34 -7.55 -7.22 15.36
C PHE A 34 -7.68 -8.38 14.37
N GLY A 35 -6.78 -8.39 13.39
CA GLY A 35 -6.80 -9.46 12.39
C GLY A 35 -5.48 -9.58 11.65
N SER A 36 -5.30 -10.69 10.94
CA SER A 36 -4.08 -10.93 10.20
C SER A 36 -3.76 -9.76 9.28
N LEU A 37 -2.47 -9.50 9.07
CA LEU A 37 -2.03 -8.41 8.21
C LEU A 37 -1.32 -8.95 6.97
N GLY A 38 -1.45 -8.23 5.86
CA GLY A 38 -0.82 -8.64 4.63
C GLY A 38 0.59 -8.11 4.50
N ARG A 39 0.72 -6.79 4.49
CA ARG A 39 2.03 -6.15 4.37
C ARG A 39 2.17 -4.99 5.35
N VAL A 40 3.40 -4.68 5.71
CA VAL A 40 3.67 -3.58 6.65
C VAL A 40 5.00 -2.90 6.33
N LEU A 41 4.92 -1.66 5.87
CA LEU A 41 6.11 -0.89 5.53
C LEU A 41 6.18 0.41 6.33
N LEU A 42 7.19 0.53 7.17
CA LEU A 42 7.37 1.72 8.00
C LEU A 42 8.82 2.20 7.95
N PRO A 43 9.07 3.21 7.10
CA PRO A 43 10.41 3.80 6.94
C PRO A 43 10.85 4.59 8.17
N GLU A 44 12.15 4.60 8.42
CA GLU A 44 12.70 5.31 9.57
C GLU A 44 12.72 6.82 9.31
N GLY A 45 13.11 7.20 8.10
CA GLY A 45 13.17 8.60 7.74
C GLY A 45 11.84 9.30 7.95
N GLY A 46 10.74 8.58 7.73
CA GLY A 46 9.43 9.16 7.88
C GLY A 46 8.61 8.44 8.93
N ILE A 47 8.18 9.16 9.96
CA ILE A 47 7.38 8.58 11.03
C ILE A 47 6.19 7.81 10.47
N THR A 48 5.56 8.37 9.44
CA THR A 48 4.41 7.73 8.82
C THR A 48 4.64 6.25 8.60
N ALA A 49 3.57 5.47 8.61
CA ALA A 49 3.67 4.03 8.41
C ALA A 49 2.60 3.53 7.45
N ILE A 50 2.93 2.50 6.67
CA ILE A 50 1.99 1.94 5.70
C ILE A 50 1.60 0.52 6.09
N VAL A 51 0.31 0.24 6.07
CA VAL A 51 -0.20 -1.08 6.42
C VAL A 51 -1.21 -1.57 5.39
N GLU A 52 -1.10 -2.85 5.01
CA GLU A 52 -1.99 -3.44 4.03
C GLU A 52 -2.64 -4.71 4.57
N PHE A 53 -3.83 -4.57 5.12
CA PHE A 53 -4.56 -5.71 5.68
C PHE A 53 -4.94 -6.70 4.59
N LEU A 54 -4.97 -7.98 4.94
CA LEU A 54 -5.32 -9.02 3.99
C LEU A 54 -6.81 -9.03 3.70
N GLU A 55 -7.61 -8.64 4.70
CA GLU A 55 -9.05 -8.58 4.55
C GLU A 55 -9.56 -7.15 4.64
N PRO A 56 -10.48 -6.78 3.75
CA PRO A 56 -11.07 -5.44 3.71
C PRO A 56 -11.99 -5.17 4.90
N LEU A 57 -12.70 -6.20 5.34
CA LEU A 57 -13.62 -6.08 6.46
C LEU A 57 -12.85 -5.78 7.76
N GLU A 58 -11.78 -6.53 7.99
CA GLU A 58 -10.97 -6.34 9.18
C GLU A 58 -10.29 -4.96 9.16
N ALA A 59 -9.72 -4.61 8.02
CA ALA A 59 -9.04 -3.33 7.87
C ALA A 59 -9.93 -2.18 8.31
N ARG A 60 -11.15 -2.15 7.79
CA ARG A 60 -12.10 -1.10 8.14
C ARG A 60 -12.39 -1.10 9.65
N LYS A 61 -12.63 -2.28 10.20
CA LYS A 61 -12.91 -2.42 11.62
C LYS A 61 -11.85 -1.70 12.47
N ALA A 62 -10.59 -2.04 12.23
CA ALA A 62 -9.49 -1.44 12.97
C ALA A 62 -9.41 0.06 12.69
N PHE A 63 -9.62 0.44 11.44
CA PHE A 63 -9.57 1.83 11.04
C PHE A 63 -10.39 2.70 11.99
N ARG A 64 -11.71 2.51 11.95
CA ARG A 64 -12.60 3.28 12.81
C ARG A 64 -12.17 3.19 14.27
N HIS A 65 -11.96 1.97 14.75
CA HIS A 65 -11.54 1.76 16.13
C HIS A 65 -10.36 2.65 16.49
N LEU A 66 -9.18 2.31 15.97
CA LEU A 66 -7.98 3.08 16.23
C LEU A 66 -8.23 4.58 16.00
N ALA A 67 -8.87 4.90 14.88
CA ALA A 67 -9.17 6.28 14.55
C ALA A 67 -9.52 7.08 15.80
N TYR A 68 -9.17 8.37 15.81
CA TYR A 68 -9.45 9.24 16.94
C TYR A 68 -8.84 8.67 18.23
N SER A 69 -7.60 8.21 18.13
CA SER A 69 -6.91 7.64 19.27
C SER A 69 -5.43 8.00 19.25
N LYS A 70 -4.72 7.65 20.32
CA LYS A 70 -3.30 7.94 20.43
C LYS A 70 -2.50 6.65 20.62
N PHE A 71 -1.35 6.56 19.96
CA PHE A 71 -0.50 5.38 20.06
C PHE A 71 0.31 5.42 21.35
N HIS A 72 1.12 6.45 21.50
CA HIS A 72 1.96 6.60 22.69
C HIS A 72 1.67 7.93 23.39
N HIS A 73 2.18 9.02 22.82
CA HIS A 73 1.98 10.35 23.38
C HIS A 73 1.37 11.29 22.35
N VAL A 74 1.53 10.95 21.08
CA VAL A 74 1.00 11.77 20.00
C VAL A 74 -0.23 11.11 19.37
N PRO A 75 -1.12 11.94 18.81
CA PRO A 75 -2.35 11.46 18.16
C PRO A 75 -2.07 10.74 16.86
N LEU A 76 -2.87 9.71 16.57
CA LEU A 76 -2.71 8.93 15.35
C LEU A 76 -3.71 9.37 14.29
N TYR A 77 -3.20 9.73 13.11
CA TYR A 77 -4.05 10.17 12.01
C TYR A 77 -4.02 9.16 10.86
N LEU A 78 -5.06 8.34 10.79
CA LEU A 78 -5.16 7.33 9.74
C LEU A 78 -5.85 7.89 8.50
N GLU A 79 -5.29 7.61 7.33
CA GLU A 79 -5.85 8.09 6.08
C GLU A 79 -5.75 7.02 4.99
N TRP A 80 -6.89 6.70 4.38
CA TRP A 80 -6.93 5.69 3.34
C TRP A 80 -5.94 6.03 2.22
N ALA A 81 -5.35 4.98 1.63
CA ALA A 81 -4.39 5.17 0.56
C ALA A 81 -5.08 5.16 -0.80
N PRO A 82 -4.52 5.93 -1.75
CA PRO A 82 -5.07 6.02 -3.11
C PRO A 82 -4.88 4.73 -3.90
N ILE A 83 -5.23 4.77 -5.19
CA ILE A 83 -5.11 3.61 -6.05
C ILE A 83 -3.75 3.59 -6.75
N GLY A 84 -3.13 4.76 -6.86
CA GLY A 84 -1.84 4.86 -7.51
C GLY A 84 -0.70 4.53 -6.57
N VAL A 85 -0.89 4.80 -5.28
CA VAL A 85 0.13 4.53 -4.28
C VAL A 85 0.84 3.21 -4.56
N PHE A 86 0.07 2.17 -4.80
CA PHE A 86 0.61 0.85 -5.09
C PHE A 86 0.70 0.60 -6.58
N GLY A 87 -0.46 0.59 -7.25
CA GLY A 87 -0.50 0.36 -8.68
C GLY A 87 0.46 1.26 -9.42
N ALA A 88 0.91 0.80 -10.59
CA ALA A 88 1.83 1.58 -11.41
C ALA A 88 1.39 1.60 -12.87
N ALA A 89 2.17 2.27 -13.71
CA ALA A 89 1.86 2.36 -15.13
C ALA A 89 2.14 1.05 -15.84
N PRO A 90 1.14 0.55 -16.59
CA PRO A 90 1.25 -0.71 -17.32
C PRO A 90 2.21 -0.59 -18.51
N GLN A 91 3.27 -1.40 -18.51
CA GLN A 91 4.25 -1.39 -19.58
C GLN A 91 4.42 -2.78 -20.18
N LYS A 92 3.32 -3.54 -20.22
CA LYS A 92 3.36 -4.89 -20.77
C LYS A 92 2.86 -4.91 -22.21
N LYS A 93 1.84 -4.10 -22.49
CA LYS A 93 1.27 -4.02 -23.83
C LYS A 93 2.36 -3.72 -24.86
N ASP A 94 3.30 -2.85 -24.49
CA ASP A 94 4.39 -2.49 -25.39
C ASP A 94 4.92 -3.70 -26.13
N SER A 95 5.32 -4.72 -25.38
CA SER A 95 5.85 -5.95 -25.97
C SER A 95 5.02 -6.37 -27.18
N GLN A 96 3.70 -6.27 -27.04
CA GLN A 96 2.80 -6.65 -28.12
C GLN A 96 3.21 -5.97 -29.43
N HIS A 97 3.61 -4.72 -29.34
CA HIS A 97 4.02 -3.96 -30.52
C HIS A 97 4.76 -4.85 -31.50
N GLU A 98 5.54 -5.79 -30.98
CA GLU A 98 6.31 -6.72 -31.81
C GLU A 98 5.54 -7.05 -33.09
N GLN A 99 5.94 -6.42 -34.18
CA GLN A 99 5.30 -6.65 -35.48
C GLN A 99 6.15 -7.56 -36.36
N PRO A 100 5.51 -8.57 -36.97
CA PRO A 100 6.19 -9.52 -37.85
C PRO A 100 6.64 -8.88 -39.16
N ALA A 101 7.55 -9.56 -39.86
CA ALA A 101 8.06 -9.05 -41.13
C ALA A 101 7.31 -9.68 -42.31
N GLU A 102 6.88 -10.93 -42.13
CA GLU A 102 6.15 -11.64 -43.17
C GLU A 102 5.16 -10.72 -43.87
N LYS A 103 4.42 -9.96 -43.08
CA LYS A 103 3.43 -9.03 -43.62
C LYS A 103 3.99 -8.25 -44.79
N ALA A 104 5.21 -7.74 -44.64
CA ALA A 104 5.87 -6.98 -45.69
C ALA A 104 5.59 -7.60 -47.06
N GLU A 105 5.64 -8.93 -47.12
CA GLU A 105 5.40 -9.63 -48.38
C GLU A 105 4.18 -9.08 -49.09
N SER A 106 3.11 -8.86 -48.33
CA SER A 106 1.87 -8.33 -48.89
C SER A 106 2.16 -7.36 -50.03
N GLY A 107 1.64 -7.66 -51.22
CA GLY A 107 1.85 -6.81 -52.37
C GLY A 107 0.74 -5.81 -52.56
N PRO A 108 1.07 -4.65 -53.15
CA PRO A 108 0.11 -3.57 -53.39
C PRO A 108 -0.91 -3.94 -54.47
N SER A 109 -1.74 -2.96 -54.85
CA SER A 109 -2.75 -3.19 -55.87
C SER A 109 -2.24 -2.76 -57.25
N SER A 110 -1.85 -1.50 -57.36
CA SER A 110 -1.35 -0.97 -58.62
C SER A 110 -0.17 -0.03 -58.38
N GLY A 111 0.40 0.48 -59.48
CA GLY A 111 1.52 1.39 -59.36
C GLY A 111 2.47 1.28 -60.55
N GLY A 1 -20.08 8.92 2.03
CA GLY A 1 -19.03 8.90 1.03
C GLY A 1 -18.73 7.50 0.52
N SER A 2 -19.33 7.14 -0.61
CA SER A 2 -19.13 5.82 -1.20
C SER A 2 -18.16 5.89 -2.38
N SER A 3 -18.39 6.86 -3.26
CA SER A 3 -17.55 7.03 -4.43
C SER A 3 -16.08 7.12 -4.04
N GLY A 4 -15.80 7.89 -2.99
CA GLY A 4 -14.43 8.05 -2.53
C GLY A 4 -13.89 6.79 -1.89
N SER A 5 -14.68 6.18 -1.01
CA SER A 5 -14.26 4.96 -0.32
C SER A 5 -13.86 3.88 -1.33
N SER A 6 -14.81 3.51 -2.19
CA SER A 6 -14.56 2.48 -3.20
C SER A 6 -13.32 2.83 -4.03
N GLY A 7 -13.23 4.09 -4.45
CA GLY A 7 -12.10 4.52 -5.24
C GLY A 7 -10.77 4.19 -4.60
N ARG A 8 -10.42 4.94 -3.56
CA ARG A 8 -9.16 4.71 -2.85
C ARG A 8 -9.08 3.28 -2.34
N SER A 9 -7.85 2.80 -2.11
CA SER A 9 -7.63 1.45 -1.62
C SER A 9 -8.57 1.13 -0.47
N LYS A 10 -8.90 -0.14 -0.32
CA LYS A 10 -9.80 -0.59 0.75
C LYS A 10 -9.05 -1.43 1.78
N THR A 11 -7.98 -2.08 1.32
CA THR A 11 -7.17 -2.93 2.19
C THR A 11 -5.81 -2.30 2.46
N VAL A 12 -5.70 -1.00 2.23
CA VAL A 12 -4.46 -0.27 2.45
C VAL A 12 -4.70 1.04 3.17
N ILE A 13 -4.06 1.20 4.33
CA ILE A 13 -4.21 2.42 5.12
C ILE A 13 -2.86 3.06 5.41
N LEU A 14 -2.84 4.38 5.53
CA LEU A 14 -1.61 5.11 5.81
C LEU A 14 -1.69 5.80 7.17
N ALA A 15 -0.74 5.46 8.05
CA ALA A 15 -0.69 6.05 9.38
C ALA A 15 0.29 7.21 9.43
N LYS A 16 -0.13 8.32 10.06
CA LYS A 16 0.73 9.49 10.18
C LYS A 16 0.73 10.02 11.61
N ASN A 17 1.71 10.84 11.93
CA ASN A 17 1.83 11.42 13.27
C ASN A 17 2.29 10.36 14.28
N LEU A 18 3.32 9.62 13.91
CA LEU A 18 3.85 8.57 14.78
C LEU A 18 5.19 8.99 15.37
N PRO A 19 5.39 8.70 16.66
CA PRO A 19 6.63 9.03 17.37
C PRO A 19 7.82 8.19 16.90
N ALA A 20 8.95 8.84 16.68
CA ALA A 20 10.15 8.15 16.24
C ALA A 20 10.34 6.83 16.98
N GLY A 21 9.88 6.80 18.24
CA GLY A 21 10.01 5.60 19.03
C GLY A 21 9.37 4.39 18.38
N THR A 22 8.21 4.59 17.77
CA THR A 22 7.48 3.51 17.11
C THR A 22 8.41 2.73 16.19
N LEU A 23 7.96 1.54 15.79
CA LEU A 23 8.76 0.69 14.91
C LEU A 23 7.84 -0.20 14.06
N ALA A 24 8.36 -0.65 12.91
CA ALA A 24 7.59 -1.50 12.02
C ALA A 24 6.93 -2.64 12.78
N ALA A 25 7.70 -3.30 13.65
CA ALA A 25 7.18 -4.40 14.44
C ALA A 25 6.02 -3.95 15.32
N GLU A 26 6.22 -2.86 16.05
CA GLU A 26 5.20 -2.33 16.93
C GLU A 26 3.86 -2.22 16.20
N ILE A 27 3.83 -1.41 15.15
CA ILE A 27 2.61 -1.21 14.37
C ILE A 27 2.01 -2.55 13.95
N GLN A 28 2.75 -3.30 13.15
CA GLN A 28 2.30 -4.61 12.69
C GLN A 28 1.54 -5.35 13.78
N GLU A 29 2.16 -5.43 14.96
CA GLU A 29 1.54 -6.12 16.10
C GLU A 29 0.28 -5.40 16.54
N THR A 30 0.43 -4.13 16.90
CA THR A 30 -0.72 -3.33 17.36
C THR A 30 -1.92 -3.55 16.47
N PHE A 31 -1.73 -3.42 15.16
CA PHE A 31 -2.81 -3.61 14.20
C PHE A 31 -3.27 -5.06 14.18
N SER A 32 -2.33 -5.98 14.07
CA SER A 32 -2.63 -7.41 14.03
C SER A 32 -3.63 -7.77 15.13
N ARG A 33 -3.47 -7.16 16.29
CA ARG A 33 -4.36 -7.42 17.42
C ARG A 33 -5.82 -7.52 16.96
N PHE A 34 -6.19 -6.67 16.01
CA PHE A 34 -7.55 -6.66 15.48
C PHE A 34 -7.77 -7.83 14.54
N GLY A 35 -6.82 -8.05 13.64
CA GLY A 35 -6.93 -9.14 12.70
C GLY A 35 -5.62 -9.44 12.00
N SER A 36 -5.70 -10.01 10.80
CA SER A 36 -4.51 -10.35 10.03
C SER A 36 -3.93 -9.11 9.34
N LEU A 37 -2.70 -9.23 8.85
CA LEU A 37 -2.04 -8.14 8.17
C LEU A 37 -1.29 -8.62 6.94
N GLY A 38 -1.19 -7.76 5.94
CA GLY A 38 -0.49 -8.11 4.72
C GLY A 38 0.85 -7.44 4.58
N ARG A 39 0.93 -6.42 3.74
CA ARG A 39 2.17 -5.68 3.52
C ARG A 39 2.34 -4.60 4.59
N VAL A 40 3.43 -4.70 5.35
CA VAL A 40 3.72 -3.73 6.40
C VAL A 40 5.06 -3.06 6.17
N LEU A 41 5.04 -1.77 5.87
CA LEU A 41 6.26 -1.01 5.63
C LEU A 41 6.26 0.29 6.43
N LEU A 42 7.25 0.44 7.30
CA LEU A 42 7.36 1.64 8.13
C LEU A 42 8.81 2.15 8.15
N PRO A 43 9.09 3.16 7.32
CA PRO A 43 10.42 3.75 7.21
C PRO A 43 10.79 4.55 8.46
N GLU A 44 12.09 4.58 8.78
CA GLU A 44 12.56 5.30 9.95
C GLU A 44 12.60 6.81 9.68
N GLY A 45 13.09 7.19 8.51
CA GLY A 45 13.16 8.59 8.15
C GLY A 45 11.81 9.26 8.14
N GLY A 46 10.76 8.48 7.89
CA GLY A 46 9.41 9.02 7.87
C GLY A 46 8.49 8.33 8.83
N ILE A 47 8.15 9.01 9.93
CA ILE A 47 7.26 8.44 10.94
C ILE A 47 6.08 7.72 10.29
N THR A 48 5.59 8.28 9.19
CA THR A 48 4.46 7.68 8.47
C THR A 48 4.67 6.18 8.28
N ALA A 49 3.61 5.41 8.54
CA ALA A 49 3.68 3.96 8.39
C ALA A 49 2.62 3.47 7.40
N ILE A 50 2.98 2.45 6.63
CA ILE A 50 2.06 1.89 5.65
C ILE A 50 1.69 0.45 6.00
N VAL A 51 0.39 0.17 6.06
CA VAL A 51 -0.09 -1.16 6.39
C VAL A 51 -1.15 -1.62 5.39
N GLU A 52 -1.07 -2.89 4.98
CA GLU A 52 -2.02 -3.45 4.03
C GLU A 52 -2.67 -4.71 4.60
N PHE A 53 -3.83 -4.54 5.23
CA PHE A 53 -4.55 -5.66 5.81
C PHE A 53 -4.86 -6.72 4.76
N LEU A 54 -5.00 -7.96 5.20
CA LEU A 54 -5.31 -9.07 4.31
C LEU A 54 -6.78 -9.06 3.90
N GLU A 55 -7.63 -8.69 4.84
CA GLU A 55 -9.07 -8.64 4.58
C GLU A 55 -9.59 -7.21 4.66
N PRO A 56 -10.53 -6.87 3.77
CA PRO A 56 -11.13 -5.52 3.72
C PRO A 56 -12.03 -5.25 4.92
N LEU A 57 -12.85 -6.24 5.28
CA LEU A 57 -13.76 -6.10 6.41
C LEU A 57 -12.99 -5.77 7.69
N GLU A 58 -12.00 -6.59 8.01
CA GLU A 58 -11.19 -6.37 9.21
C GLU A 58 -10.46 -5.04 9.14
N ALA A 59 -9.94 -4.71 7.97
CA ALA A 59 -9.21 -3.47 7.77
C ALA A 59 -10.04 -2.27 8.23
N ARG A 60 -11.30 -2.22 7.79
CA ARG A 60 -12.19 -1.14 8.16
C ARG A 60 -12.42 -1.10 9.66
N LYS A 61 -12.76 -2.26 10.23
CA LYS A 61 -13.00 -2.36 11.66
C LYS A 61 -11.90 -1.69 12.46
N ALA A 62 -10.67 -2.14 12.26
CA ALA A 62 -9.52 -1.56 12.96
C ALA A 62 -9.47 -0.05 12.78
N PHE A 63 -9.58 0.40 11.54
CA PHE A 63 -9.54 1.83 11.25
C PHE A 63 -10.53 2.60 12.13
N ARG A 64 -11.80 2.20 12.07
CA ARG A 64 -12.83 2.85 12.87
C ARG A 64 -12.38 3.02 14.31
N HIS A 65 -11.89 1.93 14.91
CA HIS A 65 -11.43 1.96 16.29
C HIS A 65 -10.21 2.87 16.43
N LEU A 66 -9.07 2.42 15.93
CA LEU A 66 -7.83 3.19 16.00
C LEU A 66 -8.11 4.68 15.77
N ALA A 67 -8.75 4.97 14.64
CA ALA A 67 -9.07 6.35 14.29
C ALA A 67 -9.52 7.13 15.53
N TYR A 68 -9.14 8.41 15.58
CA TYR A 68 -9.50 9.26 16.71
C TYR A 68 -9.03 8.66 18.02
N SER A 69 -7.83 8.09 18.01
CA SER A 69 -7.26 7.47 19.21
C SER A 69 -5.79 7.85 19.36
N LYS A 70 -5.24 7.56 20.54
CA LYS A 70 -3.85 7.87 20.83
C LYS A 70 -3.02 6.58 20.94
N PHE A 71 -1.85 6.58 20.31
CA PHE A 71 -0.97 5.42 20.34
C PHE A 71 -0.11 5.42 21.60
N HIS A 72 0.88 6.30 21.63
CA HIS A 72 1.78 6.41 22.78
C HIS A 72 1.65 7.78 23.44
N HIS A 73 2.05 8.82 22.72
CA HIS A 73 1.97 10.18 23.24
C HIS A 73 1.25 11.10 22.26
N VAL A 74 1.31 10.76 20.98
CA VAL A 74 0.66 11.56 19.94
C VAL A 74 -0.55 10.84 19.37
N PRO A 75 -1.52 11.61 18.88
CA PRO A 75 -2.75 11.05 18.30
C PRO A 75 -2.50 10.35 16.96
N LEU A 76 -3.07 9.17 16.79
CA LEU A 76 -2.91 8.40 15.57
C LEU A 76 -3.72 9.00 14.44
N TYR A 77 -3.07 9.30 13.33
CA TYR A 77 -3.73 9.88 12.17
C TYR A 77 -3.75 8.90 11.01
N LEU A 78 -4.89 8.24 10.80
CA LEU A 78 -5.03 7.27 9.72
C LEU A 78 -5.60 7.93 8.47
N GLU A 79 -5.05 7.57 7.32
CA GLU A 79 -5.49 8.13 6.05
C GLU A 79 -5.49 7.07 4.95
N TRP A 80 -6.69 6.66 4.53
CA TRP A 80 -6.82 5.65 3.49
C TRP A 80 -5.85 5.92 2.34
N ALA A 81 -5.40 4.85 1.70
CA ALA A 81 -4.47 4.95 0.59
C ALA A 81 -5.21 4.88 -0.75
N PRO A 82 -4.75 5.67 -1.73
CA PRO A 82 -5.34 5.72 -3.07
C PRO A 82 -5.09 4.43 -3.85
N ILE A 83 -5.51 4.42 -5.11
CA ILE A 83 -5.33 3.26 -5.97
C ILE A 83 -4.01 3.33 -6.72
N GLY A 84 -3.50 4.54 -6.89
CA GLY A 84 -2.23 4.73 -7.59
C GLY A 84 -1.03 4.46 -6.70
N VAL A 85 -1.25 4.55 -5.39
CA VAL A 85 -0.17 4.32 -4.43
C VAL A 85 0.68 3.12 -4.82
N PHE A 86 0.01 2.01 -5.14
CA PHE A 86 0.69 0.79 -5.52
C PHE A 86 0.81 0.70 -7.05
N GLY A 87 -0.26 1.06 -7.74
CA GLY A 87 -0.26 1.02 -9.19
C GLY A 87 1.05 1.48 -9.79
N ALA A 88 1.65 0.63 -10.61
CA ALA A 88 2.92 0.95 -11.25
C ALA A 88 3.33 -0.14 -12.24
N ALA A 89 3.85 0.27 -13.39
CA ALA A 89 4.28 -0.66 -14.41
C ALA A 89 4.98 0.06 -15.56
N PRO A 90 6.05 -0.55 -16.09
CA PRO A 90 6.82 0.02 -17.19
C PRO A 90 6.06 0.01 -18.50
N GLN A 91 6.75 0.33 -19.60
CA GLN A 91 6.13 0.35 -20.92
C GLN A 91 7.17 0.56 -22.00
N LYS A 92 7.44 -0.49 -22.77
CA LYS A 92 8.42 -0.43 -23.85
C LYS A 92 7.75 -0.13 -25.18
N LYS A 93 6.56 -0.70 -25.38
CA LYS A 93 5.81 -0.49 -26.61
C LYS A 93 5.78 0.99 -26.99
N ASP A 94 5.67 1.85 -25.98
CA ASP A 94 5.63 3.29 -26.20
C ASP A 94 6.61 3.69 -27.30
N SER A 95 7.65 2.88 -27.49
CA SER A 95 8.66 3.16 -28.51
C SER A 95 8.00 3.51 -29.84
N GLN A 96 6.96 2.78 -30.20
CA GLN A 96 6.25 3.01 -31.45
C GLN A 96 6.11 4.51 -31.72
N HIS A 97 6.03 5.28 -30.65
CA HIS A 97 5.90 6.73 -30.78
C HIS A 97 6.76 7.27 -31.92
N GLU A 98 7.95 6.70 -32.06
CA GLU A 98 8.87 7.12 -33.11
C GLU A 98 8.11 7.48 -34.38
N GLN A 99 7.96 8.78 -34.63
CA GLN A 99 7.26 9.25 -35.82
C GLN A 99 8.09 9.05 -37.08
N PRO A 100 7.48 8.46 -38.10
CA PRO A 100 8.16 8.20 -39.38
C PRO A 100 8.45 9.48 -40.16
N ALA A 101 9.20 9.34 -41.25
CA ALA A 101 9.55 10.49 -42.08
C ALA A 101 8.54 10.68 -43.21
N GLU A 102 8.01 9.57 -43.71
CA GLU A 102 7.03 9.62 -44.79
C GLU A 102 6.01 10.73 -44.57
N LYS A 103 5.58 10.87 -43.32
CA LYS A 103 4.60 11.90 -42.97
C LYS A 103 4.92 13.22 -43.67
N ALA A 104 6.20 13.56 -43.72
CA ALA A 104 6.64 14.79 -44.38
C ALA A 104 5.85 15.04 -45.66
N GLU A 105 5.61 13.98 -46.42
CA GLU A 105 4.87 14.09 -47.68
C GLU A 105 3.61 14.93 -47.49
N SER A 106 2.87 14.65 -46.43
CA SER A 106 1.64 15.38 -46.13
C SER A 106 1.79 16.85 -46.49
N GLY A 107 0.90 17.34 -47.36
CA GLY A 107 0.95 18.73 -47.78
C GLY A 107 -0.43 19.34 -47.91
N PRO A 108 -0.54 20.64 -47.59
CA PRO A 108 -1.81 21.37 -47.67
C PRO A 108 -2.26 21.58 -49.11
N SER A 109 -3.33 22.35 -49.28
CA SER A 109 -3.86 22.64 -50.61
C SER A 109 -3.42 24.02 -51.09
N SER A 110 -3.74 25.05 -50.32
CA SER A 110 -3.38 26.42 -50.66
C SER A 110 -3.74 27.39 -49.54
N GLY A 111 -3.41 28.65 -49.73
CA GLY A 111 -3.71 29.65 -48.71
C GLY A 111 -3.53 29.13 -47.31
N GLY A 1 -18.80 13.68 -1.59
CA GLY A 1 -18.10 12.41 -1.71
C GLY A 1 -16.87 12.50 -2.58
N SER A 2 -15.86 13.21 -2.10
CA SER A 2 -14.62 13.37 -2.85
C SER A 2 -13.76 12.12 -2.75
N SER A 3 -13.66 11.57 -1.54
CA SER A 3 -12.86 10.37 -1.31
C SER A 3 -13.24 9.26 -2.30
N GLY A 4 -14.54 9.03 -2.42
CA GLY A 4 -15.03 8.00 -3.33
C GLY A 4 -14.81 8.37 -4.79
N SER A 5 -15.12 9.61 -5.14
CA SER A 5 -14.97 10.09 -6.50
C SER A 5 -13.60 9.70 -7.07
N SER A 6 -12.55 10.09 -6.35
CA SER A 6 -11.18 9.79 -6.78
C SER A 6 -10.87 8.31 -6.60
N GLY A 7 -11.24 7.77 -5.44
CA GLY A 7 -10.99 6.37 -5.17
C GLY A 7 -9.80 6.15 -4.26
N ARG A 8 -9.99 5.34 -3.23
CA ARG A 8 -8.92 5.06 -2.27
C ARG A 8 -8.94 3.60 -1.85
N SER A 9 -7.76 2.99 -1.75
CA SER A 9 -7.64 1.59 -1.36
C SER A 9 -8.43 1.32 -0.08
N LYS A 10 -8.84 0.08 0.10
CA LYS A 10 -9.61 -0.32 1.28
C LYS A 10 -8.78 -1.22 2.19
N THR A 11 -7.78 -1.87 1.61
CA THR A 11 -6.91 -2.76 2.37
C THR A 11 -5.65 -2.03 2.84
N VAL A 12 -5.23 -1.04 2.06
CA VAL A 12 -4.03 -0.26 2.39
C VAL A 12 -4.40 1.01 3.15
N ILE A 13 -3.80 1.19 4.32
CA ILE A 13 -4.06 2.36 5.16
C ILE A 13 -2.76 3.05 5.56
N LEU A 14 -2.76 4.38 5.52
CA LEU A 14 -1.59 5.15 5.90
C LEU A 14 -1.78 5.80 7.26
N ALA A 15 -0.86 5.53 8.18
CA ALA A 15 -0.91 6.09 9.52
C ALA A 15 0.06 7.26 9.68
N LYS A 16 -0.46 8.40 10.07
CA LYS A 16 0.36 9.60 10.26
C LYS A 16 0.44 9.98 11.74
N ASN A 17 1.33 10.90 12.06
CA ASN A 17 1.50 11.36 13.43
C ASN A 17 2.00 10.22 14.32
N LEU A 18 3.13 9.62 13.93
CA LEU A 18 3.71 8.53 14.69
C LEU A 18 5.07 8.93 15.26
N PRO A 19 5.26 8.68 16.56
CA PRO A 19 6.52 9.01 17.25
C PRO A 19 7.67 8.10 16.82
N ALA A 20 8.82 8.70 16.60
CA ALA A 20 10.01 7.95 16.18
C ALA A 20 10.13 6.64 16.95
N GLY A 21 9.74 6.67 18.23
CA GLY A 21 9.82 5.47 19.05
C GLY A 21 9.16 4.28 18.39
N THR A 22 8.03 4.51 17.72
CA THR A 22 7.30 3.44 17.05
C THR A 22 8.25 2.56 16.25
N LEU A 23 7.84 1.31 16.03
CA LEU A 23 8.65 0.36 15.28
C LEU A 23 7.77 -0.56 14.43
N ALA A 24 8.27 -0.94 13.26
CA ALA A 24 7.53 -1.82 12.36
C ALA A 24 6.82 -2.92 13.13
N ALA A 25 7.54 -3.55 14.06
CA ALA A 25 6.98 -4.63 14.86
C ALA A 25 5.80 -4.13 15.69
N GLU A 26 5.98 -2.98 16.34
CA GLU A 26 4.93 -2.40 17.16
C GLU A 26 3.64 -2.26 16.38
N ILE A 27 3.69 -1.51 15.29
CA ILE A 27 2.52 -1.29 14.45
C ILE A 27 1.96 -2.61 13.94
N GLN A 28 2.81 -3.41 13.31
CA GLN A 28 2.39 -4.70 12.77
C GLN A 28 1.53 -5.45 13.78
N GLU A 29 2.09 -5.70 14.96
CA GLU A 29 1.37 -6.41 16.00
C GLU A 29 0.13 -5.64 16.44
N THR A 30 0.34 -4.41 16.91
CA THR A 30 -0.76 -3.56 17.36
C THR A 30 -1.98 -3.71 16.45
N PHE A 31 -1.78 -3.52 15.15
CA PHE A 31 -2.86 -3.63 14.19
C PHE A 31 -3.31 -5.08 14.05
N SER A 32 -2.35 -5.99 13.94
CA SER A 32 -2.64 -7.40 13.79
C SER A 32 -3.66 -7.85 14.84
N ARG A 33 -3.56 -7.29 16.05
CA ARG A 33 -4.47 -7.64 17.12
C ARG A 33 -5.90 -7.79 16.61
N PHE A 34 -6.32 -6.84 15.80
CA PHE A 34 -7.67 -6.86 15.23
C PHE A 34 -7.82 -8.00 14.22
N GLY A 35 -6.87 -8.10 13.31
CA GLY A 35 -6.91 -9.14 12.30
C GLY A 35 -5.57 -9.33 11.59
N SER A 36 -5.41 -10.45 10.93
CA SER A 36 -4.17 -10.74 10.21
C SER A 36 -3.82 -9.60 9.25
N LEU A 37 -2.53 -9.32 9.14
CA LEU A 37 -2.05 -8.25 8.27
C LEU A 37 -1.33 -8.83 7.05
N GLY A 38 -0.99 -7.96 6.10
CA GLY A 38 -0.30 -8.39 4.91
C GLY A 38 1.03 -7.70 4.72
N ARG A 39 1.02 -6.59 3.98
CA ARG A 39 2.23 -5.83 3.72
C ARG A 39 2.39 -4.70 4.74
N VAL A 40 3.48 -4.76 5.51
CA VAL A 40 3.75 -3.75 6.53
C VAL A 40 5.07 -3.05 6.26
N LEU A 41 5.00 -1.85 5.70
CA LEU A 41 6.20 -1.07 5.38
C LEU A 41 6.22 0.22 6.18
N LEU A 42 7.21 0.35 7.06
CA LEU A 42 7.34 1.55 7.88
C LEU A 42 8.78 2.07 7.87
N PRO A 43 9.04 3.07 7.02
CA PRO A 43 10.38 3.67 6.88
C PRO A 43 10.77 4.48 8.12
N GLU A 44 12.07 4.51 8.40
CA GLU A 44 12.58 5.25 9.56
C GLU A 44 12.60 6.75 9.28
N GLY A 45 13.01 7.11 8.07
CA GLY A 45 13.09 8.51 7.70
C GLY A 45 11.75 9.22 7.86
N GLY A 46 10.66 8.48 7.64
CA GLY A 46 9.34 9.07 7.77
C GLY A 46 8.49 8.35 8.79
N ILE A 47 7.98 9.11 9.77
CA ILE A 47 7.14 8.53 10.81
C ILE A 47 5.96 7.77 10.22
N THR A 48 5.45 8.27 9.10
CA THR A 48 4.32 7.64 8.44
C THR A 48 4.56 6.15 8.21
N ALA A 49 3.54 5.34 8.44
CA ALA A 49 3.65 3.90 8.25
C ALA A 49 2.64 3.39 7.22
N ILE A 50 3.01 2.35 6.50
CA ILE A 50 2.14 1.77 5.48
C ILE A 50 1.75 0.35 5.84
N VAL A 51 0.45 0.13 6.04
CA VAL A 51 -0.06 -1.19 6.40
C VAL A 51 -1.07 -1.68 5.37
N GLU A 52 -0.92 -2.93 4.94
CA GLU A 52 -1.84 -3.51 3.96
C GLU A 52 -2.56 -4.72 4.54
N PHE A 53 -3.78 -4.50 5.02
CA PHE A 53 -4.57 -5.56 5.61
C PHE A 53 -5.00 -6.58 4.55
N LEU A 54 -4.89 -7.86 4.88
CA LEU A 54 -5.24 -8.93 3.96
C LEU A 54 -6.73 -8.89 3.64
N GLU A 55 -7.53 -8.45 4.60
CA GLU A 55 -8.97 -8.35 4.42
C GLU A 55 -9.46 -6.91 4.53
N PRO A 56 -10.30 -6.49 3.59
CA PRO A 56 -10.85 -5.13 3.57
C PRO A 56 -11.84 -4.88 4.71
N LEU A 57 -12.60 -5.90 5.06
CA LEU A 57 -13.58 -5.80 6.14
C LEU A 57 -12.89 -5.54 7.47
N GLU A 58 -11.88 -6.35 7.78
CA GLU A 58 -11.15 -6.20 9.03
C GLU A 58 -10.42 -4.86 9.08
N ALA A 59 -9.81 -4.49 7.96
CA ALA A 59 -9.08 -3.23 7.88
C ALA A 59 -9.95 -2.05 8.31
N ARG A 60 -11.15 -1.98 7.75
CA ARG A 60 -12.08 -0.91 8.07
C ARG A 60 -12.43 -0.92 9.55
N LYS A 61 -12.74 -2.10 10.07
CA LYS A 61 -13.09 -2.26 11.49
C LYS A 61 -12.03 -1.63 12.38
N ALA A 62 -10.77 -2.02 12.17
CA ALA A 62 -9.67 -1.50 12.95
C ALA A 62 -9.55 0.01 12.79
N PHE A 63 -9.58 0.48 11.54
CA PHE A 63 -9.47 1.90 11.25
C PHE A 63 -10.40 2.72 12.15
N ARG A 64 -11.63 2.22 12.33
CA ARG A 64 -12.61 2.90 13.16
C ARG A 64 -12.18 2.90 14.62
N HIS A 65 -11.96 1.70 15.17
CA HIS A 65 -11.55 1.57 16.55
C HIS A 65 -10.32 2.42 16.85
N LEU A 66 -9.23 2.13 16.14
CA LEU A 66 -7.98 2.87 16.32
C LEU A 66 -8.21 4.37 16.14
N ALA A 67 -8.81 4.74 15.02
CA ALA A 67 -9.09 6.14 14.74
C ALA A 67 -9.52 6.88 16.00
N TYR A 68 -9.14 8.16 16.10
CA TYR A 68 -9.48 8.97 17.25
C TYR A 68 -8.84 8.41 18.52
N SER A 69 -7.61 7.94 18.39
CA SER A 69 -6.89 7.36 19.52
C SER A 69 -5.43 7.80 19.51
N LYS A 70 -4.80 7.80 20.69
CA LYS A 70 -3.40 8.19 20.81
C LYS A 70 -2.52 6.97 21.02
N PHE A 71 -1.39 6.93 20.33
CA PHE A 71 -0.45 5.81 20.44
C PHE A 71 0.40 5.95 21.70
N HIS A 72 1.32 6.91 21.68
CA HIS A 72 2.20 7.14 22.82
C HIS A 72 1.90 8.49 23.47
N HIS A 73 2.12 9.57 22.71
CA HIS A 73 1.87 10.92 23.21
C HIS A 73 1.06 11.72 22.21
N VAL A 74 1.23 11.43 20.93
CA VAL A 74 0.52 12.13 19.87
C VAL A 74 -0.63 11.28 19.33
N PRO A 75 -1.67 11.94 18.81
CA PRO A 75 -2.85 11.27 18.25
C PRO A 75 -2.53 10.55 16.95
N LEU A 76 -3.24 9.46 16.68
CA LEU A 76 -3.03 8.68 15.46
C LEU A 76 -3.99 9.15 14.36
N TYR A 77 -3.42 9.52 13.21
CA TYR A 77 -4.21 9.98 12.08
C TYR A 77 -4.14 8.99 10.93
N LEU A 78 -5.17 8.18 10.78
CA LEU A 78 -5.22 7.18 9.72
C LEU A 78 -5.85 7.77 8.45
N GLU A 79 -5.27 7.43 7.31
CA GLU A 79 -5.78 7.93 6.03
C GLU A 79 -5.65 6.87 4.95
N TRP A 80 -6.78 6.53 4.33
CA TRP A 80 -6.79 5.52 3.27
C TRP A 80 -5.68 5.77 2.26
N ALA A 81 -5.15 4.70 1.69
CA ALA A 81 -4.07 4.82 0.71
C ALA A 81 -4.62 4.70 -0.71
N PRO A 82 -4.23 5.66 -1.57
CA PRO A 82 -4.67 5.68 -2.97
C PRO A 82 -4.07 4.56 -3.80
N ILE A 83 -4.87 3.99 -4.70
CA ILE A 83 -4.40 2.91 -5.56
C ILE A 83 -3.05 3.25 -6.19
N GLY A 84 -2.72 4.53 -6.22
CA GLY A 84 -1.47 4.96 -6.79
C GLY A 84 -0.28 4.64 -5.91
N VAL A 85 -0.49 4.69 -4.60
CA VAL A 85 0.57 4.40 -3.65
C VAL A 85 1.44 3.25 -4.12
N PHE A 86 0.82 2.29 -4.79
CA PHE A 86 1.54 1.13 -5.30
C PHE A 86 1.91 1.31 -6.77
N GLY A 87 0.99 1.88 -7.54
CA GLY A 87 1.24 2.10 -8.95
C GLY A 87 1.44 0.81 -9.72
N ALA A 88 0.81 0.72 -10.88
CA ALA A 88 0.94 -0.47 -11.72
C ALA A 88 2.14 -0.38 -12.64
N ALA A 89 2.63 -1.53 -13.10
CA ALA A 89 3.78 -1.57 -13.99
C ALA A 89 4.03 -2.99 -14.49
N PRO A 90 4.28 -3.11 -15.81
CA PRO A 90 4.53 -4.41 -16.44
C PRO A 90 5.88 -5.00 -16.03
N GLN A 91 5.94 -6.33 -15.96
CA GLN A 91 7.16 -7.02 -15.57
C GLN A 91 7.98 -7.41 -16.80
N LYS A 92 8.73 -6.46 -17.33
CA LYS A 92 9.56 -6.69 -18.51
C LYS A 92 10.89 -7.34 -18.12
N LYS A 93 11.47 -6.85 -17.04
CA LYS A 93 12.75 -7.39 -16.56
C LYS A 93 12.78 -8.90 -16.68
N ASP A 94 11.66 -9.55 -16.34
CA ASP A 94 11.56 -11.00 -16.41
C ASP A 94 12.27 -11.53 -17.65
N SER A 95 11.83 -11.07 -18.81
CA SER A 95 12.41 -11.50 -20.08
C SER A 95 13.93 -11.59 -19.98
N GLN A 96 14.53 -10.57 -19.34
CA GLN A 96 15.98 -10.53 -19.18
C GLN A 96 16.54 -11.92 -18.90
N HIS A 97 15.83 -12.69 -18.07
CA HIS A 97 16.26 -14.04 -17.72
C HIS A 97 16.89 -14.73 -18.93
N GLU A 98 16.25 -14.60 -20.08
CA GLU A 98 16.76 -15.21 -21.31
C GLU A 98 18.26 -15.00 -21.45
N GLN A 99 18.96 -16.00 -21.95
CA GLN A 99 20.40 -15.92 -22.14
C GLN A 99 20.86 -16.76 -23.33
N PRO A 100 21.82 -16.23 -24.09
CA PRO A 100 22.36 -16.92 -25.27
C PRO A 100 23.18 -18.15 -24.90
N ALA A 101 22.70 -19.32 -25.31
CA ALA A 101 23.40 -20.57 -25.03
C ALA A 101 24.24 -21.01 -26.21
N GLU A 102 23.73 -20.78 -27.42
CA GLU A 102 24.44 -21.16 -28.64
C GLU A 102 25.90 -20.74 -28.56
N LYS A 103 26.15 -19.54 -28.03
CA LYS A 103 27.50 -19.02 -27.90
C LYS A 103 28.46 -20.12 -27.43
N ALA A 104 27.95 -21.03 -26.62
CA ALA A 104 28.76 -22.13 -26.09
C ALA A 104 29.59 -22.76 -27.20
N GLU A 105 28.99 -22.93 -28.38
CA GLU A 105 29.69 -23.53 -29.51
C GLU A 105 31.09 -22.94 -29.66
N SER A 106 31.21 -21.66 -29.37
CA SER A 106 32.49 -20.96 -29.47
C SER A 106 33.63 -21.83 -28.93
N GLY A 107 34.60 -22.14 -29.79
CA GLY A 107 35.72 -22.96 -29.37
C GLY A 107 36.56 -23.44 -30.53
N PRO A 108 37.47 -22.58 -31.01
CA PRO A 108 38.35 -22.90 -32.14
C PRO A 108 39.39 -23.95 -31.78
N SER A 109 39.76 -24.76 -32.76
CA SER A 109 40.74 -25.82 -32.56
C SER A 109 42.12 -25.38 -33.04
N SER A 110 42.21 -25.03 -34.32
CA SER A 110 43.47 -24.60 -34.91
C SER A 110 43.25 -23.52 -35.96
N GLY A 111 44.34 -22.97 -36.48
CA GLY A 111 44.23 -21.93 -37.48
C GLY A 111 45.45 -21.88 -38.40
N GLY A 1 -21.77 1.47 -3.71
CA GLY A 1 -21.21 0.51 -2.78
C GLY A 1 -20.63 1.17 -1.53
N SER A 2 -20.20 0.35 -0.59
CA SER A 2 -19.64 0.86 0.66
C SER A 2 -18.20 1.34 0.45
N SER A 3 -17.42 0.55 -0.28
CA SER A 3 -16.03 0.89 -0.56
C SER A 3 -15.92 1.74 -1.82
N GLY A 4 -16.55 1.28 -2.89
CA GLY A 4 -16.52 2.01 -4.15
C GLY A 4 -16.72 3.49 -3.96
N SER A 5 -17.68 3.85 -3.12
CA SER A 5 -17.98 5.26 -2.86
C SER A 5 -16.69 6.05 -2.64
N SER A 6 -15.82 5.55 -1.79
CA SER A 6 -14.56 6.21 -1.48
C SER A 6 -13.69 6.32 -2.74
N GLY A 7 -13.44 5.18 -3.38
CA GLY A 7 -12.63 5.17 -4.58
C GLY A 7 -11.19 4.77 -4.31
N ARG A 8 -10.67 5.16 -3.16
CA ARG A 8 -9.31 4.84 -2.78
C ARG A 8 -9.19 3.38 -2.36
N SER A 9 -7.96 2.92 -2.15
CA SER A 9 -7.71 1.54 -1.74
C SER A 9 -8.56 1.17 -0.52
N LYS A 10 -8.86 -0.11 -0.39
CA LYS A 10 -9.66 -0.60 0.72
C LYS A 10 -8.82 -1.45 1.66
N THR A 11 -7.91 -2.23 1.11
CA THR A 11 -7.04 -3.10 1.90
C THR A 11 -5.71 -2.42 2.18
N VAL A 12 -5.66 -1.10 2.00
CA VAL A 12 -4.46 -0.33 2.24
C VAL A 12 -4.76 0.95 3.01
N ILE A 13 -4.06 1.16 4.11
CA ILE A 13 -4.25 2.35 4.93
C ILE A 13 -2.92 2.90 5.43
N LEU A 14 -2.82 4.23 5.49
CA LEU A 14 -1.60 4.88 5.94
C LEU A 14 -1.72 5.30 7.40
N ALA A 15 -0.58 5.56 8.03
CA ALA A 15 -0.56 5.98 9.43
C ALA A 15 0.38 7.16 9.64
N LYS A 16 -0.20 8.35 9.77
CA LYS A 16 0.59 9.56 9.97
C LYS A 16 0.54 10.01 11.43
N ASN A 17 1.47 10.87 11.81
CA ASN A 17 1.53 11.37 13.19
C ASN A 17 2.00 10.28 14.14
N LEU A 18 3.10 9.64 13.80
CA LEU A 18 3.66 8.57 14.64
C LEU A 18 4.97 9.02 15.28
N PRO A 19 5.14 8.66 16.56
CA PRO A 19 6.35 9.01 17.32
C PRO A 19 7.58 8.25 16.83
N ALA A 20 8.69 8.96 16.68
CA ALA A 20 9.93 8.35 16.23
C ALA A 20 10.19 7.04 16.96
N GLY A 21 9.70 6.93 18.18
CA GLY A 21 9.89 5.73 18.96
C GLY A 21 9.25 4.51 18.33
N THR A 22 8.08 4.71 17.72
CA THR A 22 7.37 3.62 17.07
C THR A 22 8.32 2.70 16.32
N LEU A 23 7.86 1.48 16.04
CA LEU A 23 8.68 0.51 15.32
C LEU A 23 7.81 -0.36 14.42
N ALA A 24 8.40 -0.81 13.32
CA ALA A 24 7.69 -1.67 12.36
C ALA A 24 6.93 -2.77 13.08
N ALA A 25 7.58 -3.41 14.04
CA ALA A 25 6.96 -4.50 14.80
C ALA A 25 5.80 -3.98 15.64
N GLU A 26 6.00 -2.83 16.28
CA GLU A 26 4.98 -2.23 17.11
C GLU A 26 3.66 -2.10 16.36
N ILE A 27 3.69 -1.36 15.25
CA ILE A 27 2.51 -1.15 14.43
C ILE A 27 1.93 -2.48 13.97
N GLN A 28 2.74 -3.27 13.26
CA GLN A 28 2.30 -4.57 12.76
C GLN A 28 1.47 -5.30 13.80
N GLU A 29 2.05 -5.52 14.98
CA GLU A 29 1.36 -6.20 16.05
C GLU A 29 0.12 -5.42 16.50
N THR A 30 0.31 -4.15 16.82
CA THR A 30 -0.78 -3.30 17.26
C THR A 30 -2.01 -3.49 16.39
N PHE A 31 -1.82 -3.40 15.08
CA PHE A 31 -2.92 -3.56 14.13
C PHE A 31 -3.34 -5.03 14.04
N SER A 32 -2.37 -5.92 14.11
CA SER A 32 -2.64 -7.35 14.04
C SER A 32 -3.65 -7.77 15.09
N ARG A 33 -3.54 -7.17 16.28
CA ARG A 33 -4.45 -7.48 17.38
C ARG A 33 -5.88 -7.66 16.87
N PHE A 34 -6.29 -6.81 15.94
CA PHE A 34 -7.63 -6.87 15.37
C PHE A 34 -7.75 -8.03 14.40
N GLY A 35 -6.74 -8.20 13.56
CA GLY A 35 -6.76 -9.29 12.58
C GLY A 35 -5.46 -9.38 11.79
N SER A 36 -5.20 -10.54 11.23
CA SER A 36 -3.99 -10.76 10.44
C SER A 36 -3.69 -9.55 9.57
N LEU A 37 -2.40 -9.30 9.34
CA LEU A 37 -1.98 -8.17 8.51
C LEU A 37 -1.22 -8.65 7.29
N GLY A 38 -1.11 -7.77 6.29
CA GLY A 38 -0.41 -8.12 5.06
C GLY A 38 0.95 -7.47 4.98
N ARG A 39 1.10 -6.53 4.04
CA ARG A 39 2.36 -5.84 3.85
C ARG A 39 2.49 -4.67 4.82
N VAL A 40 3.57 -4.68 5.60
CA VAL A 40 3.81 -3.62 6.58
C VAL A 40 5.14 -2.93 6.31
N LEU A 41 5.07 -1.72 5.75
CA LEU A 41 6.26 -0.94 5.44
C LEU A 41 6.29 0.35 6.24
N LEU A 42 7.27 0.47 7.13
CA LEU A 42 7.42 1.66 7.95
C LEU A 42 8.86 2.16 7.96
N PRO A 43 9.14 3.16 7.12
CA PRO A 43 10.48 3.75 7.01
C PRO A 43 10.87 4.54 8.25
N GLU A 44 12.16 4.56 8.56
CA GLU A 44 12.66 5.28 9.72
C GLU A 44 12.72 6.79 9.45
N GLY A 45 13.14 7.14 8.24
CA GLY A 45 13.23 8.55 7.88
C GLY A 45 11.91 9.26 8.03
N GLY A 46 10.82 8.56 7.74
CA GLY A 46 9.50 9.16 7.84
C GLY A 46 8.60 8.42 8.81
N ILE A 47 8.08 9.14 9.80
CA ILE A 47 7.21 8.54 10.79
C ILE A 47 6.07 7.76 10.14
N THR A 48 5.57 8.28 9.02
CA THR A 48 4.49 7.63 8.29
C THR A 48 4.72 6.13 8.20
N ALA A 49 3.65 5.36 8.37
CA ALA A 49 3.73 3.91 8.31
C ALA A 49 2.67 3.34 7.37
N ILE A 50 3.10 2.53 6.42
CA ILE A 50 2.19 1.91 5.46
C ILE A 50 1.79 0.50 5.90
N VAL A 51 0.48 0.24 5.91
CA VAL A 51 -0.04 -1.06 6.30
C VAL A 51 -1.06 -1.58 5.30
N GLU A 52 -0.87 -2.81 4.84
CA GLU A 52 -1.78 -3.41 3.88
C GLU A 52 -2.54 -4.57 4.50
N PHE A 53 -3.76 -4.30 4.95
CA PHE A 53 -4.60 -5.32 5.58
C PHE A 53 -4.92 -6.44 4.59
N LEU A 54 -4.96 -7.66 5.10
CA LEU A 54 -5.25 -8.83 4.26
C LEU A 54 -6.74 -8.87 3.88
N GLU A 55 -7.58 -8.39 4.79
CA GLU A 55 -9.02 -8.38 4.56
C GLU A 55 -9.56 -6.95 4.62
N PRO A 56 -10.49 -6.63 3.71
CA PRO A 56 -11.11 -5.30 3.64
C PRO A 56 -12.04 -5.03 4.81
N LEU A 57 -12.81 -6.04 5.19
CA LEU A 57 -13.74 -5.91 6.31
C LEU A 57 -13.00 -5.59 7.61
N GLU A 58 -11.91 -6.30 7.85
CA GLU A 58 -11.11 -6.08 9.05
C GLU A 58 -10.46 -4.70 9.03
N ALA A 59 -9.94 -4.32 7.88
CA ALA A 59 -9.29 -3.02 7.72
C ALA A 59 -10.21 -1.89 8.20
N ARG A 60 -11.44 -1.90 7.72
CA ARG A 60 -12.41 -0.87 8.09
C ARG A 60 -12.70 -0.91 9.59
N LYS A 61 -12.98 -2.11 10.10
CA LYS A 61 -13.27 -2.28 11.52
C LYS A 61 -12.20 -1.61 12.38
N ALA A 62 -10.94 -1.93 12.11
CA ALA A 62 -9.83 -1.34 12.86
C ALA A 62 -9.71 0.15 12.59
N PHE A 63 -9.72 0.52 11.31
CA PHE A 63 -9.59 1.92 10.91
C PHE A 63 -10.43 2.81 11.84
N ARG A 64 -11.62 2.34 12.18
CA ARG A 64 -12.52 3.10 13.04
C ARG A 64 -12.09 2.97 14.50
N HIS A 65 -12.17 1.76 15.04
CA HIS A 65 -11.80 1.50 16.42
C HIS A 65 -10.57 2.33 16.82
N LEU A 66 -9.51 2.21 16.05
CA LEU A 66 -8.28 2.95 16.31
C LEU A 66 -8.52 4.45 16.23
N ALA A 67 -9.20 4.88 15.18
CA ALA A 67 -9.51 6.30 14.99
C ALA A 67 -9.80 6.98 16.32
N TYR A 68 -9.46 8.26 16.42
CA TYR A 68 -9.68 9.02 17.64
C TYR A 68 -8.98 8.36 18.83
N SER A 69 -7.75 7.91 18.60
CA SER A 69 -6.97 7.27 19.66
C SER A 69 -5.49 7.62 19.53
N LYS A 70 -4.79 7.62 20.66
CA LYS A 70 -3.37 7.94 20.67
C LYS A 70 -2.53 6.68 20.85
N PHE A 71 -1.50 6.54 20.02
CA PHE A 71 -0.62 5.38 20.08
C PHE A 71 0.19 5.38 21.38
N HIS A 72 1.20 6.24 21.44
CA HIS A 72 2.05 6.33 22.62
C HIS A 72 1.85 7.67 23.32
N HIS A 73 2.12 8.76 22.61
CA HIS A 73 1.97 10.11 23.16
C HIS A 73 1.25 11.02 22.19
N VAL A 74 1.46 10.78 20.89
CA VAL A 74 0.82 11.59 19.86
C VAL A 74 -0.40 10.88 19.28
N PRO A 75 -1.36 11.67 18.77
CA PRO A 75 -2.58 11.13 18.18
C PRO A 75 -2.33 10.42 16.85
N LEU A 76 -2.92 9.24 16.70
CA LEU A 76 -2.75 8.46 15.48
C LEU A 76 -3.67 8.98 14.38
N TYR A 77 -3.08 9.31 13.23
CA TYR A 77 -3.84 9.82 12.10
C TYR A 77 -3.83 8.82 10.94
N LEU A 78 -4.91 8.06 10.82
CA LEU A 78 -5.03 7.07 9.75
C LEU A 78 -5.60 7.70 8.48
N GLU A 79 -4.93 7.45 7.36
CA GLU A 79 -5.37 7.99 6.07
C GLU A 79 -5.42 6.90 5.01
N TRP A 80 -6.61 6.66 4.47
CA TRP A 80 -6.79 5.64 3.44
C TRP A 80 -5.73 5.77 2.35
N ALA A 81 -5.40 4.65 1.71
CA ALA A 81 -4.40 4.64 0.66
C ALA A 81 -5.06 4.75 -0.72
N PRO A 82 -4.43 5.52 -1.63
CA PRO A 82 -4.93 5.72 -2.98
C PRO A 82 -4.82 4.46 -3.83
N ILE A 83 -5.31 4.54 -5.06
CA ILE A 83 -5.26 3.41 -5.98
C ILE A 83 -3.93 3.35 -6.71
N GLY A 84 -3.22 4.47 -6.76
CA GLY A 84 -1.94 4.53 -7.43
C GLY A 84 -0.79 4.15 -6.51
N VAL A 85 -1.07 4.08 -5.21
CA VAL A 85 -0.06 3.73 -4.23
C VAL A 85 0.75 2.52 -4.68
N PHE A 86 0.04 1.44 -5.02
CA PHE A 86 0.70 0.21 -5.48
C PHE A 86 0.75 0.15 -7.00
N GLY A 87 -0.41 0.21 -7.63
CA GLY A 87 -0.48 0.17 -9.08
C GLY A 87 0.68 0.90 -9.73
N ALA A 88 1.01 0.49 -10.95
CA ALA A 88 2.10 1.12 -11.70
C ALA A 88 1.93 0.94 -13.19
N ALA A 89 2.84 1.51 -13.97
CA ALA A 89 2.79 1.42 -15.42
C ALA A 89 2.83 -0.04 -15.88
N PRO A 90 1.89 -0.42 -16.74
CA PRO A 90 1.80 -1.79 -17.27
C PRO A 90 2.94 -2.10 -18.23
N GLN A 91 3.35 -3.36 -18.26
CA GLN A 91 4.43 -3.80 -19.14
C GLN A 91 3.87 -4.47 -20.39
N LYS A 92 2.85 -3.86 -20.98
CA LYS A 92 2.23 -4.38 -22.18
C LYS A 92 2.80 -3.71 -23.43
N LYS A 93 2.98 -2.40 -23.36
CA LYS A 93 3.52 -1.63 -24.47
C LYS A 93 4.67 -2.40 -25.15
N ASP A 94 5.52 -2.99 -24.33
CA ASP A 94 6.67 -3.75 -24.84
C ASP A 94 6.27 -4.55 -26.08
N SER A 95 5.21 -5.33 -25.97
CA SER A 95 4.73 -6.16 -27.07
C SER A 95 4.56 -5.31 -28.34
N GLN A 96 3.67 -4.33 -28.27
CA GLN A 96 3.41 -3.46 -29.40
C GLN A 96 4.71 -2.86 -29.94
N HIS A 97 5.57 -2.43 -29.03
CA HIS A 97 6.86 -1.83 -29.40
C HIS A 97 7.44 -2.54 -30.62
N GLU A 98 7.32 -3.86 -30.64
CA GLU A 98 7.85 -4.65 -31.75
C GLU A 98 7.72 -3.90 -33.06
N GLN A 99 8.85 -3.42 -33.58
CA GLN A 99 8.87 -2.68 -34.84
C GLN A 99 9.47 -3.53 -35.96
N PRO A 100 9.04 -3.26 -37.20
CA PRO A 100 9.52 -3.97 -38.38
C PRO A 100 10.99 -3.64 -38.70
N ALA A 101 11.49 -4.22 -39.78
CA ALA A 101 12.86 -3.98 -40.21
C ALA A 101 12.93 -2.83 -41.21
N GLU A 102 11.97 -2.78 -42.13
CA GLU A 102 11.94 -1.74 -43.13
C GLU A 102 12.37 -0.40 -42.55
N LYS A 103 11.83 -0.07 -41.37
CA LYS A 103 12.16 1.18 -40.69
C LYS A 103 13.67 1.42 -40.70
N ALA A 104 14.42 0.43 -40.23
CA ALA A 104 15.87 0.53 -40.18
C ALA A 104 16.43 1.15 -41.46
N GLU A 105 15.92 0.67 -42.61
CA GLU A 105 16.37 1.18 -43.89
C GLU A 105 16.44 2.71 -43.89
N SER A 106 15.38 3.34 -43.39
CA SER A 106 15.31 4.80 -43.34
C SER A 106 16.69 5.39 -43.07
N GLY A 107 17.21 6.13 -44.04
CA GLY A 107 18.52 6.74 -43.89
C GLY A 107 18.53 8.19 -44.33
N PRO A 108 19.67 8.87 -44.12
CA PRO A 108 19.83 10.28 -44.49
C PRO A 108 19.88 10.48 -45.99
N SER A 109 20.00 11.74 -46.41
CA SER A 109 20.05 12.07 -47.84
C SER A 109 21.49 12.24 -48.30
N SER A 110 22.20 13.17 -47.67
CA SER A 110 23.59 13.43 -48.02
C SER A 110 24.40 13.83 -46.79
N GLY A 111 25.71 13.94 -46.96
CA GLY A 111 26.57 14.31 -45.85
C GLY A 111 27.97 13.73 -45.99
N GLY A 1 -3.02 10.59 -8.77
CA GLY A 1 -3.91 11.28 -9.69
C GLY A 1 -5.34 11.26 -9.23
N SER A 2 -6.26 11.03 -10.16
CA SER A 2 -7.68 10.99 -9.84
C SER A 2 -8.13 9.59 -9.47
N SER A 3 -7.67 8.61 -10.26
CA SER A 3 -8.02 7.21 -10.02
C SER A 3 -7.76 6.82 -8.57
N GLY A 4 -6.61 7.25 -8.05
CA GLY A 4 -6.27 6.93 -6.67
C GLY A 4 -7.14 7.66 -5.67
N SER A 5 -7.26 8.98 -5.83
CA SER A 5 -8.08 9.78 -4.93
C SER A 5 -9.50 9.26 -4.87
N SER A 6 -10.09 9.02 -6.03
CA SER A 6 -11.46 8.51 -6.11
C SER A 6 -11.52 7.05 -5.70
N GLY A 7 -10.80 6.19 -6.42
CA GLY A 7 -10.78 4.78 -6.11
C GLY A 7 -9.67 4.41 -5.17
N ARG A 8 -9.65 5.02 -3.99
CA ARG A 8 -8.62 4.75 -3.00
C ARG A 8 -8.55 3.26 -2.67
N SER A 9 -7.47 2.84 -2.04
CA SER A 9 -7.29 1.44 -1.67
C SER A 9 -8.31 1.00 -0.64
N LYS A 10 -8.57 -0.30 -0.57
CA LYS A 10 -9.53 -0.84 0.37
C LYS A 10 -8.84 -1.68 1.44
N THR A 11 -7.65 -2.19 1.11
CA THR A 11 -6.88 -3.01 2.03
C THR A 11 -5.52 -2.38 2.32
N VAL A 12 -5.46 -1.05 2.24
CA VAL A 12 -4.22 -0.32 2.49
C VAL A 12 -4.50 1.01 3.17
N ILE A 13 -3.98 1.18 4.39
CA ILE A 13 -4.17 2.42 5.14
C ILE A 13 -2.83 3.05 5.49
N LEU A 14 -2.79 4.38 5.47
CA LEU A 14 -1.57 5.11 5.79
C LEU A 14 -1.67 5.76 7.16
N ALA A 15 -0.81 5.34 8.07
CA ALA A 15 -0.79 5.88 9.43
C ALA A 15 0.15 7.06 9.53
N LYS A 16 -0.34 8.17 10.10
CA LYS A 16 0.47 9.37 10.26
C LYS A 16 0.49 9.82 11.72
N ASN A 17 1.43 10.69 12.05
CA ASN A 17 1.55 11.21 13.41
C ASN A 17 2.09 10.13 14.35
N LEU A 18 3.18 9.49 13.94
CA LEU A 18 3.80 8.44 14.75
C LEU A 18 5.12 8.91 15.34
N PRO A 19 5.33 8.59 16.62
CA PRO A 19 6.55 8.97 17.34
C PRO A 19 7.78 8.20 16.84
N ALA A 20 8.88 8.91 16.65
CA ALA A 20 10.12 8.30 16.19
C ALA A 20 10.38 6.98 16.91
N GLY A 21 9.91 6.88 18.15
CA GLY A 21 10.11 5.68 18.93
C GLY A 21 9.47 4.46 18.28
N THR A 22 8.29 4.66 17.71
CA THR A 22 7.57 3.57 17.06
C THR A 22 8.51 2.73 16.20
N LEU A 23 8.07 1.52 15.85
CA LEU A 23 8.87 0.62 15.03
C LEU A 23 7.97 -0.27 14.17
N ALA A 24 8.47 -0.63 13.00
CA ALA A 24 7.72 -1.49 12.07
C ALA A 24 7.02 -2.61 12.83
N ALA A 25 7.72 -3.22 13.77
CA ALA A 25 7.17 -4.31 14.55
C ALA A 25 5.99 -3.84 15.39
N GLU A 26 6.17 -2.72 16.08
CA GLU A 26 5.11 -2.17 16.92
C GLU A 26 3.81 -2.02 16.13
N ILE A 27 3.89 -1.32 15.00
CA ILE A 27 2.72 -1.10 14.15
C ILE A 27 2.09 -2.43 13.74
N GLN A 28 2.87 -3.28 13.09
CA GLN A 28 2.38 -4.58 12.66
C GLN A 28 1.54 -5.24 13.73
N GLU A 29 2.08 -5.34 14.93
CA GLU A 29 1.38 -5.96 16.05
C GLU A 29 0.14 -5.15 16.42
N THR A 30 0.34 -3.89 16.80
CA THR A 30 -0.75 -3.02 17.17
C THR A 30 -1.99 -3.29 16.32
N PHE A 31 -1.85 -3.16 15.00
CA PHE A 31 -2.95 -3.39 14.09
C PHE A 31 -3.31 -4.87 14.04
N SER A 32 -2.29 -5.72 13.90
CA SER A 32 -2.50 -7.16 13.82
C SER A 32 -3.54 -7.61 14.85
N ARG A 33 -3.47 -7.03 16.04
CA ARG A 33 -4.40 -7.37 17.11
C ARG A 33 -5.80 -7.57 16.56
N PHE A 34 -6.30 -6.57 15.83
CA PHE A 34 -7.63 -6.64 15.24
C PHE A 34 -7.74 -7.82 14.28
N GLY A 35 -6.77 -7.94 13.39
CA GLY A 35 -6.78 -9.02 12.43
C GLY A 35 -5.42 -9.24 11.78
N SER A 36 -5.22 -10.43 11.22
CA SER A 36 -3.95 -10.77 10.59
C SER A 36 -3.60 -9.76 9.50
N LEU A 37 -2.35 -9.32 9.49
CA LEU A 37 -1.88 -8.35 8.50
C LEU A 37 -1.04 -9.02 7.43
N GLY A 38 -1.06 -8.46 6.22
CA GLY A 38 -0.30 -9.02 5.13
C GLY A 38 1.07 -8.38 4.99
N ARG A 39 1.10 -7.09 4.70
CA ARG A 39 2.35 -6.36 4.53
C ARG A 39 2.42 -5.18 5.49
N VAL A 40 3.64 -4.77 5.83
CA VAL A 40 3.83 -3.64 6.74
C VAL A 40 5.17 -2.96 6.46
N LEU A 41 5.11 -1.76 5.89
CA LEU A 41 6.32 -0.99 5.58
C LEU A 41 6.32 0.34 6.32
N LEU A 42 7.31 0.52 7.19
CA LEU A 42 7.43 1.75 7.96
C LEU A 42 8.87 2.26 7.96
N PRO A 43 9.16 3.23 7.07
CA PRO A 43 10.49 3.82 6.96
C PRO A 43 10.86 4.67 8.16
N GLU A 44 12.14 4.71 8.48
CA GLU A 44 12.63 5.49 9.61
C GLU A 44 12.60 6.99 9.30
N GLY A 45 13.06 7.35 8.11
CA GLY A 45 13.07 8.74 7.71
C GLY A 45 11.71 9.40 7.87
N GLY A 46 10.66 8.65 7.58
CA GLY A 46 9.32 9.19 7.70
C GLY A 46 8.47 8.42 8.68
N ILE A 47 7.96 9.11 9.70
CA ILE A 47 7.13 8.48 10.71
C ILE A 47 5.98 7.71 10.09
N THR A 48 5.50 8.20 8.95
CA THR A 48 4.40 7.55 8.23
C THR A 48 4.64 6.05 8.11
N ALA A 49 3.62 5.26 8.38
CA ALA A 49 3.72 3.80 8.29
C ALA A 49 2.65 3.24 7.36
N ILE A 50 3.08 2.47 6.38
CA ILE A 50 2.16 1.86 5.42
C ILE A 50 1.78 0.45 5.84
N VAL A 51 0.48 0.21 6.00
CA VAL A 51 -0.01 -1.09 6.40
C VAL A 51 -1.02 -1.63 5.39
N GLU A 52 -0.92 -2.92 5.08
CA GLU A 52 -1.82 -3.55 4.12
C GLU A 52 -2.55 -4.74 4.77
N PHE A 53 -3.78 -4.50 5.20
CA PHE A 53 -4.57 -5.55 5.83
C PHE A 53 -4.94 -6.64 4.83
N LEU A 54 -4.92 -7.88 5.29
CA LEU A 54 -5.25 -9.02 4.44
C LEU A 54 -6.74 -9.06 4.12
N GLU A 55 -7.54 -8.51 5.02
CA GLU A 55 -8.99 -8.48 4.84
C GLU A 55 -9.50 -7.04 4.77
N PRO A 56 -10.37 -6.77 3.79
CA PRO A 56 -10.94 -5.43 3.58
C PRO A 56 -11.94 -5.07 4.69
N LEU A 57 -12.81 -6.01 5.02
CA LEU A 57 -13.82 -5.79 6.06
C LEU A 57 -13.15 -5.46 7.39
N GLU A 58 -12.11 -6.21 7.73
CA GLU A 58 -11.39 -5.99 8.97
C GLU A 58 -10.69 -4.64 8.98
N ALA A 59 -10.02 -4.31 7.88
CA ALA A 59 -9.31 -3.04 7.75
C ALA A 59 -10.22 -1.87 8.12
N ARG A 60 -11.43 -1.86 7.55
CA ARG A 60 -12.39 -0.80 7.81
C ARG A 60 -12.78 -0.78 9.29
N LYS A 61 -13.07 -1.96 9.83
CA LYS A 61 -13.47 -2.08 11.23
C LYS A 61 -12.44 -1.41 12.15
N ALA A 62 -11.20 -1.85 12.04
CA ALA A 62 -10.12 -1.30 12.86
C ALA A 62 -10.02 0.22 12.68
N PHE A 63 -9.91 0.66 11.43
CA PHE A 63 -9.81 2.07 11.13
C PHE A 63 -10.79 2.89 11.97
N ARG A 64 -12.03 2.42 12.06
CA ARG A 64 -13.05 3.09 12.83
C ARG A 64 -12.68 3.13 14.31
N HIS A 65 -12.43 1.96 14.89
CA HIS A 65 -12.06 1.86 16.29
C HIS A 65 -10.82 2.70 16.58
N LEU A 66 -9.70 2.33 15.96
CA LEU A 66 -8.45 3.04 16.15
C LEU A 66 -8.64 4.54 15.99
N ALA A 67 -9.32 4.93 14.92
CA ALA A 67 -9.58 6.34 14.65
C ALA A 67 -9.88 7.10 15.94
N TYR A 68 -9.30 8.30 16.06
CA TYR A 68 -9.51 9.12 17.25
C TYR A 68 -8.91 8.45 18.48
N SER A 69 -7.70 7.93 18.33
CA SER A 69 -7.01 7.26 19.44
C SER A 69 -5.52 7.60 19.44
N LYS A 70 -4.89 7.43 20.59
CA LYS A 70 -3.46 7.71 20.73
C LYS A 70 -2.67 6.42 20.88
N PHE A 71 -1.49 6.38 20.27
CA PHE A 71 -0.63 5.20 20.34
C PHE A 71 0.24 5.24 21.60
N HIS A 72 1.23 6.12 21.60
CA HIS A 72 2.12 6.26 22.74
C HIS A 72 1.89 7.59 23.47
N HIS A 73 2.36 8.67 22.87
CA HIS A 73 2.22 10.00 23.45
C HIS A 73 1.55 10.95 22.47
N VAL A 74 1.46 10.53 21.21
CA VAL A 74 0.84 11.35 20.17
C VAL A 74 -0.37 10.64 19.56
N PRO A 75 -1.32 11.43 19.06
CA PRO A 75 -2.54 10.91 18.43
C PRO A 75 -2.26 10.23 17.10
N LEU A 76 -3.00 9.15 16.82
CA LEU A 76 -2.83 8.42 15.58
C LEU A 76 -3.74 8.97 14.49
N TYR A 77 -3.15 9.30 13.34
CA TYR A 77 -3.90 9.85 12.22
C TYR A 77 -3.93 8.87 11.06
N LEU A 78 -5.04 8.16 10.91
CA LEU A 78 -5.19 7.18 9.84
C LEU A 78 -5.80 7.84 8.60
N GLU A 79 -5.20 7.56 7.44
CA GLU A 79 -5.67 8.13 6.18
C GLU A 79 -5.69 7.06 5.10
N TRP A 80 -6.89 6.81 4.54
CA TRP A 80 -7.04 5.82 3.49
C TRP A 80 -5.95 5.95 2.45
N ALA A 81 -5.28 4.84 2.15
CA ALA A 81 -4.20 4.83 1.16
C ALA A 81 -4.75 4.62 -0.24
N PRO A 82 -4.32 5.48 -1.18
CA PRO A 82 -4.75 5.41 -2.58
C PRO A 82 -4.19 4.19 -3.30
N ILE A 83 -5.02 3.56 -4.13
CA ILE A 83 -4.61 2.39 -4.87
C ILE A 83 -3.27 2.61 -5.57
N GLY A 84 -2.95 3.88 -5.85
CA GLY A 84 -1.70 4.20 -6.50
C GLY A 84 -0.49 3.79 -5.68
N VAL A 85 -0.61 3.92 -4.36
CA VAL A 85 0.48 3.55 -3.46
C VAL A 85 1.18 2.28 -3.93
N PHE A 86 0.38 1.26 -4.24
CA PHE A 86 0.91 -0.02 -4.70
C PHE A 86 0.94 -0.08 -6.23
N GLY A 87 -0.19 0.24 -6.84
CA GLY A 87 -0.28 0.21 -8.29
C GLY A 87 0.95 0.79 -8.95
N ALA A 88 1.37 0.18 -10.06
CA ALA A 88 2.54 0.64 -10.79
C ALA A 88 2.21 0.89 -12.25
N ALA A 89 3.12 1.54 -12.97
CA ALA A 89 2.93 1.84 -14.38
C ALA A 89 2.32 0.65 -15.10
N PRO A 90 1.26 0.91 -15.90
CA PRO A 90 0.56 -0.13 -16.66
C PRO A 90 1.40 -0.67 -17.81
N GLN A 91 2.21 -1.69 -17.51
CA GLN A 91 3.07 -2.30 -18.53
C GLN A 91 2.43 -3.57 -19.09
N LYS A 92 1.13 -3.51 -19.35
CA LYS A 92 0.41 -4.65 -19.89
C LYS A 92 0.22 -4.51 -21.40
N LYS A 93 -0.06 -3.29 -21.85
CA LYS A 93 -0.26 -3.03 -23.27
C LYS A 93 0.92 -3.54 -24.09
N ASP A 94 2.13 -3.31 -23.60
CA ASP A 94 3.34 -3.75 -24.29
C ASP A 94 3.14 -5.14 -24.88
N SER A 95 2.74 -6.09 -24.04
CA SER A 95 2.52 -7.46 -24.49
C SER A 95 1.74 -7.49 -25.80
N GLN A 96 0.67 -6.69 -25.85
CA GLN A 96 -0.17 -6.63 -27.05
C GLN A 96 0.69 -6.63 -28.32
N HIS A 97 1.79 -5.87 -28.27
CA HIS A 97 2.70 -5.78 -29.42
C HIS A 97 2.80 -7.13 -30.13
N GLU A 98 2.85 -8.20 -29.35
CA GLU A 98 2.95 -9.55 -29.92
C GLU A 98 2.19 -9.64 -31.23
N GLN A 99 2.93 -9.57 -32.34
CA GLN A 99 2.34 -9.64 -33.66
C GLN A 99 3.36 -10.10 -34.70
N PRO A 100 2.88 -10.78 -35.75
CA PRO A 100 3.73 -11.28 -36.83
C PRO A 100 4.29 -10.17 -37.69
N ALA A 101 5.58 -9.88 -37.51
CA ALA A 101 6.23 -8.83 -38.29
C ALA A 101 6.64 -9.33 -39.67
N GLU A 102 7.10 -10.57 -39.74
CA GLU A 102 7.52 -11.17 -41.00
C GLU A 102 6.50 -10.88 -42.10
N LYS A 103 5.23 -11.07 -41.78
CA LYS A 103 4.16 -10.83 -42.74
C LYS A 103 4.37 -9.52 -43.48
N ALA A 104 4.86 -8.51 -42.76
CA ALA A 104 5.12 -7.20 -43.36
C ALA A 104 5.72 -7.34 -44.75
N GLU A 105 6.61 -8.31 -44.90
CA GLU A 105 7.27 -8.55 -46.18
C GLU A 105 6.26 -8.51 -47.33
N SER A 106 5.12 -9.17 -47.13
CA SER A 106 4.08 -9.21 -48.14
C SER A 106 3.92 -7.86 -48.82
N GLY A 107 4.06 -7.85 -50.15
CA GLY A 107 3.94 -6.62 -50.90
C GLY A 107 4.82 -6.59 -52.14
N PRO A 108 4.24 -6.98 -53.28
CA PRO A 108 4.97 -7.02 -54.56
C PRO A 108 5.29 -5.62 -55.08
N SER A 109 6.38 -5.52 -55.84
CA SER A 109 6.80 -4.24 -56.39
C SER A 109 6.43 -4.15 -57.87
N SER A 110 6.92 -5.10 -58.66
CA SER A 110 6.64 -5.11 -60.10
C SER A 110 7.13 -6.41 -60.72
N GLY A 111 6.42 -6.87 -61.76
CA GLY A 111 6.79 -8.09 -62.42
C GLY A 111 5.70 -8.62 -63.32
N GLY A 1 -21.96 2.16 -0.98
CA GLY A 1 -22.35 3.56 -0.93
C GLY A 1 -21.23 4.46 -0.48
N SER A 2 -20.52 4.02 0.57
CA SER A 2 -19.41 4.81 1.11
C SER A 2 -18.11 4.48 0.38
N SER A 3 -17.87 3.20 0.15
CA SER A 3 -16.66 2.76 -0.53
C SER A 3 -16.39 3.61 -1.77
N GLY A 4 -17.36 3.65 -2.68
CA GLY A 4 -17.21 4.44 -3.88
C GLY A 4 -16.83 5.88 -3.60
N SER A 5 -17.62 6.54 -2.75
CA SER A 5 -17.35 7.94 -2.40
C SER A 5 -15.87 8.15 -2.12
N SER A 6 -15.32 7.36 -1.21
CA SER A 6 -13.91 7.48 -0.85
C SER A 6 -13.02 7.23 -2.06
N GLY A 7 -13.19 6.08 -2.70
CA GLY A 7 -12.40 5.74 -3.86
C GLY A 7 -11.07 5.13 -3.50
N ARG A 8 -10.44 5.64 -2.46
CA ARG A 8 -9.15 5.14 -2.00
C ARG A 8 -9.24 3.65 -1.66
N SER A 9 -8.09 3.01 -1.56
CA SER A 9 -8.04 1.58 -1.23
C SER A 9 -8.85 1.28 0.03
N LYS A 10 -9.22 0.01 0.19
CA LYS A 10 -9.99 -0.41 1.35
C LYS A 10 -9.16 -1.30 2.27
N THR A 11 -8.17 -1.98 1.69
CA THR A 11 -7.30 -2.86 2.46
C THR A 11 -6.03 -2.15 2.87
N VAL A 12 -5.59 -1.19 2.06
CA VAL A 12 -4.38 -0.42 2.35
C VAL A 12 -4.71 0.86 3.12
N ILE A 13 -4.04 1.05 4.25
CA ILE A 13 -4.25 2.24 5.06
C ILE A 13 -2.93 2.92 5.41
N LEU A 14 -2.97 4.23 5.57
CA LEU A 14 -1.78 5.00 5.91
C LEU A 14 -1.89 5.59 7.31
N ALA A 15 -0.78 5.56 8.04
CA ALA A 15 -0.75 6.10 9.40
C ALA A 15 0.24 7.25 9.52
N LYS A 16 -0.22 8.37 10.06
CA LYS A 16 0.63 9.55 10.22
C LYS A 16 0.64 10.00 11.68
N ASN A 17 1.60 10.87 12.01
CA ASN A 17 1.72 11.38 13.37
C ASN A 17 2.22 10.30 14.32
N LEU A 18 3.28 9.61 13.93
CA LEU A 18 3.85 8.55 14.74
C LEU A 18 5.20 8.98 15.33
N PRO A 19 5.37 8.74 16.63
CA PRO A 19 6.60 9.10 17.35
C PRO A 19 7.78 8.22 16.93
N ALA A 20 8.94 8.84 16.77
CA ALA A 20 10.14 8.12 16.37
C ALA A 20 10.25 6.80 17.13
N GLY A 21 9.72 6.77 18.35
CA GLY A 21 9.77 5.56 19.15
C GLY A 21 9.15 4.37 18.45
N THR A 22 8.03 4.60 17.78
CA THR A 22 7.33 3.53 17.07
C THR A 22 8.31 2.67 16.28
N LEU A 23 7.87 1.47 15.94
CA LEU A 23 8.72 0.54 15.18
C LEU A 23 7.86 -0.33 14.26
N ALA A 24 8.42 -0.68 13.10
CA ALA A 24 7.72 -1.51 12.13
C ALA A 24 6.97 -2.64 12.82
N ALA A 25 7.65 -3.31 13.75
CA ALA A 25 7.05 -4.41 14.49
C ALA A 25 5.89 -3.93 15.36
N GLU A 26 6.13 -2.85 16.10
CA GLU A 26 5.10 -2.29 16.98
C GLU A 26 3.77 -2.17 16.25
N ILE A 27 3.79 -1.48 15.10
CA ILE A 27 2.59 -1.28 14.31
C ILE A 27 2.00 -2.62 13.88
N GLN A 28 2.77 -3.40 13.13
CA GLN A 28 2.31 -4.70 12.67
C GLN A 28 1.50 -5.42 13.74
N GLU A 29 2.05 -5.47 14.95
CA GLU A 29 1.38 -6.13 16.06
C GLU A 29 0.16 -5.33 16.51
N THR A 30 0.37 -4.03 16.73
CA THR A 30 -0.71 -3.15 17.16
C THR A 30 -1.98 -3.40 16.35
N PHE A 31 -1.84 -3.38 15.04
CA PHE A 31 -2.98 -3.59 14.14
C PHE A 31 -3.32 -5.08 14.04
N SER A 32 -2.29 -5.91 13.95
CA SER A 32 -2.49 -7.36 13.85
C SER A 32 -3.51 -7.84 14.87
N ARG A 33 -3.39 -7.35 16.10
CA ARG A 33 -4.31 -7.73 17.17
C ARG A 33 -5.74 -7.84 16.64
N PHE A 34 -6.16 -6.85 15.87
CA PHE A 34 -7.50 -6.82 15.31
C PHE A 34 -7.69 -7.97 14.32
N GLY A 35 -6.69 -8.16 13.46
CA GLY A 35 -6.77 -9.22 12.46
C GLY A 35 -5.47 -9.38 11.69
N SER A 36 -5.26 -10.56 11.12
CA SER A 36 -4.06 -10.84 10.35
C SER A 36 -3.73 -9.68 9.42
N LEU A 37 -2.44 -9.39 9.30
CA LEU A 37 -1.98 -8.30 8.43
C LEU A 37 -1.22 -8.84 7.23
N GLY A 38 -1.16 -8.05 6.17
CA GLY A 38 -0.45 -8.46 4.97
C GLY A 38 0.95 -7.90 4.91
N ARG A 39 1.09 -6.71 4.34
CA ARG A 39 2.39 -6.07 4.21
C ARG A 39 2.49 -4.85 5.12
N VAL A 40 3.64 -4.69 5.78
CA VAL A 40 3.87 -3.57 6.69
C VAL A 40 5.17 -2.86 6.36
N LEU A 41 5.05 -1.68 5.76
CA LEU A 41 6.23 -0.88 5.40
C LEU A 41 6.28 0.41 6.19
N LEU A 42 7.28 0.52 7.07
CA LEU A 42 7.44 1.71 7.89
C LEU A 42 8.90 2.18 7.89
N PRO A 43 9.19 3.18 7.04
CA PRO A 43 10.55 3.75 6.93
C PRO A 43 10.95 4.54 8.17
N GLU A 44 12.25 4.53 8.47
CA GLU A 44 12.77 5.24 9.63
C GLU A 44 12.80 6.74 9.38
N GLY A 45 13.13 7.12 8.14
CA GLY A 45 13.19 8.52 7.79
C GLY A 45 11.87 9.23 7.97
N GLY A 46 10.77 8.52 7.68
CA GLY A 46 9.46 9.10 7.83
C GLY A 46 8.59 8.36 8.82
N ILE A 47 8.14 9.05 9.86
CA ILE A 47 7.30 8.43 10.87
C ILE A 47 6.13 7.67 10.25
N THR A 48 5.65 8.18 9.11
CA THR A 48 4.54 7.54 8.41
C THR A 48 4.74 6.03 8.31
N ALA A 49 3.69 5.28 8.61
CA ALA A 49 3.75 3.82 8.55
C ALA A 49 2.67 3.27 7.62
N ILE A 50 3.10 2.51 6.61
CA ILE A 50 2.16 1.92 5.65
C ILE A 50 1.77 0.51 6.07
N VAL A 51 0.48 0.24 6.06
CA VAL A 51 -0.03 -1.08 6.44
C VAL A 51 -1.08 -1.56 5.46
N GLU A 52 -0.85 -2.74 4.88
CA GLU A 52 -1.79 -3.31 3.92
C GLU A 52 -2.51 -4.53 4.50
N PHE A 53 -3.68 -4.28 5.07
CA PHE A 53 -4.47 -5.35 5.68
C PHE A 53 -4.78 -6.44 4.66
N LEU A 54 -4.88 -7.68 5.13
CA LEU A 54 -5.18 -8.81 4.26
C LEU A 54 -6.66 -8.85 3.90
N GLU A 55 -7.50 -8.46 4.85
CA GLU A 55 -8.94 -8.44 4.63
C GLU A 55 -9.47 -7.01 4.60
N PRO A 56 -10.39 -6.73 3.67
CA PRO A 56 -11.01 -5.41 3.51
C PRO A 56 -11.94 -5.07 4.67
N LEU A 57 -12.85 -5.98 4.98
CA LEU A 57 -13.80 -5.77 6.06
C LEU A 57 -13.08 -5.57 7.40
N GLU A 58 -12.05 -6.37 7.63
CA GLU A 58 -11.27 -6.29 8.85
C GLU A 58 -10.61 -4.92 8.98
N ALA A 59 -9.95 -4.49 7.91
CA ALA A 59 -9.27 -3.20 7.89
C ALA A 59 -10.21 -2.08 8.30
N ARG A 60 -11.39 -2.05 7.68
CA ARG A 60 -12.39 -1.03 7.99
C ARG A 60 -12.72 -1.00 9.47
N LYS A 61 -13.02 -2.16 10.04
CA LYS A 61 -13.35 -2.27 11.45
C LYS A 61 -12.27 -1.62 12.31
N ALA A 62 -11.04 -2.11 12.18
CA ALA A 62 -9.93 -1.58 12.95
C ALA A 62 -9.78 -0.08 12.73
N PHE A 63 -9.79 0.33 11.47
CA PHE A 63 -9.66 1.75 11.13
C PHE A 63 -10.59 2.60 11.99
N ARG A 64 -11.85 2.20 12.06
CA ARG A 64 -12.84 2.94 12.84
C ARG A 64 -12.42 3.03 14.30
N HIS A 65 -12.19 1.87 14.92
CA HIS A 65 -11.78 1.83 16.32
C HIS A 65 -10.53 2.67 16.54
N LEU A 66 -9.44 2.29 15.90
CA LEU A 66 -8.18 3.01 16.03
C LEU A 66 -8.38 4.51 15.79
N ALA A 67 -9.11 4.82 14.73
CA ALA A 67 -9.38 6.22 14.38
C ALA A 67 -9.70 7.04 15.63
N TYR A 68 -9.17 8.26 15.69
CA TYR A 68 -9.40 9.14 16.82
C TYR A 68 -8.84 8.53 18.11
N SER A 69 -7.61 8.03 18.03
CA SER A 69 -6.96 7.42 19.19
C SER A 69 -5.51 7.89 19.32
N LYS A 70 -4.82 7.38 20.33
CA LYS A 70 -3.42 7.74 20.55
C LYS A 70 -2.55 6.50 20.71
N PHE A 71 -1.41 6.50 20.03
CA PHE A 71 -0.49 5.37 20.08
C PHE A 71 0.33 5.41 21.37
N HIS A 72 1.10 6.48 21.55
CA HIS A 72 1.93 6.63 22.74
C HIS A 72 1.62 7.93 23.46
N HIS A 73 2.09 9.05 22.90
CA HIS A 73 1.86 10.36 23.49
C HIS A 73 1.25 11.31 22.47
N VAL A 74 1.31 10.93 21.19
CA VAL A 74 0.77 11.74 20.12
C VAL A 74 -0.44 11.07 19.48
N PRO A 75 -1.35 11.89 18.92
CA PRO A 75 -2.57 11.41 18.27
C PRO A 75 -2.26 10.68 16.96
N LEU A 76 -2.95 9.57 16.73
CA LEU A 76 -2.77 8.79 15.52
C LEU A 76 -3.68 9.28 14.40
N TYR A 77 -3.10 9.55 13.23
CA TYR A 77 -3.88 10.02 12.09
C TYR A 77 -3.91 8.96 10.99
N LEU A 78 -5.03 8.24 10.91
CA LEU A 78 -5.19 7.21 9.89
C LEU A 78 -5.88 7.76 8.64
N GLU A 79 -5.29 7.51 7.48
CA GLU A 79 -5.85 7.98 6.22
C GLU A 79 -5.82 6.88 5.16
N TRP A 80 -6.94 6.68 4.50
CA TRP A 80 -7.06 5.66 3.47
C TRP A 80 -5.94 5.80 2.43
N ALA A 81 -5.38 4.68 2.02
CA ALA A 81 -4.30 4.68 1.04
C ALA A 81 -4.85 4.67 -0.38
N PRO A 82 -4.19 5.41 -1.28
CA PRO A 82 -4.60 5.50 -2.68
C PRO A 82 -4.38 4.20 -3.45
N ILE A 83 -4.65 4.22 -4.75
CA ILE A 83 -4.47 3.03 -5.58
C ILE A 83 -3.07 3.00 -6.19
N GLY A 84 -2.39 4.14 -6.18
CA GLY A 84 -1.05 4.21 -6.73
C GLY A 84 0.01 3.83 -5.70
N VAL A 85 -0.32 3.99 -4.43
CA VAL A 85 0.61 3.66 -3.35
C VAL A 85 1.39 2.39 -3.67
N PHE A 86 0.70 1.39 -4.21
CA PHE A 86 1.33 0.12 -4.56
C PHE A 86 1.69 0.09 -6.04
N GLY A 87 0.74 0.47 -6.89
CA GLY A 87 0.97 0.48 -8.32
C GLY A 87 0.90 -0.91 -8.93
N ALA A 88 1.17 -1.01 -10.23
CA ALA A 88 1.13 -2.29 -10.92
C ALA A 88 2.32 -2.44 -11.85
N ALA A 89 2.53 -3.67 -12.34
CA ALA A 89 3.64 -3.95 -13.24
C ALA A 89 3.14 -4.27 -14.64
N PRO A 90 3.88 -3.78 -15.66
CA PRO A 90 3.53 -4.01 -17.06
C PRO A 90 3.72 -5.46 -17.48
N GLN A 91 3.58 -5.72 -18.78
CA GLN A 91 3.73 -7.08 -19.30
C GLN A 91 4.74 -7.09 -20.45
N LYS A 92 5.84 -6.37 -20.27
CA LYS A 92 6.88 -6.30 -21.30
C LYS A 92 7.29 -7.70 -21.74
N LYS A 93 7.42 -8.61 -20.79
CA LYS A 93 7.79 -9.99 -21.09
C LYS A 93 7.11 -10.48 -22.36
N ASP A 94 5.82 -10.17 -22.49
CA ASP A 94 5.06 -10.58 -23.67
C ASP A 94 5.87 -10.36 -24.94
N SER A 95 6.53 -9.21 -25.02
CA SER A 95 7.34 -8.88 -26.20
C SER A 95 8.17 -10.07 -26.65
N GLN A 96 8.72 -10.80 -25.68
CA GLN A 96 9.54 -11.97 -25.97
C GLN A 96 8.96 -12.76 -27.13
N HIS A 97 7.65 -12.93 -27.12
CA HIS A 97 6.97 -13.68 -28.18
C HIS A 97 7.62 -13.41 -29.53
N GLU A 98 7.94 -12.16 -29.80
CA GLU A 98 8.57 -11.77 -31.05
C GLU A 98 9.60 -12.82 -31.49
N GLN A 99 9.79 -12.95 -32.79
CA GLN A 99 10.75 -13.91 -33.34
C GLN A 99 11.97 -13.19 -33.88
N PRO A 100 13.11 -13.92 -33.94
CA PRO A 100 14.37 -13.38 -34.45
C PRO A 100 14.33 -13.13 -35.96
N ALA A 101 14.78 -11.94 -36.36
CA ALA A 101 14.80 -11.59 -37.77
C ALA A 101 16.18 -11.81 -38.38
N GLU A 102 17.21 -11.40 -37.64
CA GLU A 102 18.59 -11.56 -38.11
C GLU A 102 18.77 -12.88 -38.84
N LYS A 103 18.21 -13.95 -38.25
CA LYS A 103 18.31 -15.28 -38.85
C LYS A 103 18.16 -15.22 -40.36
N ALA A 104 17.16 -14.49 -40.83
CA ALA A 104 16.91 -14.34 -42.26
C ALA A 104 18.13 -13.76 -42.97
N GLU A 105 18.68 -12.70 -42.39
CA GLU A 105 19.85 -12.03 -42.97
C GLU A 105 20.90 -13.06 -43.39
N SER A 106 21.10 -14.07 -42.55
CA SER A 106 22.08 -15.12 -42.83
C SER A 106 22.15 -15.40 -44.33
N GLY A 107 21.04 -15.89 -44.88
CA GLY A 107 21.00 -16.19 -46.29
C GLY A 107 22.31 -16.74 -46.81
N PRO A 108 22.50 -18.06 -46.70
CA PRO A 108 23.71 -18.73 -47.16
C PRO A 108 23.84 -18.75 -48.68
N SER A 109 25.06 -18.55 -49.16
CA SER A 109 25.31 -18.53 -50.61
C SER A 109 25.95 -19.85 -51.05
N SER A 110 27.07 -20.20 -50.44
CA SER A 110 27.77 -21.43 -50.77
C SER A 110 27.02 -22.66 -50.26
N GLY A 111 27.33 -23.82 -50.82
CA GLY A 111 26.67 -25.05 -50.41
C GLY A 111 27.00 -26.21 -51.33
#